data_1DPU
#
_entry.id   1DPU
#
_cell.length_a   1.000
_cell.length_b   1.000
_cell.length_c   1.000
_cell.angle_alpha   90.00
_cell.angle_beta   90.00
_cell.angle_gamma   90.00
#
_symmetry.space_group_name_H-M   'P 1'
#
loop_
_entity.id
_entity.type
_entity.pdbx_description
1 polymer 'REPLICATION PROTEIN A (RPA32) C-TERMINAL DOMAIN'
2 polymer 'URACIL DNA GLYCOSYLASE (UNG2)'
#
loop_
_entity_poly.entity_id
_entity_poly.type
_entity_poly.pdbx_seq_one_letter_code
_entity_poly.pdbx_strand_id
1 'polypeptide(L)'
;ANSQPSAGRAPISNPGMSEAGNFGGNSFMPANGLTVAQNQVLNLIKACPRPEGLNFQDLKNQLKHMSVSSIKQAVDFLSN
EGHIYSTVDDDHFKSTDAE
;
A
2 'polypeptide(L)' RIQRNKAAALLRLAAR B
#
# COMPACT_ATOMS: atom_id res chain seq x y z
N ALA A 31 -7.34 7.78 16.43
CA ALA A 31 -6.46 6.65 16.16
C ALA A 31 -6.42 6.30 14.66
N ASN A 32 -7.58 6.27 14.01
CA ASN A 32 -7.67 5.99 12.58
C ASN A 32 -7.37 7.29 11.82
N GLY A 33 -6.13 7.74 11.88
CA GLY A 33 -5.65 8.90 11.13
C GLY A 33 -5.47 8.56 9.65
N LEU A 34 -6.49 7.95 9.05
CA LEU A 34 -6.58 7.45 7.71
C LEU A 34 -8.02 7.75 7.27
N THR A 35 -8.29 7.82 5.96
CA THR A 35 -9.63 8.01 5.46
C THR A 35 -10.19 6.67 5.00
N VAL A 36 -11.49 6.44 5.19
CA VAL A 36 -12.19 5.20 4.91
C VAL A 36 -11.81 4.59 3.54
N ALA A 37 -11.65 5.42 2.51
CA ALA A 37 -11.19 4.95 1.20
C ALA A 37 -9.76 4.40 1.26
N GLN A 38 -8.85 5.11 1.93
CA GLN A 38 -7.47 4.67 2.04
C GLN A 38 -7.38 3.43 2.93
N ASN A 39 -8.14 3.41 4.04
CA ASN A 39 -8.34 2.21 4.86
C ASN A 39 -8.74 1.05 3.97
N GLN A 40 -9.80 1.22 3.17
CA GLN A 40 -10.27 0.22 2.22
C GLN A 40 -9.15 -0.23 1.28
N VAL A 41 -8.51 0.69 0.56
CA VAL A 41 -7.41 0.34 -0.34
C VAL A 41 -6.36 -0.50 0.39
N LEU A 42 -5.89 -0.02 1.53
CA LEU A 42 -4.93 -0.72 2.38
C LEU A 42 -5.44 -2.13 2.70
N ASN A 43 -6.69 -2.23 3.15
CA ASN A 43 -7.34 -3.50 3.47
C ASN A 43 -7.31 -4.44 2.28
N LEU A 44 -7.71 -3.97 1.09
CA LEU A 44 -7.60 -4.77 -0.13
C LEU A 44 -6.15 -5.23 -0.33
N ILE A 45 -5.19 -4.30 -0.32
CA ILE A 45 -3.78 -4.63 -0.54
C ILE A 45 -3.32 -5.72 0.45
N LYS A 46 -3.64 -5.57 1.73
CA LYS A 46 -3.18 -6.50 2.76
C LYS A 46 -3.91 -7.84 2.69
N ALA A 47 -5.22 -7.82 2.43
CA ALA A 47 -6.08 -8.99 2.55
C ALA A 47 -6.09 -9.84 1.29
N CYS A 48 -5.99 -9.22 0.10
CA CYS A 48 -6.20 -9.93 -1.16
C CYS A 48 -5.28 -11.16 -1.28
N PRO A 49 -5.81 -12.39 -1.37
CA PRO A 49 -5.02 -13.60 -1.30
C PRO A 49 -4.33 -13.88 -2.64
N ARG A 50 -3.38 -13.03 -3.02
CA ARG A 50 -2.53 -13.19 -4.20
C ARG A 50 -1.07 -13.12 -3.72
N PRO A 51 -0.20 -14.07 -4.11
CA PRO A 51 1.23 -13.96 -3.85
C PRO A 51 1.76 -12.61 -4.34
N GLU A 52 1.36 -12.20 -5.55
CA GLU A 52 1.74 -10.94 -6.17
C GLU A 52 1.02 -9.74 -5.52
N GLY A 53 0.93 -9.69 -4.19
CA GLY A 53 0.39 -8.54 -3.48
C GLY A 53 -0.94 -8.10 -4.06
N LEU A 54 -1.03 -6.81 -4.39
CA LEU A 54 -2.14 -6.29 -5.17
C LEU A 54 -1.57 -5.24 -6.10
N ASN A 55 -1.22 -5.64 -7.32
CA ASN A 55 -0.63 -4.75 -8.29
C ASN A 55 -1.60 -3.58 -8.53
N PHE A 56 -1.08 -2.37 -8.77
CA PHE A 56 -1.87 -1.18 -9.10
C PHE A 56 -3.01 -1.53 -10.09
N GLN A 57 -2.70 -2.28 -11.14
CA GLN A 57 -3.71 -2.62 -12.13
C GLN A 57 -4.81 -3.52 -11.54
N ASP A 58 -4.46 -4.50 -10.69
CA ASP A 58 -5.43 -5.35 -10.03
C ASP A 58 -6.27 -4.50 -9.09
N LEU A 59 -5.59 -3.69 -8.28
CA LEU A 59 -6.15 -2.72 -7.36
C LEU A 59 -7.23 -1.90 -8.07
N LYS A 60 -6.87 -1.21 -9.17
CA LYS A 60 -7.83 -0.37 -9.88
C LYS A 60 -8.94 -1.21 -10.51
N ASN A 61 -8.61 -2.39 -11.07
CA ASN A 61 -9.63 -3.27 -11.61
C ASN A 61 -10.67 -3.66 -10.55
N GLN A 62 -10.23 -3.93 -9.32
CA GLN A 62 -11.17 -4.16 -8.22
C GLN A 62 -11.92 -2.86 -7.94
N LEU A 63 -11.20 -1.83 -7.50
CA LEU A 63 -11.80 -0.59 -7.04
C LEU A 63 -11.98 0.36 -8.21
N LYS A 64 -12.81 -0.04 -9.17
CA LYS A 64 -13.05 0.69 -10.42
C LYS A 64 -13.38 2.17 -10.19
N HIS A 65 -14.09 2.47 -9.10
CA HIS A 65 -14.51 3.82 -8.76
C HIS A 65 -13.32 4.70 -8.37
N MET A 66 -12.23 4.10 -7.89
CA MET A 66 -11.13 4.81 -7.29
C MET A 66 -10.14 5.18 -8.41
N SER A 67 -10.29 6.38 -8.95
CA SER A 67 -9.54 6.88 -10.08
C SER A 67 -8.02 6.74 -9.91
N VAL A 68 -7.30 6.53 -11.01
CA VAL A 68 -5.86 6.23 -11.00
C VAL A 68 -5.11 7.26 -10.17
N SER A 69 -5.32 8.56 -10.42
CA SER A 69 -4.71 9.64 -9.68
C SER A 69 -4.96 9.49 -8.17
N SER A 70 -6.23 9.30 -7.80
CA SER A 70 -6.64 9.10 -6.42
C SER A 70 -5.92 7.89 -5.81
N ILE A 71 -5.81 6.79 -6.54
CA ILE A 71 -5.01 5.65 -6.09
C ILE A 71 -3.54 6.03 -5.98
N LYS A 72 -2.97 6.80 -6.91
CA LYS A 72 -1.57 7.20 -6.81
C LYS A 72 -1.34 8.00 -5.52
N GLN A 73 -2.24 8.94 -5.25
CA GLN A 73 -2.25 9.73 -4.02
C GLN A 73 -2.34 8.78 -2.80
N ALA A 74 -3.30 7.86 -2.82
CA ALA A 74 -3.47 6.87 -1.75
C ALA A 74 -2.19 6.06 -1.54
N VAL A 75 -1.60 5.57 -2.63
CA VAL A 75 -0.35 4.83 -2.64
C VAL A 75 0.73 5.67 -1.97
N ASP A 76 0.91 6.92 -2.42
CA ASP A 76 1.88 7.83 -1.82
C ASP A 76 1.64 7.93 -0.32
N PHE A 77 0.42 8.26 0.09
CA PHE A 77 0.07 8.41 1.50
C PHE A 77 0.42 7.14 2.27
N LEU A 78 -0.19 6.01 1.91
CA LEU A 78 0.02 4.73 2.58
C LEU A 78 1.49 4.34 2.61
N SER A 79 2.26 4.66 1.55
CA SER A 79 3.70 4.47 1.54
C SER A 79 4.33 5.36 2.62
N ASN A 80 4.01 6.65 2.65
CA ASN A 80 4.56 7.59 3.63
C ASN A 80 4.22 7.16 5.06
N GLU A 81 3.00 6.63 5.28
CA GLU A 81 2.58 6.05 6.55
C GLU A 81 3.29 4.73 6.87
N GLY A 82 4.12 4.22 5.96
CA GLY A 82 4.80 2.95 6.15
C GLY A 82 3.81 1.80 6.25
N HIS A 83 2.65 1.93 5.61
CA HIS A 83 1.62 0.89 5.64
C HIS A 83 1.88 -0.09 4.49
N ILE A 84 1.89 0.43 3.26
CA ILE A 84 2.24 -0.38 2.09
C ILE A 84 3.67 -0.13 1.68
N TYR A 85 4.21 -1.04 0.86
CA TYR A 85 5.48 -0.87 0.19
C TYR A 85 5.40 -1.60 -1.14
N SER A 86 6.25 -1.18 -2.07
CA SER A 86 6.38 -1.76 -3.38
C SER A 86 7.38 -2.89 -3.29
N THR A 87 7.19 -3.95 -4.09
CA THR A 87 7.98 -5.17 -3.96
C THR A 87 8.68 -5.49 -5.27
N VAL A 88 8.10 -6.36 -6.10
CA VAL A 88 8.76 -6.87 -7.29
C VAL A 88 8.88 -5.78 -8.37
N ASP A 89 7.97 -4.79 -8.32
CA ASP A 89 7.92 -3.65 -9.22
C ASP A 89 7.38 -2.47 -8.44
N ASP A 90 7.74 -1.26 -8.85
CA ASP A 90 7.28 0.01 -8.29
C ASP A 90 5.78 -0.01 -8.02
N ASP A 91 4.98 -0.48 -8.98
CA ASP A 91 3.53 -0.44 -8.94
C ASP A 91 2.94 -1.74 -8.36
N HIS A 92 3.76 -2.60 -7.75
CA HIS A 92 3.34 -3.88 -7.20
C HIS A 92 3.46 -3.85 -5.68
N PHE A 93 2.36 -3.49 -5.00
CA PHE A 93 2.36 -3.22 -3.57
C PHE A 93 1.93 -4.41 -2.71
N LYS A 94 2.47 -4.43 -1.48
CA LYS A 94 2.06 -5.30 -0.39
C LYS A 94 2.01 -4.44 0.88
N SER A 95 1.30 -4.91 1.92
CA SER A 95 1.26 -4.24 3.22
C SER A 95 2.42 -4.79 4.05
N THR A 96 3.13 -3.93 4.79
CA THR A 96 4.22 -4.39 5.64
C THR A 96 3.62 -5.22 6.79
N ASP A 97 2.67 -4.62 7.50
CA ASP A 97 1.87 -5.25 8.55
C ASP A 97 0.84 -4.22 9.02
N ALA A 98 0.05 -3.67 8.09
CA ALA A 98 -0.94 -2.64 8.39
C ALA A 98 -2.30 -3.08 7.86
N GLU A 99 -3.32 -3.04 8.72
CA GLU A 99 -4.67 -3.51 8.41
C GLU A 99 -5.38 -2.52 7.47
N ARG B 1 16.33 1.25 -7.14
CA ARG B 1 14.96 1.67 -6.82
C ARG B 1 14.41 0.82 -5.67
N ILE B 2 14.04 -0.44 -5.97
CA ILE B 2 13.70 -1.41 -4.94
C ILE B 2 14.97 -1.78 -4.19
N GLN B 3 14.93 -1.69 -2.86
CA GLN B 3 15.98 -2.18 -1.98
C GLN B 3 15.31 -2.63 -0.67
N ARG B 4 15.62 -2.04 0.48
CA ARG B 4 15.10 -2.48 1.78
C ARG B 4 13.69 -1.92 2.02
N ASN B 5 12.81 -2.08 1.03
CA ASN B 5 11.49 -1.43 0.99
C ASN B 5 10.67 -1.74 2.25
N LYS B 6 10.60 -3.01 2.63
CA LYS B 6 9.86 -3.40 3.83
C LYS B 6 10.44 -2.70 5.06
N ALA B 7 11.77 -2.70 5.21
CA ALA B 7 12.43 -2.06 6.34
C ALA B 7 12.12 -0.58 6.36
N ALA B 8 12.20 0.09 5.19
CA ALA B 8 11.83 1.48 5.06
C ALA B 8 10.40 1.70 5.56
N ALA B 9 9.45 0.87 5.10
CA ALA B 9 8.07 0.96 5.57
C ALA B 9 7.98 0.80 7.09
N LEU B 10 8.60 -0.24 7.65
CA LEU B 10 8.61 -0.44 9.10
C LEU B 10 9.19 0.80 9.80
N LEU B 11 10.29 1.35 9.30
CA LEU B 11 10.91 2.53 9.88
C LEU B 11 9.93 3.71 9.85
N ARG B 12 9.33 4.01 8.69
CA ARG B 12 8.32 5.05 8.54
C ARG B 12 7.19 4.86 9.55
N LEU B 13 6.67 3.63 9.65
CA LEU B 13 5.58 3.30 10.56
C LEU B 13 6.00 3.56 12.01
N ALA B 14 7.17 3.04 12.39
CA ALA B 14 7.70 3.14 13.75
C ALA B 14 8.00 4.59 14.14
N ALA B 15 8.59 5.36 13.23
CA ALA B 15 9.04 6.73 13.49
C ALA B 15 7.87 7.72 13.48
N ARG B 16 6.84 7.45 14.30
CA ARG B 16 5.66 8.25 14.46
C ARG B 16 5.21 8.20 15.93
N ALA A 31 -11.54 6.18 16.25
CA ALA A 31 -10.84 7.05 15.33
C ALA A 31 -10.64 6.26 14.03
N ASN A 32 -10.61 6.97 12.90
CA ASN A 32 -10.51 6.35 11.58
C ASN A 32 -9.05 6.07 11.20
N GLY A 33 -8.11 6.83 11.75
CA GLY A 33 -6.69 6.72 11.45
C GLY A 33 -6.38 7.35 10.10
N LEU A 34 -6.87 6.70 9.04
CA LEU A 34 -6.68 7.04 7.64
C LEU A 34 -8.06 7.36 7.07
N THR A 35 -8.16 8.12 5.97
CA THR A 35 -9.47 8.32 5.36
C THR A 35 -10.01 6.97 4.87
N VAL A 36 -11.33 6.84 4.87
CA VAL A 36 -12.02 5.57 4.65
C VAL A 36 -11.58 4.90 3.35
N ALA A 37 -11.38 5.67 2.28
CA ALA A 37 -10.85 5.16 1.03
C ALA A 37 -9.42 4.64 1.19
N GLN A 38 -8.55 5.41 1.88
CA GLN A 38 -7.18 5.00 2.10
C GLN A 38 -7.16 3.70 2.90
N ASN A 39 -7.96 3.66 3.98
CA ASN A 39 -8.10 2.48 4.83
C ASN A 39 -8.56 1.28 4.01
N GLN A 40 -9.59 1.46 3.16
CA GLN A 40 -10.06 0.43 2.25
C GLN A 40 -8.95 -0.06 1.32
N VAL A 41 -8.30 0.85 0.59
CA VAL A 41 -7.20 0.50 -0.32
C VAL A 41 -6.13 -0.30 0.44
N LEU A 42 -5.69 0.24 1.57
CA LEU A 42 -4.77 -0.43 2.48
C LEU A 42 -5.30 -1.84 2.81
N ASN A 43 -6.57 -1.95 3.20
CA ASN A 43 -7.19 -3.21 3.55
C ASN A 43 -7.13 -4.21 2.39
N LEU A 44 -7.42 -3.78 1.16
CA LEU A 44 -7.19 -4.62 -0.01
C LEU A 44 -5.71 -5.05 -0.05
N ILE A 45 -4.79 -4.09 0.06
CA ILE A 45 -3.36 -4.38 0.01
C ILE A 45 -2.93 -5.34 1.15
N LYS A 46 -3.58 -5.29 2.33
CA LYS A 46 -3.36 -6.29 3.37
C LYS A 46 -3.89 -7.65 2.93
N ALA A 47 -5.15 -7.68 2.49
CA ALA A 47 -5.86 -8.89 2.10
C ALA A 47 -5.18 -9.62 0.95
N CYS A 48 -4.42 -8.90 0.12
CA CYS A 48 -3.69 -9.38 -1.04
C CYS A 48 -3.27 -10.85 -0.98
N PRO A 49 -3.99 -11.76 -1.66
CA PRO A 49 -3.61 -13.17 -1.72
C PRO A 49 -2.42 -13.37 -2.67
N ARG A 50 -2.31 -12.53 -3.70
CA ARG A 50 -1.31 -12.63 -4.76
C ARG A 50 0.10 -12.59 -4.16
N PRO A 51 0.89 -13.69 -4.19
CA PRO A 51 2.22 -13.74 -3.59
C PRO A 51 3.15 -12.61 -4.03
N GLU A 52 3.15 -12.29 -5.33
CA GLU A 52 3.97 -11.21 -5.86
C GLU A 52 3.60 -9.85 -5.27
N GLY A 53 2.38 -9.72 -4.74
CA GLY A 53 1.84 -8.49 -4.21
C GLY A 53 0.72 -7.98 -5.09
N LEU A 54 -0.03 -6.99 -4.59
CA LEU A 54 -1.25 -6.53 -5.23
C LEU A 54 -0.82 -5.49 -6.24
N ASN A 55 -1.01 -5.79 -7.53
CA ASN A 55 -0.59 -4.86 -8.56
C ASN A 55 -1.51 -3.65 -8.51
N PHE A 56 -1.01 -2.50 -8.96
CA PHE A 56 -1.83 -1.32 -9.17
C PHE A 56 -2.97 -1.68 -10.12
N GLN A 57 -2.67 -2.42 -11.20
CA GLN A 57 -3.69 -2.90 -12.11
C GLN A 57 -4.73 -3.77 -11.38
N ASP A 58 -4.32 -4.60 -10.42
CA ASP A 58 -5.28 -5.39 -9.65
C ASP A 58 -6.16 -4.43 -8.84
N LEU A 59 -5.50 -3.48 -8.17
CA LEU A 59 -6.16 -2.44 -7.38
C LEU A 59 -7.26 -1.79 -8.19
N LYS A 60 -6.93 -1.24 -9.37
CA LYS A 60 -7.90 -0.53 -10.20
C LYS A 60 -8.95 -1.50 -10.73
N ASN A 61 -8.56 -2.70 -11.18
CA ASN A 61 -9.52 -3.68 -11.67
C ASN A 61 -10.51 -4.09 -10.59
N GLN A 62 -10.07 -4.17 -9.33
CA GLN A 62 -10.97 -4.45 -8.22
C GLN A 62 -11.83 -3.22 -7.97
N LEU A 63 -11.21 -2.08 -7.62
CA LEU A 63 -11.94 -0.86 -7.33
C LEU A 63 -12.14 -0.07 -8.62
N LYS A 64 -12.93 -0.63 -9.54
CA LYS A 64 -13.19 -0.06 -10.87
C LYS A 64 -13.61 1.42 -10.81
N HIS A 65 -14.37 1.78 -9.78
CA HIS A 65 -14.89 3.12 -9.58
C HIS A 65 -13.81 4.14 -9.18
N MET A 66 -12.64 3.68 -8.71
CA MET A 66 -11.65 4.55 -8.09
C MET A 66 -10.68 5.13 -9.14
N SER A 67 -10.39 6.42 -9.01
CA SER A 67 -9.53 7.16 -9.92
C SER A 67 -8.07 6.74 -9.71
N VAL A 68 -7.35 6.49 -10.81
CA VAL A 68 -5.94 6.08 -10.76
C VAL A 68 -5.13 7.10 -9.96
N SER A 69 -5.37 8.40 -10.20
CA SER A 69 -4.75 9.49 -9.47
C SER A 69 -4.96 9.33 -7.97
N SER A 70 -6.22 9.24 -7.55
CA SER A 70 -6.61 9.01 -6.17
C SER A 70 -5.88 7.80 -5.58
N ILE A 71 -5.88 6.66 -6.30
CA ILE A 71 -5.14 5.49 -5.85
C ILE A 71 -3.64 5.77 -5.76
N LYS A 72 -3.05 6.52 -6.69
CA LYS A 72 -1.63 6.84 -6.64
C LYS A 72 -1.33 7.64 -5.37
N GLN A 73 -2.15 8.65 -5.09
CA GLN A 73 -2.07 9.44 -3.87
C GLN A 73 -2.20 8.53 -2.65
N ALA A 74 -3.20 7.65 -2.63
CA ALA A 74 -3.37 6.69 -1.55
C ALA A 74 -2.09 5.86 -1.36
N VAL A 75 -1.62 5.20 -2.42
CA VAL A 75 -0.39 4.41 -2.43
C VAL A 75 0.76 5.24 -1.84
N ASP A 76 1.00 6.43 -2.37
CA ASP A 76 2.06 7.32 -1.89
C ASP A 76 1.91 7.56 -0.39
N PHE A 77 0.74 8.04 0.04
CA PHE A 77 0.47 8.31 1.44
C PHE A 77 0.76 7.08 2.29
N LEU A 78 0.08 5.97 2.01
CA LEU A 78 0.24 4.72 2.75
C LEU A 78 1.71 4.29 2.80
N SER A 79 2.44 4.47 1.70
CA SER A 79 3.86 4.18 1.67
C SER A 79 4.62 5.12 2.62
N ASN A 80 4.33 6.42 2.57
CA ASN A 80 4.97 7.40 3.46
C ASN A 80 4.71 7.04 4.92
N GLU A 81 3.47 6.66 5.26
CA GLU A 81 3.14 6.19 6.60
C GLU A 81 3.72 4.79 6.91
N GLY A 82 4.43 4.18 5.96
CA GLY A 82 5.06 2.89 6.15
C GLY A 82 4.05 1.76 6.28
N HIS A 83 2.82 1.95 5.81
CA HIS A 83 1.78 0.94 5.92
C HIS A 83 1.93 -0.11 4.82
N ILE A 84 2.22 0.36 3.60
CA ILE A 84 2.46 -0.49 2.44
C ILE A 84 3.91 -0.41 2.00
N TYR A 85 4.39 -1.50 1.39
CA TYR A 85 5.68 -1.60 0.75
C TYR A 85 5.48 -2.37 -0.55
N SER A 86 6.48 -2.36 -1.41
CA SER A 86 6.44 -2.92 -2.76
C SER A 86 7.33 -4.16 -2.87
N THR A 87 7.41 -4.75 -4.07
CA THR A 87 8.25 -5.92 -4.31
C THR A 87 9.09 -5.73 -5.59
N VAL A 88 8.54 -6.16 -6.74
CA VAL A 88 9.26 -6.25 -7.99
C VAL A 88 9.35 -4.88 -8.69
N ASP A 89 8.32 -4.05 -8.50
CA ASP A 89 8.26 -2.69 -9.00
C ASP A 89 7.32 -1.91 -8.07
N ASP A 90 7.36 -0.58 -8.12
CA ASP A 90 6.49 0.26 -7.31
C ASP A 90 5.10 0.40 -7.91
N ASP A 91 4.60 -0.68 -8.53
CA ASP A 91 3.22 -0.85 -8.97
C ASP A 91 2.73 -2.24 -8.52
N HIS A 92 3.41 -2.82 -7.52
CA HIS A 92 3.04 -4.01 -6.77
C HIS A 92 3.16 -3.57 -5.32
N PHE A 93 2.14 -3.79 -4.49
CA PHE A 93 2.22 -3.45 -3.06
C PHE A 93 1.66 -4.56 -2.17
N LYS A 94 2.19 -4.68 -0.96
CA LYS A 94 1.69 -5.51 0.13
C LYS A 94 1.87 -4.67 1.40
N SER A 95 1.14 -5.01 2.47
CA SER A 95 1.22 -4.25 3.71
C SER A 95 2.29 -4.83 4.61
N THR A 96 3.03 -3.95 5.33
CA THR A 96 3.93 -4.43 6.37
C THR A 96 3.07 -4.88 7.56
N ASP A 97 2.14 -4.02 7.97
CA ASP A 97 1.15 -4.14 9.02
C ASP A 97 0.59 -2.73 9.21
N ALA A 98 -0.71 -2.59 9.46
CA ALA A 98 -1.42 -1.34 9.66
C ALA A 98 -2.91 -1.65 9.81
N GLU A 99 -3.76 -0.62 9.97
CA GLU A 99 -5.20 -0.77 10.10
C GLU A 99 -5.88 -1.15 8.77
N ARG B 1 12.87 2.06 -0.21
CA ARG B 1 13.27 1.81 -1.61
C ARG B 1 12.76 0.45 -2.08
N ILE B 2 12.98 0.11 -3.35
CA ILE B 2 12.57 -1.18 -3.88
C ILE B 2 13.31 -2.32 -3.15
N GLN B 3 14.57 -2.06 -2.78
CA GLN B 3 15.40 -2.89 -1.90
C GLN B 3 15.14 -2.45 -0.45
N ARG B 4 15.31 -3.35 0.52
CA ARG B 4 14.94 -3.18 1.93
C ARG B 4 13.41 -3.23 2.07
N ASN B 5 12.71 -2.32 1.39
CA ASN B 5 11.28 -2.28 1.16
C ASN B 5 10.39 -2.56 2.37
N LYS B 6 10.21 -3.84 2.73
CA LYS B 6 9.56 -4.27 3.97
C LYS B 6 10.19 -3.51 5.14
N ALA B 7 11.52 -3.57 5.23
CA ALA B 7 12.28 -2.94 6.28
C ALA B 7 12.10 -1.42 6.23
N ALA B 8 12.12 -0.83 5.03
CA ALA B 8 11.94 0.61 4.86
C ALA B 8 10.57 1.03 5.40
N ALA B 9 9.51 0.36 4.96
CA ALA B 9 8.17 0.63 5.43
C ALA B 9 8.07 0.47 6.94
N LEU B 10 8.62 -0.62 7.50
CA LEU B 10 8.67 -0.80 8.94
C LEU B 10 9.35 0.40 9.61
N LEU B 11 10.52 0.80 9.10
CA LEU B 11 11.28 1.93 9.62
C LEU B 11 10.44 3.21 9.63
N ARG B 12 9.78 3.50 8.50
CA ARG B 12 8.86 4.63 8.38
C ARG B 12 7.75 4.52 9.43
N LEU B 13 7.07 3.38 9.50
CA LEU B 13 5.96 3.15 10.42
C LEU B 13 6.41 3.40 11.85
N ALA B 14 7.60 2.90 12.21
CA ALA B 14 8.20 3.11 13.52
C ALA B 14 8.70 4.55 13.73
N ALA B 15 8.49 5.46 12.77
CA ALA B 15 8.95 6.83 12.82
C ALA B 15 10.46 6.90 13.05
N ARG B 16 11.21 5.99 12.43
CA ARG B 16 12.67 5.97 12.44
C ARG B 16 13.21 6.32 11.05
N ALA A 31 -10.87 6.25 15.45
CA ALA A 31 -11.58 5.04 15.06
C ALA A 31 -11.39 4.83 13.56
N ASN A 32 -11.90 5.74 12.73
CA ASN A 32 -11.57 5.76 11.31
C ASN A 32 -10.14 6.31 11.20
N GLY A 33 -9.17 5.42 11.43
CA GLY A 33 -7.75 5.74 11.49
C GLY A 33 -7.30 6.51 10.25
N LEU A 34 -7.18 5.83 9.11
CA LEU A 34 -6.75 6.46 7.86
C LEU A 34 -8.02 6.91 7.12
N THR A 35 -7.91 7.89 6.21
CA THR A 35 -9.08 8.42 5.51
C THR A 35 -9.81 7.30 4.78
N VAL A 36 -11.14 7.29 4.88
CA VAL A 36 -12.06 6.23 4.43
C VAL A 36 -11.53 5.45 3.21
N ALA A 37 -11.34 6.13 2.08
CA ALA A 37 -10.89 5.48 0.85
C ALA A 37 -9.47 4.95 0.99
N GLN A 38 -8.57 5.70 1.61
CA GLN A 38 -7.18 5.30 1.79
C GLN A 38 -7.12 4.03 2.65
N ASN A 39 -7.87 4.04 3.76
CA ASN A 39 -7.94 2.91 4.69
C ASN A 39 -8.50 1.69 3.98
N GLN A 40 -9.53 1.88 3.14
CA GLN A 40 -10.08 0.82 2.30
C GLN A 40 -9.03 0.28 1.32
N VAL A 41 -8.38 1.14 0.54
CA VAL A 41 -7.30 0.73 -0.36
C VAL A 41 -6.28 -0.11 0.40
N LEU A 42 -5.75 0.45 1.51
CA LEU A 42 -4.84 -0.28 2.38
C LEU A 42 -5.45 -1.64 2.78
N ASN A 43 -6.70 -1.63 3.24
CA ASN A 43 -7.38 -2.84 3.70
C ASN A 43 -7.42 -3.89 2.59
N LEU A 44 -7.73 -3.51 1.34
CA LEU A 44 -7.62 -4.42 0.21
C LEU A 44 -6.18 -4.94 0.10
N ILE A 45 -5.21 -4.03 0.00
CA ILE A 45 -3.80 -4.41 -0.18
C ILE A 45 -3.34 -5.36 0.94
N LYS A 46 -3.79 -5.15 2.18
CA LYS A 46 -3.33 -5.89 3.34
C LYS A 46 -4.09 -7.21 3.52
N ALA A 47 -5.38 -7.22 3.21
CA ALA A 47 -6.20 -8.42 3.23
C ALA A 47 -5.69 -9.38 2.17
N CYS A 48 -5.36 -8.85 0.98
CA CYS A 48 -4.67 -9.61 -0.05
C CYS A 48 -3.39 -10.23 0.53
N PRO A 49 -3.12 -11.53 0.32
CA PRO A 49 -1.92 -12.17 0.81
C PRO A 49 -0.66 -11.65 0.09
N ARG A 50 0.49 -12.28 0.32
CA ARG A 50 1.78 -11.76 -0.12
C ARG A 50 2.47 -12.58 -1.24
N PRO A 51 1.80 -12.96 -2.35
CA PRO A 51 2.48 -13.51 -3.51
C PRO A 51 2.96 -12.29 -4.32
N GLU A 52 2.50 -12.11 -5.56
CA GLU A 52 2.73 -10.88 -6.32
C GLU A 52 1.79 -9.77 -5.82
N GLY A 53 1.78 -9.52 -4.51
CA GLY A 53 1.13 -8.39 -3.85
C GLY A 53 -0.29 -8.11 -4.33
N LEU A 54 -0.65 -6.82 -4.33
CA LEU A 54 -1.86 -6.30 -4.95
C LEU A 54 -1.38 -5.09 -5.74
N ASN A 55 -1.04 -5.32 -7.01
CA ASN A 55 -0.36 -4.35 -7.84
C ASN A 55 -1.32 -3.19 -8.15
N PHE A 56 -0.79 -2.03 -8.53
CA PHE A 56 -1.61 -0.88 -8.90
C PHE A 56 -2.70 -1.27 -9.91
N GLN A 57 -2.33 -1.99 -10.98
CA GLN A 57 -3.32 -2.36 -11.99
C GLN A 57 -4.41 -3.26 -11.40
N ASP A 58 -4.04 -4.16 -10.49
CA ASP A 58 -5.00 -5.01 -9.80
C ASP A 58 -5.94 -4.10 -9.01
N LEU A 59 -5.35 -3.17 -8.26
CA LEU A 59 -6.05 -2.18 -7.46
C LEU A 59 -7.11 -1.48 -8.30
N LYS A 60 -6.70 -0.84 -9.41
CA LYS A 60 -7.65 -0.08 -10.22
C LYS A 60 -8.69 -1.02 -10.85
N ASN A 61 -8.29 -2.22 -11.29
CA ASN A 61 -9.24 -3.17 -11.86
C ASN A 61 -10.30 -3.56 -10.85
N GLN A 62 -9.92 -3.75 -9.58
CA GLN A 62 -10.91 -3.95 -8.53
C GLN A 62 -11.74 -2.67 -8.36
N LEU A 63 -11.09 -1.60 -7.89
CA LEU A 63 -11.79 -0.39 -7.49
C LEU A 63 -11.91 0.54 -8.71
N LYS A 64 -12.66 0.08 -9.72
CA LYS A 64 -12.83 0.79 -10.99
C LYS A 64 -13.24 2.25 -10.80
N HIS A 65 -14.11 2.51 -9.81
CA HIS A 65 -14.61 3.84 -9.52
C HIS A 65 -13.52 4.77 -8.95
N MET A 66 -12.48 4.20 -8.35
CA MET A 66 -11.48 4.94 -7.60
C MET A 66 -10.38 5.36 -8.56
N SER A 67 -10.55 6.53 -9.17
CA SER A 67 -9.72 7.10 -10.22
C SER A 67 -8.22 6.89 -9.99
N VAL A 68 -7.48 6.58 -11.07
CA VAL A 68 -6.04 6.34 -11.04
C VAL A 68 -5.33 7.43 -10.25
N SER A 69 -5.61 8.70 -10.52
CA SER A 69 -5.05 9.85 -9.83
C SER A 69 -5.27 9.78 -8.31
N SER A 70 -6.45 9.31 -7.90
CA SER A 70 -6.83 9.17 -6.51
C SER A 70 -6.09 7.98 -5.89
N ILE A 71 -5.99 6.85 -6.62
CA ILE A 71 -5.15 5.75 -6.17
C ILE A 71 -3.69 6.19 -6.07
N LYS A 72 -3.19 7.03 -6.99
CA LYS A 72 -1.83 7.59 -6.88
C LYS A 72 -1.66 8.33 -5.55
N GLN A 73 -2.61 9.23 -5.22
CA GLN A 73 -2.58 9.93 -3.95
C GLN A 73 -2.62 8.95 -2.78
N ALA A 74 -3.54 7.97 -2.82
CA ALA A 74 -3.64 6.96 -1.78
C ALA A 74 -2.30 6.22 -1.60
N VAL A 75 -1.76 5.70 -2.70
CA VAL A 75 -0.47 5.03 -2.78
C VAL A 75 0.59 5.92 -2.14
N ASP A 76 0.73 7.16 -2.61
CA ASP A 76 1.69 8.10 -2.06
C ASP A 76 1.54 8.21 -0.55
N PHE A 77 0.33 8.51 -0.08
CA PHE A 77 0.05 8.65 1.35
C PHE A 77 0.47 7.39 2.10
N LEU A 78 -0.13 6.25 1.76
CA LEU A 78 0.12 4.97 2.41
C LEU A 78 1.61 4.62 2.40
N SER A 79 2.31 4.89 1.30
CA SER A 79 3.75 4.71 1.22
C SER A 79 4.44 5.62 2.23
N ASN A 80 4.13 6.92 2.21
CA ASN A 80 4.70 7.90 3.14
C ASN A 80 4.42 7.52 4.60
N GLU A 81 3.27 6.90 4.88
CA GLU A 81 2.92 6.43 6.22
C GLU A 81 3.50 5.05 6.54
N GLY A 82 4.27 4.44 5.63
CA GLY A 82 4.90 3.15 5.89
C GLY A 82 3.88 2.01 5.98
N HIS A 83 2.78 2.09 5.21
CA HIS A 83 1.69 1.13 5.23
C HIS A 83 1.71 0.20 4.02
N ILE A 84 2.15 0.71 2.86
CA ILE A 84 2.42 -0.10 1.69
C ILE A 84 3.87 0.11 1.25
N TYR A 85 4.38 -0.85 0.49
CA TYR A 85 5.68 -0.73 -0.15
C TYR A 85 5.63 -1.42 -1.49
N SER A 86 6.41 -0.87 -2.42
CA SER A 86 6.57 -1.36 -3.77
C SER A 86 7.70 -2.38 -3.77
N THR A 87 7.57 -3.46 -4.57
CA THR A 87 8.47 -4.60 -4.50
C THR A 87 9.10 -4.94 -5.84
N VAL A 88 8.43 -5.76 -6.66
CA VAL A 88 9.08 -6.27 -7.87
C VAL A 88 9.30 -5.14 -8.89
N ASP A 89 8.42 -4.13 -8.85
CA ASP A 89 8.56 -2.88 -9.57
C ASP A 89 7.79 -1.81 -8.81
N ASP A 90 7.98 -0.55 -9.19
CA ASP A 90 7.41 0.62 -8.55
C ASP A 90 5.91 0.51 -8.28
N ASP A 91 5.15 -0.07 -9.22
CA ASP A 91 3.69 -0.15 -9.13
C ASP A 91 3.21 -1.42 -8.43
N HIS A 92 4.12 -2.34 -8.08
CA HIS A 92 3.77 -3.62 -7.52
C HIS A 92 3.81 -3.54 -5.99
N PHE A 93 2.70 -3.09 -5.38
CA PHE A 93 2.63 -2.87 -3.94
C PHE A 93 2.20 -4.10 -3.16
N LYS A 94 2.69 -4.16 -1.92
CA LYS A 94 2.30 -5.07 -0.86
C LYS A 94 2.09 -4.18 0.37
N SER A 95 1.28 -4.62 1.35
CA SER A 95 1.17 -3.87 2.59
C SER A 95 2.24 -4.35 3.55
N THR A 96 2.87 -3.41 4.27
CA THR A 96 3.79 -3.67 5.36
C THR A 96 3.30 -4.87 6.18
N ASP A 97 2.05 -4.80 6.62
CA ASP A 97 1.40 -5.81 7.44
C ASP A 97 0.35 -6.57 6.63
N ALA A 98 0.64 -6.88 5.36
CA ALA A 98 -0.21 -7.77 4.58
C ALA A 98 -0.28 -9.15 5.22
N GLU A 99 -1.45 -9.78 5.10
CA GLU A 99 -1.77 -11.07 5.68
C GLU A 99 -1.49 -12.18 4.66
N ARG B 1 14.50 -0.69 0.32
CA ARG B 1 15.30 -0.98 -0.87
C ARG B 1 14.57 -1.97 -1.77
N ILE B 2 13.77 -1.43 -2.68
CA ILE B 2 12.99 -2.15 -3.69
C ILE B 2 12.28 -3.35 -3.07
N GLN B 3 12.68 -4.59 -3.35
CA GLN B 3 12.08 -5.78 -2.76
C GLN B 3 11.97 -5.69 -1.24
N ARG B 4 13.00 -5.15 -0.56
CA ARG B 4 12.96 -5.01 0.89
C ARG B 4 12.56 -3.60 1.32
N ASN B 5 11.76 -2.88 0.51
CA ASN B 5 11.17 -1.61 0.92
C ASN B 5 10.36 -1.75 2.22
N LYS B 6 9.84 -2.95 2.52
CA LYS B 6 9.24 -3.24 3.82
C LYS B 6 10.13 -2.78 4.97
N ALA B 7 11.46 -2.88 4.84
CA ALA B 7 12.39 -2.39 5.85
C ALA B 7 12.13 -0.90 6.12
N ALA B 8 12.14 -0.10 5.05
CA ALA B 8 11.87 1.32 5.13
C ALA B 8 10.46 1.57 5.69
N ALA B 9 9.47 0.82 5.20
CA ALA B 9 8.10 0.96 5.64
C ALA B 9 7.97 0.69 7.16
N LEU B 10 8.59 -0.38 7.64
CA LEU B 10 8.61 -0.73 9.06
C LEU B 10 9.30 0.37 9.86
N LEU B 11 10.48 0.84 9.41
CA LEU B 11 11.15 1.95 10.07
C LEU B 11 10.23 3.17 10.14
N ARG B 12 9.59 3.53 9.03
CA ARG B 12 8.62 4.62 8.99
C ARG B 12 7.50 4.38 10.01
N LEU B 13 6.91 3.19 10.00
CA LEU B 13 5.81 2.83 10.90
C LEU B 13 6.24 2.98 12.36
N ALA B 14 7.44 2.49 12.69
CA ALA B 14 8.04 2.65 14.01
C ALA B 14 8.28 4.13 14.32
N ALA B 15 8.66 4.92 13.30
CA ALA B 15 8.84 6.36 13.32
C ALA B 15 10.13 6.77 14.03
N ARG B 16 10.36 6.26 15.24
CA ARG B 16 11.61 6.37 15.96
C ARG B 16 12.41 5.07 15.79
N ALA A 31 -14.49 5.88 12.05
CA ALA A 31 -13.13 6.39 12.27
C ALA A 31 -12.01 5.35 12.14
N ASN A 32 -11.87 4.76 10.97
CA ASN A 32 -10.94 3.66 10.72
C ASN A 32 -9.51 4.15 10.49
N GLY A 33 -9.03 5.04 11.38
CA GLY A 33 -7.66 5.54 11.41
C GLY A 33 -7.34 6.45 10.24
N LEU A 34 -7.20 5.86 9.05
CA LEU A 34 -6.93 6.56 7.81
C LEU A 34 -8.27 6.96 7.17
N THR A 35 -8.25 7.65 6.04
CA THR A 35 -9.51 7.94 5.33
C THR A 35 -10.08 6.62 4.81
N VAL A 36 -11.41 6.50 4.77
CA VAL A 36 -12.14 5.30 4.36
C VAL A 36 -11.50 4.68 3.11
N ALA A 37 -11.35 5.47 2.05
CA ALA A 37 -10.77 5.01 0.80
C ALA A 37 -9.35 4.44 0.99
N GLN A 38 -8.51 5.14 1.76
CA GLN A 38 -7.13 4.73 1.99
C GLN A 38 -7.12 3.40 2.73
N ASN A 39 -7.88 3.34 3.83
CA ASN A 39 -8.06 2.13 4.62
C ASN A 39 -8.57 0.99 3.74
N GLN A 40 -9.53 1.26 2.87
CA GLN A 40 -10.04 0.28 1.90
C GLN A 40 -8.93 -0.21 0.98
N VAL A 41 -8.24 0.69 0.27
CA VAL A 41 -7.11 0.33 -0.59
C VAL A 41 -6.14 -0.57 0.19
N LEU A 42 -5.70 -0.10 1.36
CA LEU A 42 -4.84 -0.86 2.25
C LEU A 42 -5.43 -2.25 2.51
N ASN A 43 -6.71 -2.33 2.87
CA ASN A 43 -7.42 -3.59 3.10
C ASN A 43 -7.39 -4.49 1.87
N LEU A 44 -7.58 -3.94 0.66
CA LEU A 44 -7.43 -4.74 -0.55
C LEU A 44 -6.00 -5.26 -0.67
N ILE A 45 -5.00 -4.40 -0.44
CA ILE A 45 -3.61 -4.82 -0.46
C ILE A 45 -3.34 -5.93 0.59
N LYS A 46 -3.95 -5.85 1.77
CA LYS A 46 -3.90 -6.90 2.78
C LYS A 46 -4.54 -8.18 2.26
N ALA A 47 -5.76 -8.08 1.73
CA ALA A 47 -6.56 -9.21 1.29
C ALA A 47 -5.94 -9.93 0.09
N CYS A 48 -5.22 -9.20 -0.76
CA CYS A 48 -4.55 -9.69 -1.96
C CYS A 48 -3.97 -11.11 -1.80
N PRO A 49 -4.54 -12.14 -2.47
CA PRO A 49 -4.09 -13.50 -2.31
C PRO A 49 -2.69 -13.71 -2.89
N ARG A 50 -2.36 -13.01 -3.99
CA ARG A 50 -1.05 -13.10 -4.61
C ARG A 50 0.02 -12.64 -3.59
N PRO A 51 0.91 -13.54 -3.12
CA PRO A 51 1.80 -13.25 -2.01
C PRO A 51 2.80 -12.13 -2.33
N GLU A 52 3.23 -12.03 -3.58
CA GLU A 52 4.12 -10.94 -3.99
C GLU A 52 3.45 -9.57 -3.90
N GLY A 53 2.11 -9.48 -3.96
CA GLY A 53 1.41 -8.23 -3.84
C GLY A 53 0.33 -8.03 -4.89
N LEU A 54 -0.27 -6.83 -4.85
CA LEU A 54 -1.38 -6.42 -5.68
C LEU A 54 -0.85 -5.41 -6.70
N ASN A 55 -1.07 -5.65 -8.00
CA ASN A 55 -0.69 -4.66 -8.99
C ASN A 55 -1.68 -3.49 -8.90
N PHE A 56 -1.18 -2.29 -9.16
CA PHE A 56 -1.96 -1.07 -9.31
C PHE A 56 -3.17 -1.32 -10.22
N GLN A 57 -2.96 -2.01 -11.35
CA GLN A 57 -4.06 -2.32 -12.25
C GLN A 57 -5.11 -3.22 -11.58
N ASP A 58 -4.70 -4.20 -10.77
CA ASP A 58 -5.64 -5.09 -10.08
C ASP A 58 -6.45 -4.22 -9.12
N LEU A 59 -5.71 -3.48 -8.30
CA LEU A 59 -6.20 -2.57 -7.30
C LEU A 59 -7.27 -1.64 -7.90
N LYS A 60 -6.94 -0.95 -9.00
CA LYS A 60 -7.85 -0.02 -9.63
C LYS A 60 -9.03 -0.75 -10.30
N ASN A 61 -8.79 -1.92 -10.91
CA ASN A 61 -9.88 -2.71 -11.49
C ASN A 61 -10.86 -3.15 -10.40
N GLN A 62 -10.37 -3.49 -9.21
CA GLN A 62 -11.24 -3.77 -8.07
C GLN A 62 -11.96 -2.47 -7.70
N LEU A 63 -11.22 -1.45 -7.29
CA LEU A 63 -11.79 -0.22 -6.78
C LEU A 63 -12.02 0.76 -7.93
N LYS A 64 -12.89 0.37 -8.87
CA LYS A 64 -13.19 1.13 -10.09
C LYS A 64 -13.46 2.61 -9.83
N HIS A 65 -14.16 2.91 -8.73
CA HIS A 65 -14.55 4.26 -8.37
C HIS A 65 -13.32 5.13 -7.98
N MET A 66 -12.23 4.50 -7.54
CA MET A 66 -11.00 5.20 -7.25
C MET A 66 -10.17 5.27 -8.54
N SER A 67 -10.30 6.39 -9.25
CA SER A 67 -9.52 6.71 -10.43
C SER A 67 -8.01 6.57 -10.19
N VAL A 68 -7.23 6.43 -11.26
CA VAL A 68 -5.78 6.28 -11.18
C VAL A 68 -5.16 7.41 -10.35
N SER A 69 -5.64 8.65 -10.52
CA SER A 69 -5.24 9.80 -9.72
C SER A 69 -5.47 9.53 -8.23
N SER A 70 -6.70 9.13 -7.89
CA SER A 70 -7.10 8.80 -6.54
C SER A 70 -6.17 7.72 -5.95
N ILE A 71 -5.96 6.63 -6.70
CA ILE A 71 -5.08 5.57 -6.26
C ILE A 71 -3.63 6.04 -6.18
N LYS A 72 -3.15 6.90 -7.08
CA LYS A 72 -1.80 7.45 -6.96
C LYS A 72 -1.66 8.20 -5.63
N GLN A 73 -2.64 9.04 -5.29
CA GLN A 73 -2.65 9.74 -4.00
C GLN A 73 -2.69 8.73 -2.84
N ALA A 74 -3.58 7.73 -2.92
CA ALA A 74 -3.67 6.69 -1.89
C ALA A 74 -2.33 5.99 -1.71
N VAL A 75 -1.74 5.52 -2.81
CA VAL A 75 -0.44 4.86 -2.86
C VAL A 75 0.61 5.75 -2.21
N ASP A 76 0.74 7.00 -2.69
CA ASP A 76 1.66 7.96 -2.12
C ASP A 76 1.49 8.04 -0.60
N PHE A 77 0.26 8.34 -0.16
CA PHE A 77 -0.06 8.46 1.25
C PHE A 77 0.35 7.20 2.02
N LEU A 78 -0.21 6.05 1.66
CA LEU A 78 0.02 4.79 2.35
C LEU A 78 1.50 4.41 2.35
N SER A 79 2.20 4.68 1.25
CA SER A 79 3.64 4.47 1.14
C SER A 79 4.34 5.35 2.17
N ASN A 80 4.12 6.66 2.10
CA ASN A 80 4.80 7.65 2.96
C ASN A 80 4.53 7.35 4.43
N GLU A 81 3.28 7.04 4.76
CA GLU A 81 2.84 6.67 6.10
C GLU A 81 3.39 5.30 6.53
N GLY A 82 3.95 4.51 5.62
CA GLY A 82 4.61 3.25 5.95
C GLY A 82 3.62 2.11 6.15
N HIS A 83 2.46 2.15 5.48
CA HIS A 83 1.45 1.10 5.53
C HIS A 83 1.60 0.12 4.37
N ILE A 84 2.08 0.60 3.22
CA ILE A 84 2.39 -0.24 2.06
C ILE A 84 3.80 0.04 1.57
N TYR A 85 4.31 -0.86 0.73
CA TYR A 85 5.54 -0.70 -0.02
C TYR A 85 5.42 -1.50 -1.31
N SER A 86 6.30 -1.23 -2.27
CA SER A 86 6.36 -1.91 -3.55
C SER A 86 7.28 -3.13 -3.47
N THR A 87 7.03 -4.15 -4.29
CA THR A 87 7.76 -5.41 -4.26
C THR A 87 8.47 -5.69 -5.59
N VAL A 88 7.81 -6.44 -6.47
CA VAL A 88 8.38 -6.90 -7.75
C VAL A 88 8.50 -5.74 -8.74
N ASP A 89 7.68 -4.70 -8.57
CA ASP A 89 7.69 -3.51 -9.40
C ASP A 89 7.14 -2.36 -8.56
N ASP A 90 7.53 -1.13 -8.91
CA ASP A 90 7.05 0.11 -8.29
C ASP A 90 5.54 0.09 -8.06
N ASP A 91 4.79 -0.42 -9.04
CA ASP A 91 3.33 -0.43 -9.03
C ASP A 91 2.75 -1.79 -8.62
N HIS A 92 3.51 -2.59 -7.86
CA HIS A 92 3.07 -3.86 -7.29
C HIS A 92 3.28 -3.78 -5.78
N PHE A 93 2.19 -3.64 -4.99
CA PHE A 93 2.30 -3.31 -3.57
C PHE A 93 1.96 -4.47 -2.62
N LYS A 94 2.62 -4.46 -1.46
CA LYS A 94 2.34 -5.31 -0.30
C LYS A 94 2.33 -4.39 0.93
N SER A 95 1.81 -4.90 2.04
CA SER A 95 1.59 -4.11 3.25
C SER A 95 2.64 -4.36 4.33
N THR A 96 2.86 -3.35 5.16
CA THR A 96 3.63 -3.40 6.39
C THR A 96 2.85 -4.08 7.49
N ASP A 97 1.55 -3.76 7.61
CA ASP A 97 0.71 -4.16 8.73
C ASP A 97 -0.73 -3.80 8.39
N ALA A 98 -1.69 -4.44 9.07
CA ALA A 98 -3.12 -4.13 8.96
C ALA A 98 -3.40 -2.63 8.91
N GLU A 99 -2.75 -1.85 9.78
CA GLU A 99 -2.75 -0.40 9.71
C GLU A 99 -1.53 0.15 10.45
N ARG B 1 17.84 -0.96 -3.79
CA ARG B 1 16.78 -0.78 -2.79
C ARG B 1 15.68 -1.82 -2.99
N ILE B 2 14.52 -1.66 -2.35
CA ILE B 2 13.36 -2.55 -2.45
C ILE B 2 13.57 -3.86 -1.69
N GLN B 3 14.78 -4.44 -1.68
CA GLN B 3 15.07 -5.65 -0.92
C GLN B 3 14.60 -5.54 0.53
N ARG B 4 14.82 -4.36 1.13
CA ARG B 4 14.47 -4.05 2.51
C ARG B 4 13.15 -3.26 2.59
N ASN B 5 12.28 -3.37 1.58
CA ASN B 5 11.04 -2.61 1.48
C ASN B 5 10.23 -2.56 2.78
N LYS B 6 9.87 -3.70 3.34
CA LYS B 6 9.09 -3.72 4.58
C LYS B 6 9.85 -3.09 5.74
N ALA B 7 11.18 -3.17 5.77
CA ALA B 7 11.98 -2.55 6.82
C ALA B 7 11.95 -1.03 6.65
N ALA B 8 12.11 -0.55 5.41
CA ALA B 8 11.96 0.88 5.12
C ALA B 8 10.57 1.36 5.55
N ALA B 9 9.53 0.63 5.15
CA ALA B 9 8.17 0.95 5.52
C ALA B 9 7.98 0.94 7.04
N LEU B 10 8.55 -0.05 7.73
CA LEU B 10 8.54 -0.11 9.18
C LEU B 10 9.21 1.13 9.77
N LEU B 11 10.37 1.54 9.24
CA LEU B 11 11.04 2.74 9.69
C LEU B 11 10.13 3.96 9.52
N ARG B 12 9.53 4.13 8.33
CA ARG B 12 8.55 5.17 8.10
C ARG B 12 7.46 5.11 9.17
N LEU B 13 6.83 3.94 9.34
CA LEU B 13 5.74 3.72 10.29
C LEU B 13 6.16 4.11 11.71
N ALA B 14 7.38 3.74 12.12
CA ALA B 14 7.95 4.10 13.41
C ALA B 14 8.09 5.62 13.52
N ALA B 15 8.52 6.28 12.43
CA ALA B 15 8.59 7.73 12.36
C ALA B 15 7.16 8.32 12.26
N ARG B 16 6.42 8.26 13.36
CA ARG B 16 5.10 8.86 13.50
C ARG B 16 4.91 9.38 14.92
N ALA A 31 -12.39 4.85 14.02
CA ALA A 31 -12.05 3.44 13.89
C ALA A 31 -11.09 3.14 12.73
N ASN A 32 -11.23 3.85 11.61
CA ASN A 32 -10.40 3.62 10.42
C ASN A 32 -8.98 4.18 10.59
N GLY A 33 -8.77 5.09 11.55
CA GLY A 33 -7.49 5.71 11.81
C GLY A 33 -7.15 6.79 10.78
N LEU A 34 -7.06 6.40 9.50
CA LEU A 34 -6.67 7.26 8.40
C LEU A 34 -7.92 7.94 7.83
N THR A 35 -8.02 8.05 6.51
CA THR A 35 -9.25 8.46 5.83
C THR A 35 -9.88 7.19 5.29
N VAL A 36 -11.19 7.00 5.44
CA VAL A 36 -11.90 5.76 5.13
C VAL A 36 -11.44 5.14 3.81
N ALA A 37 -11.43 5.91 2.72
CA ALA A 37 -10.98 5.42 1.43
C ALA A 37 -9.53 4.96 1.46
N GLN A 38 -8.64 5.70 2.13
CA GLN A 38 -7.23 5.35 2.21
C GLN A 38 -7.06 4.08 3.04
N ASN A 39 -7.75 3.99 4.18
CA ASN A 39 -7.81 2.78 5.00
C ASN A 39 -8.32 1.60 4.18
N GLN A 40 -9.35 1.79 3.37
CA GLN A 40 -9.88 0.77 2.48
C GLN A 40 -8.82 0.33 1.47
N VAL A 41 -8.22 1.26 0.72
CA VAL A 41 -7.15 0.94 -0.23
C VAL A 41 -6.03 0.15 0.48
N LEU A 42 -5.55 0.68 1.62
CA LEU A 42 -4.60 0.02 2.48
C LEU A 42 -5.05 -1.41 2.80
N ASN A 43 -6.31 -1.58 3.20
CA ASN A 43 -6.88 -2.88 3.51
C ASN A 43 -6.87 -3.81 2.30
N LEU A 44 -7.21 -3.33 1.10
CA LEU A 44 -7.02 -4.14 -0.10
C LEU A 44 -5.53 -4.56 -0.20
N ILE A 45 -4.63 -3.59 -0.10
CA ILE A 45 -3.19 -3.85 -0.21
C ILE A 45 -2.70 -4.85 0.85
N LYS A 46 -3.23 -4.81 2.08
CA LYS A 46 -2.85 -5.77 3.12
C LYS A 46 -3.48 -7.15 2.86
N ALA A 47 -4.75 -7.17 2.44
CA ALA A 47 -5.49 -8.40 2.19
C ALA A 47 -4.91 -9.18 1.02
N CYS A 48 -4.35 -8.47 0.04
CA CYS A 48 -3.72 -8.99 -1.17
C CYS A 48 -3.08 -10.38 -1.02
N PRO A 49 -3.64 -11.44 -1.64
CA PRO A 49 -3.06 -12.76 -1.60
C PRO A 49 -1.81 -12.86 -2.50
N ARG A 50 -1.75 -12.08 -3.58
CA ARG A 50 -0.67 -12.16 -4.57
C ARG A 50 0.70 -12.00 -3.91
N PRO A 51 1.57 -13.04 -3.91
CA PRO A 51 2.90 -12.97 -3.32
C PRO A 51 3.71 -11.77 -3.83
N GLU A 52 3.69 -11.53 -5.14
CA GLU A 52 4.39 -10.42 -5.77
C GLU A 52 3.88 -9.05 -5.30
N GLY A 53 2.73 -9.01 -4.62
CA GLY A 53 2.10 -7.81 -4.12
C GLY A 53 0.94 -7.38 -5.01
N LEU A 54 0.19 -6.37 -4.57
CA LEU A 54 -0.99 -5.92 -5.26
C LEU A 54 -0.59 -4.86 -6.28
N ASN A 55 -0.81 -5.14 -7.56
CA ASN A 55 -0.51 -4.15 -8.58
C ASN A 55 -1.49 -3.01 -8.49
N PHE A 56 -1.02 -1.81 -8.79
CA PHE A 56 -1.84 -0.61 -8.96
C PHE A 56 -2.98 -0.95 -9.93
N GLN A 57 -2.64 -1.65 -11.02
CA GLN A 57 -3.59 -2.14 -11.99
C GLN A 57 -4.67 -3.03 -11.34
N ASP A 58 -4.29 -3.91 -10.41
CA ASP A 58 -5.25 -4.72 -9.67
C ASP A 58 -6.14 -3.81 -8.84
N LEU A 59 -5.51 -2.82 -8.20
CA LEU A 59 -6.20 -1.82 -7.40
C LEU A 59 -7.31 -1.17 -8.24
N LYS A 60 -6.97 -0.66 -9.43
CA LYS A 60 -7.97 -0.12 -10.36
C LYS A 60 -9.02 -1.17 -10.69
N ASN A 61 -8.59 -2.36 -11.12
CA ASN A 61 -9.51 -3.39 -11.60
C ASN A 61 -10.55 -3.73 -10.54
N GLN A 62 -10.14 -3.82 -9.27
CA GLN A 62 -11.09 -4.00 -8.19
C GLN A 62 -11.90 -2.71 -8.03
N LEU A 63 -11.22 -1.63 -7.65
CA LEU A 63 -11.87 -0.37 -7.31
C LEU A 63 -12.02 0.47 -8.58
N LYS A 64 -12.86 0.01 -9.50
CA LYS A 64 -13.06 0.66 -10.81
C LYS A 64 -13.39 2.15 -10.68
N HIS A 65 -14.11 2.52 -9.63
CA HIS A 65 -14.52 3.90 -9.34
C HIS A 65 -13.36 4.80 -8.91
N MET A 66 -12.24 4.22 -8.47
CA MET A 66 -11.16 4.97 -7.83
C MET A 66 -10.19 5.50 -8.90
N SER A 67 -10.23 6.81 -9.13
CA SER A 67 -9.38 7.49 -10.09
C SER A 67 -7.89 7.24 -9.83
N VAL A 68 -7.12 7.15 -10.91
CA VAL A 68 -5.68 6.91 -10.85
C VAL A 68 -5.01 7.97 -9.97
N SER A 69 -5.45 9.23 -10.10
CA SER A 69 -5.02 10.34 -9.27
C SER A 69 -5.19 10.00 -7.78
N SER A 70 -6.43 9.72 -7.39
CA SER A 70 -6.79 9.36 -6.03
C SER A 70 -5.95 8.18 -5.52
N ILE A 71 -5.80 7.13 -6.33
CA ILE A 71 -4.97 6.01 -5.92
C ILE A 71 -3.49 6.40 -5.85
N LYS A 72 -3.00 7.27 -6.74
CA LYS A 72 -1.61 7.72 -6.69
C LYS A 72 -1.38 8.49 -5.37
N GLN A 73 -2.29 9.40 -5.04
CA GLN A 73 -2.34 10.07 -3.77
C GLN A 73 -2.34 9.05 -2.63
N ALA A 74 -3.24 8.07 -2.66
CA ALA A 74 -3.31 7.05 -1.62
C ALA A 74 -1.97 6.33 -1.47
N VAL A 75 -1.39 5.87 -2.59
CA VAL A 75 -0.09 5.24 -2.63
C VAL A 75 0.94 6.14 -1.97
N ASP A 76 1.05 7.39 -2.41
CA ASP A 76 1.97 8.37 -1.82
C ASP A 76 1.78 8.44 -0.31
N PHE A 77 0.57 8.76 0.13
CA PHE A 77 0.22 8.89 1.55
C PHE A 77 0.64 7.64 2.33
N LEU A 78 0.09 6.49 1.95
CA LEU A 78 0.31 5.23 2.63
C LEU A 78 1.79 4.82 2.59
N SER A 79 2.51 5.16 1.52
CA SER A 79 3.95 4.96 1.47
C SER A 79 4.60 5.85 2.52
N ASN A 80 4.39 7.16 2.44
CA ASN A 80 5.01 8.14 3.31
C ASN A 80 4.79 7.79 4.78
N GLU A 81 3.57 7.43 5.15
CA GLU A 81 3.24 7.07 6.53
C GLU A 81 3.77 5.69 6.96
N GLY A 82 4.46 4.95 6.08
CA GLY A 82 4.97 3.64 6.41
C GLY A 82 3.84 2.66 6.65
N HIS A 83 2.86 2.64 5.74
CA HIS A 83 1.72 1.73 5.79
C HIS A 83 1.81 0.72 4.64
N ILE A 84 2.30 1.16 3.47
CA ILE A 84 2.65 0.26 2.37
C ILE A 84 4.10 0.42 1.97
N TYR A 85 4.62 -0.60 1.28
CA TYR A 85 5.90 -0.59 0.61
C TYR A 85 5.66 -1.15 -0.78
N SER A 86 6.52 -0.77 -1.72
CA SER A 86 6.52 -1.31 -3.06
C SER A 86 7.37 -2.56 -3.02
N THR A 87 6.92 -3.67 -3.59
CA THR A 87 7.54 -4.98 -3.42
C THR A 87 8.61 -5.20 -4.50
N VAL A 88 8.17 -5.63 -5.68
CA VAL A 88 9.02 -6.04 -6.79
C VAL A 88 9.34 -4.84 -7.69
N ASP A 89 8.41 -3.88 -7.80
CA ASP A 89 8.57 -2.66 -8.56
C ASP A 89 7.48 -1.69 -8.13
N ASP A 90 7.59 -0.44 -8.58
CA ASP A 90 6.74 0.67 -8.17
C ASP A 90 5.26 0.51 -8.52
N ASP A 91 4.87 -0.53 -9.27
CA ASP A 91 3.45 -0.81 -9.51
C ASP A 91 2.89 -1.73 -8.43
N HIS A 92 3.71 -2.56 -7.80
CA HIS A 92 3.25 -3.61 -6.88
C HIS A 92 3.48 -3.16 -5.45
N PHE A 93 2.42 -3.08 -4.63
CA PHE A 93 2.54 -2.71 -3.21
C PHE A 93 2.01 -3.80 -2.29
N LYS A 94 2.56 -3.87 -1.07
CA LYS A 94 2.08 -4.67 0.04
C LYS A 94 2.18 -3.85 1.32
N SER A 95 1.39 -4.21 2.34
CA SER A 95 1.28 -3.45 3.57
C SER A 95 2.23 -3.97 4.65
N THR A 96 2.55 -3.12 5.63
CA THR A 96 3.25 -3.48 6.84
C THR A 96 2.41 -4.51 7.61
N ASP A 97 1.18 -4.10 7.94
CA ASP A 97 0.22 -4.86 8.72
C ASP A 97 -1.17 -4.22 8.60
N ALA A 98 -1.23 -2.91 8.83
CA ALA A 98 -2.45 -2.09 8.79
C ALA A 98 -3.43 -2.48 9.88
N GLU A 99 -4.09 -3.62 9.73
CA GLU A 99 -5.09 -4.15 10.65
C GLU A 99 -4.98 -5.68 10.66
N ARG B 1 16.89 1.00 -3.31
CA ARG B 1 16.98 -0.44 -3.59
C ARG B 1 15.62 -1.11 -3.36
N ILE B 2 15.01 -1.63 -4.43
CA ILE B 2 13.71 -2.30 -4.40
C ILE B 2 13.86 -3.73 -3.83
N GLN B 3 14.41 -3.83 -2.62
CA GLN B 3 14.49 -5.04 -1.81
C GLN B 3 14.33 -4.60 -0.36
N ARG B 4 14.29 -5.56 0.58
CA ARG B 4 14.05 -5.35 2.01
C ARG B 4 12.58 -5.00 2.22
N ASN B 5 12.16 -3.86 1.65
CA ASN B 5 10.78 -3.41 1.50
C ASN B 5 10.07 -3.17 2.84
N LYS B 6 9.75 -4.25 3.56
CA LYS B 6 9.12 -4.20 4.88
C LYS B 6 9.95 -3.29 5.78
N ALA B 7 11.27 -3.52 5.79
CA ALA B 7 12.21 -2.70 6.56
C ALA B 7 12.01 -1.21 6.29
N ALA B 8 11.88 -0.83 5.02
CA ALA B 8 11.74 0.58 4.67
C ALA B 8 10.44 1.14 5.26
N ALA B 9 9.34 0.40 5.11
CA ALA B 9 8.07 0.85 5.67
C ALA B 9 8.09 0.90 7.19
N LEU B 10 8.67 -0.11 7.84
CA LEU B 10 8.84 -0.14 9.29
C LEU B 10 9.64 1.09 9.73
N LEU B 11 10.74 1.39 9.04
CA LEU B 11 11.53 2.59 9.29
C LEU B 11 10.65 3.83 9.17
N ARG B 12 9.95 4.00 8.03
CA ARG B 12 9.03 5.12 7.83
C ARG B 12 8.00 5.21 8.96
N LEU B 13 7.47 4.08 9.41
CA LEU B 13 6.50 3.98 10.49
C LEU B 13 7.14 4.24 11.87
N ALA B 14 8.49 4.28 11.94
CA ALA B 14 9.25 4.30 13.17
C ALA B 14 9.00 3.05 14.02
N ALA B 15 8.58 1.95 13.38
CA ALA B 15 8.30 0.69 14.04
C ALA B 15 9.62 -0.05 14.28
N ARG B 16 10.49 0.53 15.09
CA ARG B 16 11.82 0.02 15.36
C ARG B 16 12.58 -0.19 14.04
N ALA A 31 -11.86 -0.19 11.55
CA ALA A 31 -12.92 0.66 11.05
C ALA A 31 -12.47 2.11 10.99
N ASN A 32 -11.72 2.47 9.94
CA ASN A 32 -11.12 3.77 9.74
C ASN A 32 -10.08 4.02 10.83
N GLY A 33 -9.03 3.19 10.86
CA GLY A 33 -7.87 3.45 11.68
C GLY A 33 -7.14 4.64 11.04
N LEU A 34 -6.92 4.50 9.73
CA LEU A 34 -6.47 5.57 8.85
C LEU A 34 -7.71 6.12 8.14
N THR A 35 -7.56 7.14 7.28
CA THR A 35 -8.67 7.69 6.54
C THR A 35 -9.26 6.64 5.59
N VAL A 36 -10.60 6.54 5.53
CA VAL A 36 -11.39 5.49 4.89
C VAL A 36 -10.67 4.82 3.70
N ALA A 37 -10.49 5.55 2.60
CA ALA A 37 -9.95 4.96 1.39
C ALA A 37 -8.53 4.44 1.61
N GLN A 38 -7.66 5.20 2.28
CA GLN A 38 -6.29 4.78 2.53
C GLN A 38 -6.30 3.51 3.40
N ASN A 39 -7.12 3.55 4.45
CA ASN A 39 -7.34 2.43 5.35
C ASN A 39 -7.74 1.19 4.56
N GLN A 40 -8.73 1.32 3.68
CA GLN A 40 -9.17 0.24 2.80
C GLN A 40 -8.06 -0.24 1.87
N VAL A 41 -7.42 0.65 1.12
CA VAL A 41 -6.30 0.32 0.23
C VAL A 41 -5.26 -0.51 1.00
N LEU A 42 -4.75 0.06 2.10
CA LEU A 42 -3.85 -0.64 3.01
C LEU A 42 -4.40 -2.02 3.36
N ASN A 43 -5.64 -2.08 3.83
CA ASN A 43 -6.24 -3.33 4.27
C ASN A 43 -6.27 -4.37 3.16
N LEU A 44 -6.58 -3.96 1.92
CA LEU A 44 -6.52 -4.86 0.78
C LEU A 44 -5.07 -5.32 0.57
N ILE A 45 -4.12 -4.38 0.49
CA ILE A 45 -2.71 -4.71 0.29
C ILE A 45 -2.23 -5.72 1.33
N LYS A 46 -2.51 -5.45 2.61
CA LYS A 46 -2.04 -6.25 3.72
C LYS A 46 -2.77 -7.59 3.81
N ALA A 47 -4.06 -7.63 3.46
CA ALA A 47 -4.84 -8.85 3.48
C ALA A 47 -4.37 -9.83 2.42
N CYS A 48 -4.17 -9.35 1.19
CA CYS A 48 -3.93 -10.20 0.02
C CYS A 48 -2.81 -11.25 0.23
N PRO A 49 -3.14 -12.55 0.39
CA PRO A 49 -2.18 -13.57 0.76
C PRO A 49 -1.46 -14.07 -0.50
N ARG A 50 -0.70 -13.19 -1.16
CA ARG A 50 -0.12 -13.43 -2.47
C ARG A 50 1.36 -13.03 -2.43
N PRO A 51 2.27 -13.80 -3.08
CA PRO A 51 3.70 -13.51 -3.04
C PRO A 51 4.03 -12.11 -3.57
N GLU A 52 3.36 -11.68 -4.63
CA GLU A 52 3.49 -10.32 -5.15
C GLU A 52 2.62 -9.31 -4.36
N GLY A 53 2.20 -9.64 -3.14
CA GLY A 53 1.33 -8.80 -2.34
C GLY A 53 0.13 -8.33 -3.15
N LEU A 54 0.06 -7.03 -3.45
CA LEU A 54 -0.94 -6.49 -4.33
C LEU A 54 -0.26 -5.49 -5.25
N ASN A 55 -0.29 -5.75 -6.56
CA ASN A 55 0.32 -4.82 -7.51
C ASN A 55 -0.53 -3.55 -7.56
N PHE A 56 0.06 -2.42 -7.97
CA PHE A 56 -0.72 -1.22 -8.21
C PHE A 56 -1.79 -1.54 -9.27
N GLN A 57 -1.39 -2.31 -10.29
CA GLN A 57 -2.28 -2.76 -11.36
C GLN A 57 -3.50 -3.46 -10.75
N ASP A 58 -3.26 -4.42 -9.85
CA ASP A 58 -4.34 -5.14 -9.18
C ASP A 58 -5.22 -4.12 -8.46
N LEU A 59 -4.57 -3.28 -7.63
CA LEU A 59 -5.22 -2.24 -6.85
C LEU A 59 -6.22 -1.45 -7.71
N LYS A 60 -5.73 -0.89 -8.82
CA LYS A 60 -6.56 -0.05 -9.69
C LYS A 60 -7.68 -0.87 -10.34
N ASN A 61 -7.37 -2.10 -10.79
CA ASN A 61 -8.38 -2.98 -11.38
C ASN A 61 -9.46 -3.34 -10.37
N GLN A 62 -9.09 -3.50 -9.10
CA GLN A 62 -10.04 -3.80 -8.03
C GLN A 62 -10.90 -2.59 -7.71
N LEU A 63 -10.24 -1.46 -7.41
CA LEU A 63 -10.93 -0.29 -6.88
C LEU A 63 -11.38 0.60 -8.04
N LYS A 64 -12.37 0.09 -8.80
CA LYS A 64 -12.91 0.72 -10.00
C LYS A 64 -13.76 1.96 -9.69
N HIS A 65 -13.16 2.91 -8.98
CA HIS A 65 -13.70 4.18 -8.55
C HIS A 65 -12.55 5.10 -8.14
N MET A 66 -11.45 4.54 -7.60
CA MET A 66 -10.28 5.31 -7.23
C MET A 66 -9.36 5.41 -8.46
N SER A 67 -9.33 6.58 -9.09
CA SER A 67 -8.42 6.88 -10.17
C SER A 67 -6.96 6.63 -9.76
N VAL A 68 -6.10 6.36 -10.75
CA VAL A 68 -4.68 6.13 -10.55
C VAL A 68 -4.09 7.22 -9.67
N SER A 69 -4.41 8.49 -9.94
CA SER A 69 -4.00 9.63 -9.13
C SER A 69 -4.34 9.44 -7.64
N SER A 70 -5.55 8.96 -7.36
CA SER A 70 -6.03 8.73 -6.01
C SER A 70 -5.21 7.62 -5.35
N ILE A 71 -5.06 6.50 -6.06
CA ILE A 71 -4.24 5.41 -5.56
C ILE A 71 -2.78 5.84 -5.43
N LYS A 72 -2.27 6.72 -6.28
CA LYS A 72 -0.91 7.22 -6.17
C LYS A 72 -0.76 8.00 -4.87
N GLN A 73 -1.71 8.90 -4.58
CA GLN A 73 -1.73 9.61 -3.31
C GLN A 73 -1.83 8.63 -2.12
N ALA A 74 -2.75 7.67 -2.19
CA ALA A 74 -2.91 6.68 -1.12
C ALA A 74 -1.59 5.91 -0.89
N VAL A 75 -1.03 5.35 -1.96
CA VAL A 75 0.24 4.67 -1.98
C VAL A 75 1.31 5.56 -1.35
N ASP A 76 1.46 6.79 -1.84
CA ASP A 76 2.41 7.75 -1.29
C ASP A 76 2.23 7.87 0.22
N PHE A 77 1.02 8.18 0.66
CA PHE A 77 0.70 8.30 2.08
C PHE A 77 1.14 7.04 2.84
N LEU A 78 0.58 5.89 2.50
CA LEU A 78 0.85 4.63 3.18
C LEU A 78 2.34 4.28 3.17
N SER A 79 3.03 4.55 2.06
CA SER A 79 4.46 4.34 1.94
C SER A 79 5.19 5.26 2.92
N ASN A 80 4.86 6.55 2.92
CA ASN A 80 5.51 7.55 3.76
C ASN A 80 5.27 7.26 5.24
N GLU A 81 4.06 6.80 5.58
CA GLU A 81 3.71 6.30 6.91
C GLU A 81 4.45 4.99 7.25
N GLY A 82 5.21 4.42 6.31
CA GLY A 82 5.96 3.20 6.51
C GLY A 82 5.03 1.99 6.69
N HIS A 83 3.79 2.07 6.20
CA HIS A 83 2.82 1.00 6.37
C HIS A 83 3.01 -0.08 5.29
N ILE A 84 3.15 0.36 4.04
CA ILE A 84 3.44 -0.50 2.91
C ILE A 84 4.85 -0.22 2.40
N TYR A 85 5.33 -1.09 1.52
CA TYR A 85 6.55 -0.92 0.75
C TYR A 85 6.38 -1.63 -0.57
N SER A 86 7.22 -1.29 -1.54
CA SER A 86 7.30 -1.97 -2.82
C SER A 86 8.57 -2.84 -2.84
N THR A 87 8.70 -3.70 -3.85
CA THR A 87 9.86 -4.59 -3.99
C THR A 87 10.23 -4.76 -5.47
N VAL A 88 9.59 -5.72 -6.15
CA VAL A 88 9.96 -6.16 -7.49
C VAL A 88 9.95 -5.01 -8.49
N ASP A 89 8.97 -4.11 -8.36
CA ASP A 89 8.86 -2.88 -9.10
C ASP A 89 8.22 -1.86 -8.18
N ASP A 90 8.41 -0.57 -8.45
CA ASP A 90 7.81 0.52 -7.70
C ASP A 90 6.30 0.34 -7.60
N ASP A 91 5.63 0.04 -8.70
CA ASP A 91 4.17 0.06 -8.78
C ASP A 91 3.59 -1.30 -8.37
N HIS A 92 4.11 -1.85 -7.27
CA HIS A 92 3.63 -3.08 -6.66
C HIS A 92 3.94 -2.99 -5.17
N PHE A 93 3.01 -3.34 -4.27
CA PHE A 93 3.23 -3.16 -2.84
C PHE A 93 2.86 -4.38 -2.01
N LYS A 94 3.47 -4.46 -0.82
CA LYS A 94 3.14 -5.39 0.25
C LYS A 94 3.20 -4.58 1.55
N SER A 95 2.67 -5.13 2.64
CA SER A 95 2.52 -4.44 3.93
C SER A 95 3.62 -4.85 4.92
N THR A 96 3.84 -4.00 5.92
CA THR A 96 4.66 -4.28 7.09
C THR A 96 4.16 -5.55 7.77
N ASP A 97 2.89 -5.52 8.19
CA ASP A 97 2.21 -6.59 8.89
C ASP A 97 0.89 -6.90 8.18
N ALA A 98 0.39 -8.13 8.33
CA ALA A 98 -0.83 -8.62 7.69
C ALA A 98 -1.99 -8.70 8.68
N GLU A 99 -2.05 -7.74 9.61
CA GLU A 99 -3.15 -7.58 10.56
C GLU A 99 -3.45 -6.09 10.69
N ARG B 1 15.80 -3.96 -6.52
CA ARG B 1 15.01 -2.74 -6.26
C ARG B 1 14.47 -2.79 -4.82
N ILE B 2 14.64 -1.68 -4.06
CA ILE B 2 14.31 -1.54 -2.65
C ILE B 2 15.12 -2.52 -1.78
N GLN B 3 14.83 -3.81 -1.88
CA GLN B 3 15.48 -4.91 -1.20
C GLN B 3 15.25 -4.88 0.31
N ARG B 4 15.82 -3.90 1.02
CA ARG B 4 15.69 -3.74 2.47
C ARG B 4 14.34 -3.12 2.83
N ASN B 5 13.27 -3.75 2.34
CA ASN B 5 11.91 -3.25 2.35
C ASN B 5 11.28 -3.15 3.74
N LYS B 6 10.99 -4.27 4.40
CA LYS B 6 10.43 -4.26 5.75
C LYS B 6 11.29 -3.43 6.70
N ALA B 7 12.63 -3.54 6.58
CA ALA B 7 13.55 -2.71 7.34
C ALA B 7 13.23 -1.23 7.14
N ALA B 8 13.29 -0.75 5.88
CA ALA B 8 13.03 0.64 5.57
C ALA B 8 11.65 1.06 6.11
N ALA B 9 10.62 0.29 5.78
CA ALA B 9 9.25 0.61 6.17
C ALA B 9 9.10 0.68 7.69
N LEU B 10 9.54 -0.35 8.41
CA LEU B 10 9.45 -0.39 9.86
C LEU B 10 10.19 0.82 10.46
N LEU B 11 11.44 1.04 10.04
CA LEU B 11 12.23 2.16 10.53
C LEU B 11 11.51 3.48 10.24
N ARG B 12 10.94 3.65 9.05
CA ARG B 12 10.23 4.85 8.67
C ARG B 12 8.96 5.04 9.52
N LEU B 13 8.21 3.97 9.73
CA LEU B 13 7.01 3.96 10.57
C LEU B 13 7.40 4.43 11.97
N ALA B 14 8.43 3.81 12.55
CA ALA B 14 8.92 4.17 13.87
C ALA B 14 9.35 5.64 13.88
N ALA B 15 10.34 5.99 13.07
CA ALA B 15 10.86 7.35 12.97
C ALA B 15 9.95 8.21 12.09
N ARG B 16 8.67 8.28 12.42
CA ARG B 16 7.71 9.06 11.66
C ARG B 16 8.08 10.54 11.66
N ALA A 31 -12.55 7.62 13.13
CA ALA A 31 -13.25 6.42 13.59
C ALA A 31 -13.31 5.40 12.44
N ASN A 32 -12.14 4.82 12.14
CA ASN A 32 -11.84 4.00 10.98
C ASN A 32 -10.36 3.60 11.06
N GLY A 33 -9.50 4.53 11.47
CA GLY A 33 -8.06 4.39 11.44
C GLY A 33 -7.47 5.51 10.58
N LEU A 34 -7.93 5.59 9.32
CA LEU A 34 -7.48 6.55 8.34
C LEU A 34 -8.73 7.12 7.65
N THR A 35 -8.56 7.75 6.50
CA THR A 35 -9.67 8.13 5.65
C THR A 35 -10.15 6.86 4.95
N VAL A 36 -11.43 6.50 5.14
CA VAL A 36 -12.08 5.28 4.66
C VAL A 36 -11.48 4.75 3.36
N ALA A 37 -11.53 5.53 2.28
CA ALA A 37 -11.04 5.09 0.97
C ALA A 37 -9.57 4.64 1.01
N GLN A 38 -8.70 5.43 1.64
CA GLN A 38 -7.29 5.06 1.72
C GLN A 38 -7.16 3.80 2.60
N ASN A 39 -7.92 3.72 3.70
CA ASN A 39 -7.92 2.52 4.52
C ASN A 39 -8.39 1.31 3.71
N GLN A 40 -9.37 1.49 2.84
CA GLN A 40 -9.88 0.47 1.93
C GLN A 40 -8.78 0.04 0.96
N VAL A 41 -8.11 0.98 0.28
CA VAL A 41 -6.95 0.68 -0.56
C VAL A 41 -5.94 -0.17 0.23
N LEU A 42 -5.54 0.34 1.40
CA LEU A 42 -4.66 -0.37 2.32
C LEU A 42 -5.17 -1.79 2.57
N ASN A 43 -6.45 -1.93 2.95
CA ASN A 43 -7.07 -3.21 3.24
C ASN A 43 -6.98 -4.16 2.05
N LEU A 44 -7.25 -3.69 0.83
CA LEU A 44 -7.03 -4.51 -0.36
C LEU A 44 -5.56 -4.95 -0.40
N ILE A 45 -4.63 -4.01 -0.24
CA ILE A 45 -3.20 -4.33 -0.27
C ILE A 45 -2.81 -5.34 0.84
N LYS A 46 -3.42 -5.25 2.03
CA LYS A 46 -3.25 -6.26 3.07
C LYS A 46 -3.78 -7.61 2.59
N ALA A 47 -5.03 -7.62 2.12
CA ALA A 47 -5.74 -8.84 1.75
C ALA A 47 -5.04 -9.60 0.64
N CYS A 48 -4.36 -8.87 -0.27
CA CYS A 48 -3.63 -9.40 -1.42
C CYS A 48 -3.03 -10.81 -1.20
N PRO A 49 -3.67 -11.87 -1.73
CA PRO A 49 -3.14 -13.21 -1.59
C PRO A 49 -1.90 -13.41 -2.46
N ARG A 50 -1.76 -12.65 -3.56
CA ARG A 50 -0.68 -12.82 -4.51
C ARG A 50 0.68 -12.63 -3.83
N PRO A 51 1.57 -13.63 -3.80
CA PRO A 51 2.92 -13.50 -3.27
C PRO A 51 3.65 -12.29 -3.83
N GLU A 52 3.53 -12.05 -5.14
CA GLU A 52 4.19 -10.94 -5.82
C GLU A 52 3.65 -9.57 -5.39
N GLY A 53 2.57 -9.50 -4.61
CA GLY A 53 1.96 -8.24 -4.23
C GLY A 53 0.87 -7.82 -5.21
N LEU A 54 0.17 -6.73 -4.91
CA LEU A 54 -1.03 -6.30 -5.61
C LEU A 54 -0.68 -5.23 -6.63
N ASN A 55 -1.08 -5.40 -7.89
CA ASN A 55 -0.85 -4.35 -8.88
C ASN A 55 -1.83 -3.20 -8.65
N PHE A 56 -1.34 -2.00 -8.94
CA PHE A 56 -2.13 -0.78 -8.99
C PHE A 56 -3.38 -1.00 -9.85
N GLN A 57 -3.22 -1.66 -10.99
CA GLN A 57 -4.36 -1.99 -11.85
C GLN A 57 -5.32 -2.97 -11.19
N ASP A 58 -4.85 -3.92 -10.38
CA ASP A 58 -5.76 -4.79 -9.64
C ASP A 58 -6.56 -3.93 -8.67
N LEU A 59 -5.85 -3.06 -7.96
CA LEU A 59 -6.44 -2.14 -7.00
C LEU A 59 -7.56 -1.36 -7.68
N LYS A 60 -7.22 -0.63 -8.74
CA LYS A 60 -8.11 0.15 -9.56
C LYS A 60 -9.29 -0.69 -10.06
N ASN A 61 -9.03 -1.88 -10.61
CA ASN A 61 -10.09 -2.73 -11.13
C ASN A 61 -11.08 -3.12 -10.03
N GLN A 62 -10.59 -3.42 -8.82
CA GLN A 62 -11.48 -3.71 -7.70
C GLN A 62 -12.22 -2.45 -7.29
N LEU A 63 -11.50 -1.40 -6.89
CA LEU A 63 -12.09 -0.18 -6.38
C LEU A 63 -12.37 0.75 -7.57
N LYS A 64 -13.35 0.36 -8.39
CA LYS A 64 -13.73 1.07 -9.61
C LYS A 64 -13.90 2.57 -9.40
N HIS A 65 -14.48 2.96 -8.26
CA HIS A 65 -14.75 4.35 -7.94
C HIS A 65 -13.47 5.17 -7.69
N MET A 66 -12.36 4.52 -7.35
CA MET A 66 -11.09 5.17 -7.10
C MET A 66 -10.35 5.29 -8.43
N SER A 67 -10.51 6.44 -9.08
CA SER A 67 -9.76 6.82 -10.26
C SER A 67 -8.25 6.65 -10.07
N VAL A 68 -7.51 6.60 -11.19
CA VAL A 68 -6.06 6.41 -11.17
C VAL A 68 -5.41 7.43 -10.22
N SER A 69 -5.83 8.69 -10.32
CA SER A 69 -5.40 9.79 -9.47
C SER A 69 -5.67 9.49 -8.00
N SER A 70 -6.87 9.02 -7.68
CA SER A 70 -7.27 8.65 -6.33
C SER A 70 -6.33 7.56 -5.80
N ILE A 71 -6.13 6.49 -6.57
CA ILE A 71 -5.20 5.44 -6.18
C ILE A 71 -3.77 5.96 -6.09
N LYS A 72 -3.35 6.88 -6.97
CA LYS A 72 -2.01 7.47 -6.91
C LYS A 72 -1.82 8.16 -5.57
N GLN A 73 -2.74 9.05 -5.22
CA GLN A 73 -2.74 9.74 -3.94
C GLN A 73 -2.74 8.73 -2.79
N ALA A 74 -3.64 7.72 -2.85
CA ALA A 74 -3.69 6.68 -1.82
C ALA A 74 -2.33 6.00 -1.66
N VAL A 75 -1.77 5.47 -2.76
CA VAL A 75 -0.45 4.86 -2.80
C VAL A 75 0.57 5.80 -2.14
N ASP A 76 0.64 7.06 -2.60
CA ASP A 76 1.58 8.02 -2.06
C ASP A 76 1.42 8.15 -0.55
N PHE A 77 0.21 8.44 -0.09
CA PHE A 77 -0.09 8.61 1.32
C PHE A 77 0.33 7.37 2.11
N LEU A 78 -0.23 6.22 1.76
CA LEU A 78 0.02 4.96 2.44
C LEU A 78 1.52 4.63 2.45
N SER A 79 2.21 4.86 1.33
CA SER A 79 3.66 4.68 1.26
C SER A 79 4.34 5.61 2.27
N ASN A 80 4.06 6.91 2.24
CA ASN A 80 4.65 7.86 3.16
C ASN A 80 4.41 7.43 4.61
N GLU A 81 3.18 7.01 4.92
CA GLU A 81 2.81 6.55 6.25
C GLU A 81 3.42 5.18 6.60
N GLY A 82 4.20 4.56 5.71
CA GLY A 82 4.80 3.26 5.97
C GLY A 82 3.75 2.14 6.07
N HIS A 83 2.57 2.37 5.50
CA HIS A 83 1.48 1.42 5.54
C HIS A 83 1.62 0.38 4.43
N ILE A 84 2.20 0.77 3.29
CA ILE A 84 2.50 -0.13 2.18
C ILE A 84 3.95 0.05 1.74
N TYR A 85 4.42 -0.94 0.97
CA TYR A 85 5.68 -0.88 0.26
C TYR A 85 5.55 -1.69 -1.03
N SER A 86 6.47 -1.47 -1.96
CA SER A 86 6.54 -2.17 -3.23
C SER A 86 7.40 -3.43 -3.09
N THR A 87 7.02 -4.53 -3.74
CA THR A 87 7.76 -5.78 -3.69
C THR A 87 8.73 -5.91 -4.87
N VAL A 88 8.24 -6.42 -6.00
CA VAL A 88 9.05 -6.81 -7.15
C VAL A 88 9.39 -5.60 -8.02
N ASP A 89 8.48 -4.62 -8.08
CA ASP A 89 8.65 -3.34 -8.74
C ASP A 89 7.62 -2.40 -8.13
N ASP A 90 7.64 -1.13 -8.55
CA ASP A 90 6.77 -0.09 -8.02
C ASP A 90 5.32 -0.55 -7.92
N ASP A 91 4.73 -0.95 -9.06
CA ASP A 91 3.30 -1.24 -9.14
C ASP A 91 3.03 -2.68 -8.75
N HIS A 92 3.52 -3.08 -7.58
CA HIS A 92 3.23 -4.33 -6.89
C HIS A 92 3.36 -4.05 -5.40
N PHE A 93 2.27 -3.62 -4.74
CA PHE A 93 2.36 -3.22 -3.33
C PHE A 93 1.93 -4.35 -2.40
N LYS A 94 2.52 -4.38 -1.21
CA LYS A 94 2.13 -5.23 -0.09
C LYS A 94 2.27 -4.39 1.17
N SER A 95 1.57 -4.79 2.24
CA SER A 95 1.55 -4.05 3.50
C SER A 95 2.62 -4.59 4.45
N THR A 96 2.84 -3.83 5.53
CA THR A 96 3.73 -4.17 6.63
C THR A 96 2.95 -5.10 7.58
N ASP A 97 2.92 -4.79 8.87
CA ASP A 97 2.28 -5.49 9.97
C ASP A 97 2.82 -6.92 10.19
N ALA A 98 2.77 -7.79 9.18
CA ALA A 98 3.26 -9.16 9.25
C ALA A 98 4.80 -9.18 9.20
N GLU A 99 5.43 -8.60 10.22
CA GLU A 99 6.89 -8.63 10.36
C GLU A 99 7.36 -10.05 10.66
N ARG B 1 13.35 2.75 -4.84
CA ARG B 1 13.99 1.42 -4.94
C ARG B 1 13.52 0.52 -3.80
N ILE B 2 13.29 -0.77 -4.09
CA ILE B 2 12.72 -1.73 -3.15
C ILE B 2 13.49 -1.72 -1.83
N GLN B 3 14.79 -2.04 -1.88
CA GLN B 3 15.66 -2.06 -0.70
C GLN B 3 15.06 -2.99 0.37
N ARG B 4 15.28 -2.71 1.65
CA ARG B 4 14.69 -3.47 2.75
C ARG B 4 13.22 -3.08 2.97
N ASN B 5 12.43 -3.15 1.91
CA ASN B 5 11.07 -2.64 1.80
C ASN B 5 10.21 -2.73 3.06
N LYS B 6 10.00 -3.93 3.62
CA LYS B 6 9.16 -4.08 4.80
C LYS B 6 9.78 -3.36 6.00
N ALA B 7 11.11 -3.43 6.18
CA ALA B 7 11.78 -2.75 7.26
C ALA B 7 11.68 -1.23 7.06
N ALA B 8 11.84 -0.76 5.83
CA ALA B 8 11.65 0.64 5.50
C ALA B 8 10.23 1.07 5.87
N ALA B 9 9.23 0.24 5.52
CA ALA B 9 7.85 0.49 5.89
C ALA B 9 7.69 0.57 7.41
N LEU B 10 8.27 -0.38 8.15
CA LEU B 10 8.26 -0.35 9.61
C LEU B 10 8.83 0.98 10.12
N LEU B 11 10.02 1.37 9.64
CA LEU B 11 10.65 2.62 10.02
C LEU B 11 9.74 3.80 9.73
N ARG B 12 9.21 3.89 8.51
CA ARG B 12 8.25 4.91 8.11
C ARG B 12 7.07 4.94 9.08
N LEU B 13 6.45 3.78 9.35
CA LEU B 13 5.30 3.62 10.24
C LEU B 13 5.62 4.12 11.65
N ALA B 14 6.82 3.79 12.14
CA ALA B 14 7.27 4.26 13.45
C ALA B 14 7.41 5.78 13.45
N ALA B 15 8.04 6.33 12.41
CA ALA B 15 8.36 7.75 12.34
C ALA B 15 7.11 8.60 12.11
N ARG B 16 6.46 8.42 10.95
CA ARG B 16 5.38 9.27 10.42
C ARG B 16 5.52 10.74 10.83
N ALA A 31 -10.21 4.40 15.00
CA ALA A 31 -10.74 3.17 14.39
C ALA A 31 -10.28 2.97 12.95
N ASN A 32 -10.92 3.66 12.01
CA ASN A 32 -10.54 3.65 10.61
C ASN A 32 -9.20 4.37 10.42
N GLY A 33 -8.94 5.39 11.24
CA GLY A 33 -7.65 6.06 11.35
C GLY A 33 -7.40 7.02 10.19
N LEU A 34 -7.30 6.47 8.98
CA LEU A 34 -7.08 7.21 7.75
C LEU A 34 -8.48 7.60 7.20
N THR A 35 -8.58 8.02 5.94
CA THR A 35 -9.91 8.15 5.33
C THR A 35 -10.47 6.74 5.09
N VAL A 36 -11.78 6.62 4.88
CA VAL A 36 -12.40 5.34 4.58
C VAL A 36 -11.82 4.77 3.28
N ALA A 37 -11.55 5.64 2.30
CA ALA A 37 -10.93 5.23 1.04
C ALA A 37 -9.49 4.77 1.26
N GLN A 38 -8.64 5.58 1.90
CA GLN A 38 -7.27 5.17 2.16
C GLN A 38 -7.24 3.85 2.92
N ASN A 39 -8.06 3.74 3.98
CA ASN A 39 -8.19 2.53 4.78
C ASN A 39 -8.59 1.34 3.90
N GLN A 40 -9.59 1.51 3.03
CA GLN A 40 -9.96 0.51 2.04
C GLN A 40 -8.78 0.12 1.15
N VAL A 41 -8.14 1.08 0.48
CA VAL A 41 -7.00 0.82 -0.41
C VAL A 41 -5.95 0.00 0.34
N LEU A 42 -5.51 0.52 1.49
CA LEU A 42 -4.61 -0.15 2.42
C LEU A 42 -5.08 -1.59 2.69
N ASN A 43 -6.36 -1.77 3.02
CA ASN A 43 -6.95 -3.08 3.26
C ASN A 43 -6.82 -4.00 2.05
N LEU A 44 -7.17 -3.54 0.85
CA LEU A 44 -6.99 -4.35 -0.36
C LEU A 44 -5.52 -4.76 -0.47
N ILE A 45 -4.62 -3.77 -0.39
CA ILE A 45 -3.19 -4.00 -0.53
C ILE A 45 -2.68 -5.02 0.50
N LYS A 46 -3.06 -4.87 1.78
CA LYS A 46 -2.61 -5.78 2.83
C LYS A 46 -3.23 -7.17 2.65
N ALA A 47 -4.52 -7.22 2.32
CA ALA A 47 -5.26 -8.46 2.15
C ALA A 47 -4.67 -9.30 1.01
N CYS A 48 -4.29 -8.66 -0.10
CA CYS A 48 -3.76 -9.32 -1.28
C CYS A 48 -2.71 -10.41 -0.93
N PRO A 49 -3.04 -11.70 -1.06
CA PRO A 49 -2.17 -12.78 -0.63
C PRO A 49 -1.08 -13.10 -1.65
N ARG A 50 -1.15 -12.49 -2.85
CA ARG A 50 -0.24 -12.81 -3.93
C ARG A 50 1.17 -12.38 -3.54
N PRO A 51 2.18 -13.27 -3.56
CA PRO A 51 3.55 -12.94 -3.19
C PRO A 51 4.08 -11.66 -3.86
N GLU A 52 3.80 -11.48 -5.16
CA GLU A 52 4.25 -10.31 -5.90
C GLU A 52 3.62 -9.01 -5.40
N GLY A 53 2.53 -9.09 -4.63
CA GLY A 53 1.81 -7.93 -4.11
C GLY A 53 0.68 -7.51 -5.05
N LEU A 54 -0.07 -6.48 -4.66
CA LEU A 54 -1.24 -6.04 -5.42
C LEU A 54 -0.79 -5.00 -6.45
N ASN A 55 -1.08 -5.23 -7.73
CA ASN A 55 -0.78 -4.22 -8.74
C ASN A 55 -1.75 -3.05 -8.59
N PHE A 56 -1.24 -1.85 -8.87
CA PHE A 56 -1.98 -0.61 -9.02
C PHE A 56 -3.18 -0.85 -9.94
N GLN A 57 -2.96 -1.62 -11.01
CA GLN A 57 -3.99 -1.98 -11.97
C GLN A 57 -5.08 -2.83 -11.31
N ASP A 58 -4.73 -3.86 -10.54
CA ASP A 58 -5.71 -4.71 -9.86
C ASP A 58 -6.48 -3.88 -8.84
N LEU A 59 -5.73 -3.10 -8.05
CA LEU A 59 -6.24 -2.15 -7.09
C LEU A 59 -7.30 -1.27 -7.75
N LYS A 60 -6.95 -0.53 -8.81
CA LYS A 60 -7.88 0.39 -9.45
C LYS A 60 -9.06 -0.36 -10.07
N ASN A 61 -8.80 -1.52 -10.69
CA ASN A 61 -9.87 -2.34 -11.27
C ASN A 61 -10.89 -2.73 -10.21
N GLN A 62 -10.45 -3.04 -8.98
CA GLN A 62 -11.38 -3.26 -7.89
C GLN A 62 -12.05 -1.93 -7.51
N LEU A 63 -11.25 -0.95 -7.10
CA LEU A 63 -11.77 0.29 -6.55
C LEU A 63 -12.01 1.29 -7.68
N LYS A 64 -12.88 0.90 -8.62
CA LYS A 64 -13.23 1.68 -9.81
C LYS A 64 -13.60 3.13 -9.49
N HIS A 65 -14.15 3.36 -8.30
CA HIS A 65 -14.60 4.69 -7.89
C HIS A 65 -13.42 5.63 -7.70
N MET A 66 -12.23 5.13 -7.34
CA MET A 66 -11.05 5.98 -7.26
C MET A 66 -10.31 6.00 -8.60
N SER A 67 -10.32 7.16 -9.25
CA SER A 67 -9.54 7.43 -10.44
C SER A 67 -8.04 7.25 -10.18
N VAL A 68 -7.28 6.97 -11.25
CA VAL A 68 -5.85 6.68 -11.18
C VAL A 68 -5.13 7.70 -10.31
N SER A 69 -5.31 8.99 -10.59
CA SER A 69 -4.72 10.09 -9.87
C SER A 69 -5.03 10.03 -8.37
N SER A 70 -6.25 9.63 -8.01
CA SER A 70 -6.68 9.51 -6.64
C SER A 70 -5.91 8.37 -5.98
N ILE A 71 -5.84 7.21 -6.65
CA ILE A 71 -5.02 6.11 -6.16
C ILE A 71 -3.54 6.52 -6.11
N LYS A 72 -3.05 7.35 -7.04
CA LYS A 72 -1.66 7.79 -7.00
C LYS A 72 -1.40 8.58 -5.72
N GLN A 73 -2.28 9.54 -5.41
CA GLN A 73 -2.23 10.29 -4.17
C GLN A 73 -2.32 9.34 -2.96
N ALA A 74 -3.27 8.40 -2.99
CA ALA A 74 -3.41 7.41 -1.92
C ALA A 74 -2.11 6.63 -1.73
N VAL A 75 -1.54 6.09 -2.81
CA VAL A 75 -0.27 5.37 -2.82
C VAL A 75 0.82 6.24 -2.22
N ASP A 76 1.00 7.46 -2.72
CA ASP A 76 1.97 8.41 -2.19
C ASP A 76 1.80 8.54 -0.68
N PHE A 77 0.59 8.90 -0.23
CA PHE A 77 0.29 9.05 1.18
C PHE A 77 0.66 7.79 1.97
N LEU A 78 0.03 6.67 1.63
CA LEU A 78 0.22 5.40 2.32
C LEU A 78 1.69 4.95 2.29
N SER A 79 2.43 5.30 1.24
CA SER A 79 3.87 5.03 1.19
C SER A 79 4.59 5.92 2.21
N ASN A 80 4.37 7.24 2.13
CA ASN A 80 5.03 8.23 2.97
C ASN A 80 4.76 7.96 4.45
N GLU A 81 3.51 7.62 4.80
CA GLU A 81 3.11 7.27 6.16
C GLU A 81 3.69 5.93 6.62
N GLY A 82 4.38 5.19 5.75
CA GLY A 82 4.90 3.88 6.13
C GLY A 82 3.73 2.94 6.41
N HIS A 83 2.76 2.89 5.50
CA HIS A 83 1.66 1.94 5.56
C HIS A 83 1.84 0.89 4.47
N ILE A 84 1.92 1.32 3.22
CA ILE A 84 2.25 0.44 2.10
C ILE A 84 3.70 0.66 1.68
N TYR A 85 4.20 -0.24 0.84
CA TYR A 85 5.46 -0.10 0.15
C TYR A 85 5.37 -0.88 -1.14
N SER A 86 6.29 -0.60 -2.07
CA SER A 86 6.33 -1.24 -3.37
C SER A 86 7.17 -2.51 -3.28
N THR A 87 6.77 -3.57 -3.99
CA THR A 87 7.37 -4.90 -3.85
C THR A 87 8.30 -5.20 -5.03
N VAL A 88 7.85 -6.02 -5.98
CA VAL A 88 8.67 -6.57 -7.04
C VAL A 88 9.05 -5.49 -8.05
N ASP A 89 8.17 -4.50 -8.22
CA ASP A 89 8.33 -3.34 -9.08
C ASP A 89 7.33 -2.32 -8.56
N ASP A 90 7.56 -1.03 -8.83
CA ASP A 90 6.77 0.06 -8.24
C ASP A 90 5.31 0.14 -8.71
N ASP A 91 4.85 -0.80 -9.55
CA ASP A 91 3.43 -0.94 -9.85
C ASP A 91 2.76 -1.86 -8.83
N HIS A 92 3.53 -2.70 -8.12
CA HIS A 92 3.05 -3.67 -7.16
C HIS A 92 3.29 -3.15 -5.74
N PHE A 93 2.28 -3.18 -4.86
CA PHE A 93 2.41 -2.77 -3.47
C PHE A 93 1.95 -3.87 -2.51
N LYS A 94 2.52 -3.87 -1.30
CA LYS A 94 2.08 -4.66 -0.15
C LYS A 94 2.20 -3.79 1.09
N SER A 95 1.61 -4.25 2.20
CA SER A 95 1.48 -3.46 3.41
C SER A 95 2.52 -3.86 4.47
N THR A 96 2.75 -2.94 5.40
CA THR A 96 3.51 -3.17 6.61
C THR A 96 2.75 -4.21 7.43
N ASP A 97 1.57 -3.83 7.89
CA ASP A 97 0.62 -4.69 8.59
C ASP A 97 -0.05 -5.65 7.58
N ALA A 98 0.75 -6.53 6.98
CA ALA A 98 0.27 -7.54 6.04
C ALA A 98 -0.87 -8.38 6.66
N GLU A 99 -0.71 -8.76 7.93
CA GLU A 99 -1.73 -9.48 8.66
C GLU A 99 -3.04 -8.68 8.70
N ARG B 1 16.28 -4.81 -7.49
CA ARG B 1 15.18 -3.97 -8.01
C ARG B 1 14.52 -3.12 -6.91
N ILE B 2 14.56 -3.58 -5.66
CA ILE B 2 13.85 -2.94 -4.56
C ILE B 2 14.69 -2.98 -3.29
N GLN B 3 14.66 -1.89 -2.52
CA GLN B 3 15.23 -1.81 -1.18
C GLN B 3 14.41 -2.73 -0.26
N ARG B 4 14.83 -2.92 1.00
CA ARG B 4 14.05 -3.60 2.02
C ARG B 4 12.86 -2.72 2.40
N ASN B 5 11.93 -2.60 1.46
CA ASN B 5 10.84 -1.64 1.49
C ASN B 5 9.91 -1.82 2.68
N LYS B 6 9.65 -3.07 3.08
CA LYS B 6 8.90 -3.31 4.30
C LYS B 6 9.60 -2.74 5.52
N ALA B 7 10.93 -2.90 5.60
CA ALA B 7 11.70 -2.38 6.72
C ALA B 7 11.64 -0.85 6.69
N ALA B 8 11.88 -0.26 5.51
CA ALA B 8 11.79 1.18 5.33
C ALA B 8 10.44 1.70 5.82
N ALA B 9 9.34 1.13 5.33
CA ALA B 9 8.00 1.54 5.71
C ALA B 9 7.78 1.34 7.21
N LEU B 10 8.15 0.17 7.74
CA LEU B 10 8.03 -0.14 9.17
C LEU B 10 8.78 0.91 10.00
N LEU B 11 9.93 1.39 9.52
CA LEU B 11 10.63 2.49 10.16
C LEU B 11 9.70 3.71 10.22
N ARG B 12 9.26 4.23 9.06
CA ARG B 12 8.33 5.36 8.99
C ARG B 12 7.12 5.19 9.90
N LEU B 13 6.57 3.98 9.99
CA LEU B 13 5.40 3.67 10.81
C LEU B 13 5.62 4.01 12.29
N ALA B 14 6.87 4.17 12.75
CA ALA B 14 7.20 4.40 14.15
C ALA B 14 6.82 3.20 15.02
N ALA B 15 6.78 2.01 14.41
CA ALA B 15 6.46 0.76 15.10
C ALA B 15 7.65 0.33 15.95
N ARG B 16 7.88 1.04 17.05
CA ARG B 16 8.84 0.66 18.10
C ARG B 16 8.06 -0.04 19.22
N ALA A 31 -6.92 4.22 16.17
CA ALA A 31 -6.56 5.58 15.80
C ALA A 31 -6.26 5.68 14.30
N ASN A 32 -7.29 5.42 13.47
CA ASN A 32 -7.18 5.43 12.01
C ASN A 32 -7.07 6.88 11.52
N GLY A 33 -5.91 7.50 11.71
CA GLY A 33 -5.61 8.83 11.19
C GLY A 33 -5.32 8.79 9.69
N LEU A 34 -6.17 8.09 8.94
CA LEU A 34 -6.11 7.87 7.51
C LEU A 34 -7.54 8.12 7.02
N THR A 35 -7.77 8.46 5.76
CA THR A 35 -9.14 8.47 5.26
C THR A 35 -9.67 7.02 5.24
N VAL A 36 -10.99 6.86 5.27
CA VAL A 36 -11.65 5.58 5.07
C VAL A 36 -11.25 4.99 3.71
N ALA A 37 -11.03 5.84 2.70
CA ALA A 37 -10.51 5.40 1.40
C ALA A 37 -9.10 4.83 1.54
N GLN A 38 -8.18 5.58 2.13
CA GLN A 38 -6.81 5.09 2.34
C GLN A 38 -6.83 3.79 3.15
N ASN A 39 -7.60 3.75 4.24
CA ASN A 39 -7.83 2.54 5.03
C ASN A 39 -8.27 1.39 4.13
N GLN A 40 -9.27 1.60 3.29
CA GLN A 40 -9.77 0.61 2.34
C GLN A 40 -8.65 0.14 1.41
N VAL A 41 -7.98 1.05 0.70
CA VAL A 41 -6.89 0.72 -0.23
C VAL A 41 -5.84 -0.13 0.49
N LEU A 42 -5.36 0.39 1.62
CA LEU A 42 -4.46 -0.35 2.53
C LEU A 42 -5.01 -1.73 2.80
N ASN A 43 -6.29 -1.83 3.20
CA ASN A 43 -6.92 -3.11 3.50
C ASN A 43 -6.88 -4.05 2.31
N LEU A 44 -7.22 -3.61 1.10
CA LEU A 44 -7.09 -4.45 -0.09
C LEU A 44 -5.64 -4.92 -0.22
N ILE A 45 -4.69 -3.99 -0.21
CA ILE A 45 -3.27 -4.31 -0.40
C ILE A 45 -2.80 -5.33 0.65
N LYS A 46 -3.14 -5.12 1.93
CA LYS A 46 -2.67 -5.96 3.02
C LYS A 46 -3.39 -7.31 3.01
N ALA A 47 -4.69 -7.31 2.70
CA ALA A 47 -5.50 -8.52 2.72
C ALA A 47 -4.99 -9.52 1.67
N CYS A 48 -4.67 -9.05 0.47
CA CYS A 48 -4.29 -9.93 -0.63
C CYS A 48 -3.05 -10.77 -0.27
N PRO A 49 -3.17 -12.11 -0.13
CA PRO A 49 -2.11 -12.94 0.42
C PRO A 49 -1.14 -13.45 -0.66
N ARG A 50 -1.29 -13.03 -1.91
CA ARG A 50 -0.52 -13.61 -3.01
C ARG A 50 0.96 -13.23 -2.88
N PRO A 51 1.89 -14.08 -3.36
CA PRO A 51 3.29 -13.69 -3.51
C PRO A 51 3.36 -12.40 -4.32
N GLU A 52 2.65 -12.34 -5.45
CA GLU A 52 2.48 -11.13 -6.23
C GLU A 52 1.45 -10.18 -5.60
N GLY A 53 1.68 -9.85 -4.32
CA GLY A 53 1.03 -8.83 -3.52
C GLY A 53 -0.27 -8.29 -4.09
N LEU A 54 -0.30 -7.00 -4.42
CA LEU A 54 -1.39 -6.40 -5.16
C LEU A 54 -0.82 -5.31 -6.07
N ASN A 55 -1.06 -5.44 -7.38
CA ASN A 55 -0.60 -4.45 -8.34
C ASN A 55 -1.54 -3.26 -8.34
N PHE A 56 -1.04 -2.09 -8.73
CA PHE A 56 -1.88 -0.92 -8.96
C PHE A 56 -3.00 -1.30 -9.93
N GLN A 57 -2.68 -1.97 -11.04
CA GLN A 57 -3.69 -2.45 -11.98
C GLN A 57 -4.75 -3.34 -11.30
N ASP A 58 -4.36 -4.17 -10.33
CA ASP A 58 -5.31 -4.98 -9.59
C ASP A 58 -6.19 -4.05 -8.75
N LEU A 59 -5.57 -3.10 -8.07
CA LEU A 59 -6.24 -2.05 -7.30
C LEU A 59 -7.34 -1.40 -8.15
N LYS A 60 -6.99 -0.95 -9.37
CA LYS A 60 -7.97 -0.40 -10.30
C LYS A 60 -9.06 -1.41 -10.63
N ASN A 61 -8.67 -2.63 -11.01
CA ASN A 61 -9.62 -3.66 -11.42
C ASN A 61 -10.60 -4.00 -10.30
N GLN A 62 -10.17 -3.93 -9.04
CA GLN A 62 -11.07 -4.02 -7.90
C GLN A 62 -11.92 -2.74 -7.88
N LEU A 63 -11.29 -1.59 -7.65
CA LEU A 63 -11.99 -0.34 -7.39
C LEU A 63 -12.26 0.40 -8.69
N LYS A 64 -13.09 -0.19 -9.57
CA LYS A 64 -13.54 0.42 -10.83
C LYS A 64 -14.51 1.58 -10.58
N HIS A 65 -14.02 2.60 -9.88
CA HIS A 65 -14.67 3.85 -9.55
C HIS A 65 -13.64 4.89 -9.08
N MET A 66 -12.54 4.43 -8.48
CA MET A 66 -11.57 5.30 -7.84
C MET A 66 -10.54 5.79 -8.87
N SER A 67 -10.45 7.11 -9.04
CA SER A 67 -9.50 7.74 -9.94
C SER A 67 -8.06 7.33 -9.62
N VAL A 68 -7.26 7.10 -10.67
CA VAL A 68 -5.86 6.75 -10.53
C VAL A 68 -5.12 7.79 -9.69
N SER A 69 -5.47 9.07 -9.87
CA SER A 69 -4.94 10.18 -9.08
C SER A 69 -5.18 9.95 -7.58
N SER A 70 -6.43 9.65 -7.22
CA SER A 70 -6.81 9.35 -5.85
C SER A 70 -5.99 8.18 -5.32
N ILE A 71 -5.96 7.07 -6.06
CA ILE A 71 -5.20 5.90 -5.64
C ILE A 71 -3.70 6.20 -5.56
N LYS A 72 -3.15 7.02 -6.45
CA LYS A 72 -1.75 7.39 -6.42
C LYS A 72 -1.46 8.16 -5.13
N GLN A 73 -2.27 9.18 -4.84
CA GLN A 73 -2.14 9.94 -3.59
C GLN A 73 -2.27 8.99 -2.39
N ALA A 74 -3.26 8.10 -2.41
CA ALA A 74 -3.43 7.11 -1.35
C ALA A 74 -2.16 6.27 -1.19
N VAL A 75 -1.67 5.68 -2.29
CA VAL A 75 -0.45 4.88 -2.33
C VAL A 75 0.69 5.66 -1.70
N ASP A 76 0.97 6.86 -2.21
CA ASP A 76 2.07 7.69 -1.72
C ASP A 76 1.91 7.96 -0.22
N PHE A 77 0.72 8.41 0.18
CA PHE A 77 0.43 8.70 1.58
C PHE A 77 0.69 7.46 2.44
N LEU A 78 -0.03 6.36 2.20
CA LEU A 78 0.14 5.10 2.89
C LEU A 78 1.60 4.70 2.95
N SER A 79 2.32 4.81 1.83
CA SER A 79 3.72 4.46 1.82
C SER A 79 4.53 5.38 2.76
N ASN A 80 4.28 6.70 2.70
CA ASN A 80 4.93 7.66 3.58
C ASN A 80 4.60 7.40 5.06
N GLU A 81 3.35 7.02 5.36
CA GLU A 81 2.94 6.59 6.69
C GLU A 81 3.56 5.25 7.08
N GLY A 82 4.23 4.56 6.16
CA GLY A 82 4.84 3.28 6.42
C GLY A 82 3.79 2.19 6.55
N HIS A 83 2.78 2.19 5.68
CA HIS A 83 1.70 1.20 5.68
C HIS A 83 1.79 0.26 4.47
N ILE A 84 2.29 0.76 3.33
CA ILE A 84 2.55 -0.04 2.13
C ILE A 84 3.93 0.23 1.59
N TYR A 85 4.44 -0.68 0.77
CA TYR A 85 5.69 -0.51 0.05
C TYR A 85 5.61 -1.32 -1.24
N SER A 86 6.51 -1.02 -2.17
CA SER A 86 6.61 -1.68 -3.45
C SER A 86 7.54 -2.89 -3.35
N THR A 87 7.30 -3.91 -4.18
CA THR A 87 7.96 -5.21 -4.08
C THR A 87 8.67 -5.55 -5.38
N VAL A 88 8.03 -6.33 -6.24
CA VAL A 88 8.64 -6.82 -7.48
C VAL A 88 8.68 -5.72 -8.55
N ASP A 89 7.86 -4.67 -8.39
CA ASP A 89 7.85 -3.50 -9.25
C ASP A 89 7.35 -2.31 -8.43
N ASP A 90 7.74 -1.10 -8.83
CA ASP A 90 7.33 0.15 -8.21
C ASP A 90 5.83 0.22 -7.98
N ASP A 91 5.03 -0.23 -8.96
CA ASP A 91 3.58 -0.18 -8.91
C ASP A 91 2.97 -1.50 -8.46
N HIS A 92 3.77 -2.37 -7.82
CA HIS A 92 3.33 -3.64 -7.26
C HIS A 92 3.56 -3.62 -5.74
N PHE A 93 2.48 -3.41 -4.96
CA PHE A 93 2.58 -3.14 -3.54
C PHE A 93 2.23 -4.32 -2.65
N LYS A 94 2.74 -4.26 -1.41
CA LYS A 94 2.37 -5.11 -0.29
C LYS A 94 2.47 -4.26 0.97
N SER A 95 1.81 -4.70 2.05
CA SER A 95 1.66 -3.91 3.26
C SER A 95 2.70 -4.27 4.32
N THR A 96 2.95 -3.32 5.22
CA THR A 96 3.72 -3.53 6.43
C THR A 96 3.05 -4.65 7.23
N ASP A 97 1.72 -4.68 7.22
CA ASP A 97 0.94 -5.73 7.86
C ASP A 97 0.59 -6.80 6.81
N ALA A 98 1.62 -7.37 6.19
CA ALA A 98 1.53 -8.47 5.24
C ALA A 98 2.93 -9.08 5.12
N GLU A 99 3.09 -10.08 4.24
CA GLU A 99 4.35 -10.79 4.09
C GLU A 99 5.46 -9.82 3.64
N ARG B 1 14.21 1.82 -0.68
CA ARG B 1 14.98 0.59 -0.40
C ARG B 1 14.17 -0.64 -0.81
N ILE B 2 14.08 -0.92 -2.11
CA ILE B 2 13.30 -2.05 -2.63
C ILE B 2 13.80 -3.37 -2.00
N GLN B 3 12.93 -4.38 -1.90
CA GLN B 3 13.19 -5.69 -1.29
C GLN B 3 13.36 -5.63 0.24
N ARG B 4 14.16 -4.69 0.76
CA ARG B 4 14.22 -4.42 2.19
C ARG B 4 12.86 -3.86 2.64
N ASN B 5 12.35 -2.95 1.82
CA ASN B 5 11.02 -2.33 1.77
C ASN B 5 10.21 -2.32 3.06
N LYS B 6 9.67 -3.46 3.51
CA LYS B 6 8.96 -3.56 4.79
C LYS B 6 9.76 -2.93 5.93
N ALA B 7 11.09 -3.09 5.92
CA ALA B 7 11.99 -2.41 6.86
C ALA B 7 11.82 -0.89 6.78
N ALA B 8 11.82 -0.33 5.57
CA ALA B 8 11.64 1.10 5.36
C ALA B 8 10.26 1.53 5.83
N ALA B 9 9.23 0.74 5.53
CA ALA B 9 7.87 1.04 5.97
C ALA B 9 7.79 1.05 7.49
N LEU B 10 8.29 0.01 8.16
CA LEU B 10 8.37 -0.02 9.62
C LEU B 10 9.13 1.20 10.15
N LEU B 11 10.28 1.52 9.55
CA LEU B 11 11.04 2.70 9.92
C LEU B 11 10.19 3.97 9.83
N ARG B 12 9.51 4.19 8.70
CA ARG B 12 8.60 5.32 8.54
C ARG B 12 7.52 5.32 9.63
N LEU B 13 6.86 4.18 9.85
CA LEU B 13 5.80 4.04 10.83
C LEU B 13 6.31 4.45 12.21
N ALA B 14 7.46 3.90 12.62
CA ALA B 14 8.10 4.23 13.88
C ALA B 14 8.47 5.72 13.93
N ALA B 15 9.01 6.25 12.83
CA ALA B 15 9.47 7.61 12.63
C ALA B 15 10.72 7.90 13.48
N ARG B 16 10.55 7.91 14.80
CA ARG B 16 11.64 7.99 15.76
C ARG B 16 12.25 6.60 16.01
N ALA A 31 -10.97 9.89 11.92
CA ALA A 31 -12.06 9.10 11.36
C ALA A 31 -11.57 7.88 10.57
N ASN A 32 -11.16 6.84 11.31
CA ASN A 32 -10.60 5.56 10.90
C ASN A 32 -9.06 5.61 10.85
N GLY A 33 -8.44 6.45 11.68
CA GLY A 33 -6.99 6.58 11.78
C GLY A 33 -6.42 7.32 10.57
N LEU A 34 -6.56 6.71 9.40
CA LEU A 34 -6.31 7.31 8.10
C LEU A 34 -7.65 7.88 7.63
N THR A 35 -7.77 8.43 6.42
CA THR A 35 -9.11 8.73 5.91
C THR A 35 -9.87 7.42 5.74
N VAL A 36 -11.20 7.47 5.68
CA VAL A 36 -12.02 6.30 5.38
C VAL A 36 -11.52 5.63 4.09
N ALA A 37 -11.22 6.43 3.07
CA ALA A 37 -10.73 5.95 1.78
C ALA A 37 -9.35 5.29 1.93
N GLN A 38 -8.37 5.98 2.51
CA GLN A 38 -7.04 5.40 2.68
C GLN A 38 -7.13 4.09 3.50
N ASN A 39 -7.90 4.12 4.59
CA ASN A 39 -8.13 2.96 5.44
C ASN A 39 -8.70 1.81 4.61
N GLN A 40 -9.74 2.07 3.82
CA GLN A 40 -10.32 1.11 2.89
C GLN A 40 -9.28 0.57 1.91
N VAL A 41 -8.58 1.45 1.18
CA VAL A 41 -7.56 1.03 0.20
C VAL A 41 -6.53 0.12 0.88
N LEU A 42 -5.99 0.57 2.02
CA LEU A 42 -5.07 -0.23 2.83
C LEU A 42 -5.69 -1.59 3.13
N ASN A 43 -6.91 -1.62 3.65
CA ASN A 43 -7.64 -2.86 3.92
C ASN A 43 -7.68 -3.76 2.70
N LEU A 44 -8.05 -3.23 1.52
CA LEU A 44 -8.02 -3.99 0.28
C LEU A 44 -6.62 -4.55 0.02
N ILE A 45 -5.58 -3.72 0.10
CA ILE A 45 -4.20 -4.17 -0.10
C ILE A 45 -3.89 -5.33 0.86
N LYS A 46 -4.23 -5.17 2.14
CA LYS A 46 -3.92 -6.18 3.14
C LYS A 46 -4.67 -7.48 2.86
N ALA A 47 -5.97 -7.38 2.60
CA ALA A 47 -6.85 -8.52 2.46
C ALA A 47 -6.61 -9.28 1.17
N CYS A 48 -6.48 -8.54 0.06
CA CYS A 48 -6.28 -9.16 -1.26
C CYS A 48 -4.96 -9.95 -1.26
N PRO A 49 -4.94 -11.24 -1.63
CA PRO A 49 -3.76 -12.09 -1.56
C PRO A 49 -2.47 -11.40 -2.04
N ARG A 50 -1.46 -11.36 -1.16
CA ARG A 50 -0.16 -10.75 -1.41
C ARG A 50 0.95 -11.83 -1.45
N PRO A 51 1.14 -12.55 -2.57
CA PRO A 51 2.29 -13.41 -2.74
C PRO A 51 3.51 -12.53 -3.03
N GLU A 52 3.79 -12.26 -4.31
CA GLU A 52 4.77 -11.27 -4.75
C GLU A 52 4.36 -9.88 -4.23
N GLY A 53 3.05 -9.65 -4.23
CA GLY A 53 2.38 -8.45 -3.77
C GLY A 53 1.16 -8.22 -4.64
N LEU A 54 0.63 -7.00 -4.61
CA LEU A 54 -0.53 -6.57 -5.35
C LEU A 54 -0.08 -5.46 -6.30
N ASN A 55 -0.35 -5.61 -7.60
CA ASN A 55 0.01 -4.57 -8.55
C ASN A 55 -0.95 -3.40 -8.40
N PHE A 56 -0.45 -2.19 -8.68
CA PHE A 56 -1.27 -1.00 -8.80
C PHE A 56 -2.41 -1.26 -9.79
N GLN A 57 -2.10 -1.91 -10.91
CA GLN A 57 -3.09 -2.37 -11.87
C GLN A 57 -4.20 -3.19 -11.19
N ASP A 58 -3.84 -4.09 -10.27
CA ASP A 58 -4.82 -4.91 -9.56
C ASP A 58 -5.66 -4.01 -8.66
N LEU A 59 -5.01 -3.06 -7.99
CA LEU A 59 -5.69 -2.03 -7.20
C LEU A 59 -6.77 -1.37 -8.04
N LYS A 60 -6.40 -0.84 -9.22
CA LYS A 60 -7.37 -0.23 -10.14
C LYS A 60 -8.46 -1.23 -10.51
N ASN A 61 -8.08 -2.43 -10.95
CA ASN A 61 -9.04 -3.42 -11.42
C ASN A 61 -10.07 -3.75 -10.35
N GLN A 62 -9.67 -3.79 -9.08
CA GLN A 62 -10.64 -3.87 -8.01
C GLN A 62 -11.42 -2.56 -7.93
N LEU A 63 -10.75 -1.46 -7.57
CA LEU A 63 -11.40 -0.20 -7.25
C LEU A 63 -11.55 0.68 -8.49
N LYS A 64 -12.18 0.14 -9.54
CA LYS A 64 -12.33 0.84 -10.82
C LYS A 64 -12.91 2.24 -10.65
N HIS A 65 -13.87 2.37 -9.73
CA HIS A 65 -14.58 3.61 -9.46
C HIS A 65 -13.68 4.68 -8.81
N MET A 66 -12.57 4.29 -8.16
CA MET A 66 -11.70 5.25 -7.50
C MET A 66 -10.66 5.74 -8.49
N SER A 67 -10.66 7.05 -8.77
CA SER A 67 -9.77 7.68 -9.72
C SER A 67 -8.30 7.39 -9.39
N VAL A 68 -7.50 7.11 -10.43
CA VAL A 68 -6.12 6.70 -10.26
C VAL A 68 -5.33 7.77 -9.52
N SER A 69 -5.64 9.06 -9.73
CA SER A 69 -5.05 10.15 -8.99
C SER A 69 -5.25 9.95 -7.48
N SER A 70 -6.50 9.69 -7.08
CA SER A 70 -6.86 9.42 -5.70
C SER A 70 -6.07 8.21 -5.18
N ILE A 71 -6.08 7.10 -5.93
CA ILE A 71 -5.40 5.88 -5.53
C ILE A 71 -3.87 6.06 -5.51
N LYS A 72 -3.31 6.90 -6.38
CA LYS A 72 -1.89 7.22 -6.41
C LYS A 72 -1.54 7.98 -5.13
N GLN A 73 -2.34 8.99 -4.78
CA GLN A 73 -2.20 9.71 -3.53
C GLN A 73 -2.35 8.75 -2.34
N ALA A 74 -3.30 7.81 -2.40
CA ALA A 74 -3.45 6.78 -1.39
C ALA A 74 -2.14 5.97 -1.26
N VAL A 75 -1.63 5.42 -2.35
CA VAL A 75 -0.34 4.74 -2.38
C VAL A 75 0.73 5.62 -1.72
N ASP A 76 0.91 6.84 -2.20
CA ASP A 76 1.93 7.76 -1.69
C ASP A 76 1.80 7.90 -0.18
N PHE A 77 0.59 8.24 0.29
CA PHE A 77 0.30 8.41 1.70
C PHE A 77 0.64 7.14 2.48
N LEU A 78 0.03 6.01 2.11
CA LEU A 78 0.23 4.73 2.78
C LEU A 78 1.71 4.33 2.80
N SER A 79 2.43 4.66 1.74
CA SER A 79 3.87 4.47 1.66
C SER A 79 4.57 5.40 2.67
N ASN A 80 4.28 6.71 2.66
CA ASN A 80 4.90 7.65 3.59
C ASN A 80 4.65 7.25 5.04
N GLU A 81 3.42 6.82 5.35
CA GLU A 81 3.04 6.31 6.66
C GLU A 81 3.57 4.88 6.91
N GLY A 82 4.37 4.33 6.00
CA GLY A 82 5.07 3.07 6.17
C GLY A 82 4.15 1.87 6.31
N HIS A 83 2.91 1.96 5.82
CA HIS A 83 2.02 0.81 5.81
C HIS A 83 2.45 -0.12 4.69
N ILE A 84 2.54 0.42 3.47
CA ILE A 84 2.87 -0.35 2.28
C ILE A 84 4.30 -0.09 1.82
N TYR A 85 4.83 -1.03 1.05
CA TYR A 85 6.11 -0.91 0.39
C TYR A 85 6.09 -1.73 -0.88
N SER A 86 6.98 -1.39 -1.79
CA SER A 86 7.07 -1.93 -3.14
C SER A 86 8.10 -3.07 -3.17
N THR A 87 7.77 -4.20 -3.81
CA THR A 87 8.57 -5.42 -3.74
C THR A 87 9.37 -5.67 -5.03
N VAL A 88 8.68 -6.11 -6.08
CA VAL A 88 9.27 -6.43 -7.37
C VAL A 88 9.29 -5.23 -8.31
N ASP A 89 8.46 -4.22 -8.05
CA ASP A 89 8.42 -3.01 -8.85
C ASP A 89 7.79 -1.91 -7.99
N ASP A 90 8.12 -0.65 -8.30
CA ASP A 90 7.56 0.54 -7.68
C ASP A 90 6.06 0.41 -7.47
N ASP A 91 5.35 -0.12 -8.48
CA ASP A 91 3.89 -0.24 -8.48
C ASP A 91 3.42 -1.66 -8.15
N HIS A 92 4.22 -2.44 -7.40
CA HIS A 92 3.85 -3.78 -6.92
C HIS A 92 4.04 -3.77 -5.40
N PHE A 93 2.95 -3.60 -4.65
CA PHE A 93 3.00 -3.34 -3.22
C PHE A 93 2.68 -4.55 -2.33
N LYS A 94 3.21 -4.51 -1.10
CA LYS A 94 2.87 -5.40 0.01
C LYS A 94 2.83 -4.53 1.27
N SER A 95 2.04 -4.95 2.27
CA SER A 95 1.85 -4.21 3.51
C SER A 95 2.83 -4.76 4.56
N THR A 96 3.65 -3.90 5.17
CA THR A 96 4.61 -4.34 6.19
C THR A 96 3.84 -4.80 7.43
N ASP A 97 2.87 -4.00 7.84
CA ASP A 97 1.87 -4.33 8.86
C ASP A 97 0.87 -5.29 8.23
N ALA A 98 1.34 -6.47 7.85
CA ALA A 98 0.61 -7.45 7.05
C ALA A 98 -0.78 -7.74 7.60
N GLU A 99 -0.89 -7.85 8.93
CA GLU A 99 -2.15 -7.93 9.65
C GLU A 99 -2.28 -6.67 10.51
N ARG B 1 12.80 -7.88 -5.98
CA ARG B 1 13.97 -7.18 -6.54
C ARG B 1 14.38 -5.98 -5.68
N ILE B 2 13.41 -5.20 -5.16
CA ILE B 2 13.71 -4.09 -4.28
C ILE B 2 14.01 -4.66 -2.89
N GLN B 3 15.17 -5.33 -2.77
CA GLN B 3 15.57 -6.04 -1.56
C GLN B 3 15.61 -5.11 -0.35
N ARG B 4 16.28 -3.95 -0.51
CA ARG B 4 16.43 -2.96 0.53
C ARG B 4 15.11 -2.20 0.72
N ASN B 5 14.08 -2.92 1.17
CA ASN B 5 12.78 -2.36 1.48
C ASN B 5 12.19 -3.13 2.66
N LYS B 6 10.96 -2.82 3.06
CA LYS B 6 10.33 -3.31 4.28
C LYS B 6 10.99 -2.69 5.51
N ALA B 7 12.31 -2.81 5.66
CA ALA B 7 13.08 -2.08 6.67
C ALA B 7 12.73 -0.59 6.58
N ALA B 8 12.79 -0.05 5.36
CA ALA B 8 12.35 1.30 5.07
C ALA B 8 10.90 1.52 5.52
N ALA B 9 10.03 0.55 5.26
CA ALA B 9 8.63 0.63 5.68
C ALA B 9 8.51 0.75 7.19
N LEU B 10 9.25 -0.06 7.95
CA LEU B 10 9.26 0.01 9.40
C LEU B 10 9.75 1.39 9.85
N LEU B 11 10.81 1.91 9.25
CA LEU B 11 11.29 3.26 9.53
C LEU B 11 10.16 4.28 9.30
N ARG B 12 9.60 4.26 8.08
CA ARG B 12 8.48 5.11 7.69
C ARG B 12 7.32 4.99 8.68
N LEU B 13 7.01 3.77 9.13
CA LEU B 13 5.91 3.49 10.05
C LEU B 13 6.21 4.07 11.43
N ALA B 14 7.46 3.92 11.90
CA ALA B 14 7.89 4.52 13.16
C ALA B 14 7.76 6.05 13.07
N ALA B 15 8.20 6.64 11.97
CA ALA B 15 8.07 8.08 11.74
C ALA B 15 6.60 8.51 11.68
N ARG B 16 5.77 7.73 10.99
CA ARG B 16 4.37 8.01 10.68
C ARG B 16 4.13 9.47 10.29
N ALA A 31 -9.81 6.40 16.38
CA ALA A 31 -8.56 6.43 15.66
C ALA A 31 -8.70 6.91 14.22
N ASN A 32 -9.38 6.12 13.38
CA ASN A 32 -9.46 6.28 11.93
C ASN A 32 -8.09 6.12 11.26
N GLY A 33 -7.14 7.01 11.58
CA GLY A 33 -5.80 7.00 11.04
C GLY A 33 -5.77 7.54 9.62
N LEU A 34 -6.45 6.84 8.71
CA LEU A 34 -6.42 7.08 7.28
C LEU A 34 -7.84 7.40 6.82
N THR A 35 -8.00 8.43 6.00
CA THR A 35 -9.32 8.81 5.53
C THR A 35 -9.85 7.75 4.55
N VAL A 36 -11.18 7.72 4.41
CA VAL A 36 -11.98 6.71 3.72
C VAL A 36 -11.23 6.02 2.57
N ALA A 37 -10.88 6.75 1.53
CA ALA A 37 -10.29 6.19 0.32
C ALA A 37 -8.99 5.46 0.62
N GLN A 38 -8.02 6.11 1.26
CA GLN A 38 -6.75 5.47 1.52
C GLN A 38 -6.96 4.26 2.43
N ASN A 39 -7.85 4.41 3.42
CA ASN A 39 -8.20 3.32 4.33
C ASN A 39 -8.70 2.12 3.52
N GLN A 40 -9.70 2.33 2.65
CA GLN A 40 -10.22 1.35 1.69
C GLN A 40 -9.10 0.70 0.88
N VAL A 41 -8.31 1.51 0.16
CA VAL A 41 -7.23 1.03 -0.68
C VAL A 41 -6.31 0.10 0.14
N LEU A 42 -5.80 0.62 1.26
CA LEU A 42 -4.96 -0.16 2.16
C LEU A 42 -5.67 -1.45 2.55
N ASN A 43 -6.91 -1.37 3.00
CA ASN A 43 -7.71 -2.53 3.40
C ASN A 43 -7.75 -3.57 2.29
N LEU A 44 -7.97 -3.17 1.04
CA LEU A 44 -7.88 -4.12 -0.07
C LEU A 44 -6.48 -4.73 -0.15
N ILE A 45 -5.43 -3.90 -0.17
CA ILE A 45 -4.06 -4.41 -0.31
C ILE A 45 -3.77 -5.42 0.80
N LYS A 46 -4.13 -5.10 2.04
CA LYS A 46 -4.02 -5.97 3.22
C LYS A 46 -4.77 -7.28 2.98
N ALA A 47 -6.06 -7.16 2.67
CA ALA A 47 -6.97 -8.30 2.59
C ALA A 47 -6.55 -9.28 1.51
N CYS A 48 -6.05 -8.77 0.37
CA CYS A 48 -5.71 -9.65 -0.76
C CYS A 48 -4.66 -10.70 -0.34
N PRO A 49 -4.94 -12.01 -0.51
CA PRO A 49 -4.00 -13.06 -0.15
C PRO A 49 -3.12 -13.38 -1.37
N ARG A 50 -2.58 -12.34 -2.03
CA ARG A 50 -1.90 -12.49 -3.32
C ARG A 50 -0.39 -12.37 -3.15
N PRO A 51 0.42 -13.26 -3.76
CA PRO A 51 1.87 -13.19 -3.68
C PRO A 51 2.36 -11.90 -4.34
N GLU A 52 1.92 -11.63 -5.57
CA GLU A 52 2.24 -10.39 -6.28
C GLU A 52 1.41 -9.21 -5.77
N GLY A 53 1.27 -9.09 -4.44
CA GLY A 53 0.65 -7.96 -3.77
C GLY A 53 -0.67 -7.53 -4.40
N LEU A 54 -0.87 -6.22 -4.52
CA LEU A 54 -2.02 -5.67 -5.21
C LEU A 54 -1.49 -4.46 -5.97
N ASN A 55 -1.08 -4.70 -7.21
CA ASN A 55 -0.34 -3.72 -7.99
C ASN A 55 -1.27 -2.57 -8.32
N PHE A 56 -0.76 -1.39 -8.67
CA PHE A 56 -1.57 -0.23 -9.02
C PHE A 56 -2.66 -0.60 -10.03
N GLN A 57 -2.30 -1.29 -11.12
CA GLN A 57 -3.27 -1.64 -12.15
C GLN A 57 -4.33 -2.59 -11.60
N ASP A 58 -3.94 -3.51 -10.71
CA ASP A 58 -4.89 -4.39 -10.05
C ASP A 58 -5.85 -3.51 -9.25
N LEU A 59 -5.27 -2.61 -8.46
CA LEU A 59 -5.98 -1.70 -7.58
C LEU A 59 -7.07 -0.96 -8.36
N LYS A 60 -6.70 -0.27 -9.44
CA LYS A 60 -7.66 0.52 -10.20
C LYS A 60 -8.74 -0.40 -10.82
N ASN A 61 -8.36 -1.59 -11.30
CA ASN A 61 -9.31 -2.53 -11.86
C ASN A 61 -10.28 -3.05 -10.80
N GLN A 62 -9.80 -3.29 -9.58
CA GLN A 62 -10.68 -3.66 -8.47
C GLN A 62 -11.61 -2.49 -8.17
N LEU A 63 -11.04 -1.36 -7.77
CA LEU A 63 -11.82 -0.19 -7.38
C LEU A 63 -12.12 0.66 -8.60
N LYS A 64 -12.96 0.15 -9.49
CA LYS A 64 -13.38 0.86 -10.71
C LYS A 64 -13.83 2.30 -10.42
N HIS A 65 -14.47 2.52 -9.27
CA HIS A 65 -14.99 3.84 -8.89
C HIS A 65 -13.88 4.85 -8.56
N MET A 66 -12.67 4.38 -8.25
CA MET A 66 -11.56 5.25 -7.90
C MET A 66 -10.83 5.63 -9.20
N SER A 67 -10.53 6.92 -9.39
CA SER A 67 -9.77 7.31 -10.56
C SER A 67 -8.31 6.91 -10.37
N VAL A 68 -7.54 6.92 -11.46
CA VAL A 68 -6.09 6.76 -11.37
C VAL A 68 -5.56 7.82 -10.40
N SER A 69 -6.05 9.06 -10.50
CA SER A 69 -5.74 10.15 -9.60
C SER A 69 -6.06 9.80 -8.15
N SER A 70 -7.24 9.23 -7.88
CA SER A 70 -7.62 8.79 -6.54
C SER A 70 -6.58 7.80 -6.01
N ILE A 71 -6.32 6.75 -6.79
CA ILE A 71 -5.37 5.73 -6.38
C ILE A 71 -3.96 6.30 -6.28
N LYS A 72 -3.58 7.28 -7.12
CA LYS A 72 -2.28 7.92 -7.04
C LYS A 72 -2.14 8.63 -5.69
N GLN A 73 -3.14 9.44 -5.33
CA GLN A 73 -3.16 10.11 -4.04
C GLN A 73 -3.09 9.07 -2.91
N ALA A 74 -3.94 8.03 -2.99
CA ALA A 74 -3.93 6.97 -1.99
C ALA A 74 -2.54 6.34 -1.86
N VAL A 75 -1.96 5.90 -2.97
CA VAL A 75 -0.63 5.31 -3.05
C VAL A 75 0.39 6.24 -2.42
N ASP A 76 0.44 7.50 -2.87
CA ASP A 76 1.37 8.49 -2.33
C ASP A 76 1.21 8.58 -0.81
N PHE A 77 -0.01 8.81 -0.35
CA PHE A 77 -0.32 8.91 1.07
C PHE A 77 0.18 7.67 1.82
N LEU A 78 -0.33 6.49 1.46
CA LEU A 78 -0.01 5.25 2.13
C LEU A 78 1.50 4.96 2.11
N SER A 79 2.16 5.27 1.00
CA SER A 79 3.61 5.16 0.90
C SER A 79 4.27 6.10 1.91
N ASN A 80 3.84 7.37 1.96
CA ASN A 80 4.36 8.33 2.93
C ASN A 80 4.14 7.83 4.36
N GLU A 81 3.00 7.22 4.65
CA GLU A 81 2.73 6.63 5.96
C GLU A 81 3.45 5.28 6.16
N GLY A 82 4.17 4.77 5.15
CA GLY A 82 4.86 3.49 5.24
C GLY A 82 3.92 2.31 5.43
N HIS A 83 2.73 2.38 4.86
CA HIS A 83 1.72 1.32 4.97
C HIS A 83 1.75 0.39 3.76
N ILE A 84 2.20 0.91 2.61
CA ILE A 84 2.45 0.12 1.41
C ILE A 84 3.87 0.43 0.94
N TYR A 85 4.43 -0.47 0.13
CA TYR A 85 5.69 -0.22 -0.56
C TYR A 85 5.69 -1.03 -1.84
N SER A 86 6.50 -0.57 -2.80
CA SER A 86 6.65 -1.15 -4.11
C SER A 86 7.76 -2.21 -4.06
N THR A 87 7.53 -3.39 -4.63
CA THR A 87 8.50 -4.49 -4.61
C THR A 87 9.06 -4.76 -6.01
N VAL A 88 8.39 -5.61 -6.79
CA VAL A 88 8.96 -6.12 -8.03
C VAL A 88 9.20 -5.00 -9.05
N ASP A 89 8.38 -3.94 -8.99
CA ASP A 89 8.55 -2.71 -9.76
C ASP A 89 7.79 -1.60 -9.04
N ASP A 90 8.01 -0.36 -9.48
CA ASP A 90 7.47 0.86 -8.89
C ASP A 90 5.96 0.79 -8.63
N ASP A 91 5.19 0.18 -9.54
CA ASP A 91 3.73 0.13 -9.45
C ASP A 91 3.24 -1.08 -8.67
N HIS A 92 4.13 -2.03 -8.34
CA HIS A 92 3.76 -3.29 -7.75
C HIS A 92 3.79 -3.17 -6.23
N PHE A 93 2.69 -2.72 -5.62
CA PHE A 93 2.64 -2.48 -4.18
C PHE A 93 2.22 -3.72 -3.39
N LYS A 94 2.86 -3.88 -2.24
CA LYS A 94 2.53 -4.84 -1.18
C LYS A 94 2.36 -4.00 0.09
N SER A 95 1.58 -4.49 1.07
CA SER A 95 1.49 -3.85 2.38
C SER A 95 2.55 -4.43 3.32
N THR A 96 2.72 -3.77 4.47
CA THR A 96 3.69 -4.13 5.49
C THR A 96 3.45 -5.56 5.97
N ASP A 97 2.28 -5.80 6.54
CA ASP A 97 1.88 -7.08 7.09
C ASP A 97 0.41 -7.31 6.74
N ALA A 98 -0.07 -8.56 6.90
CA ALA A 98 -1.45 -8.93 6.61
C ALA A 98 -2.43 -8.08 7.42
N GLU A 99 -2.13 -7.89 8.71
CA GLU A 99 -2.86 -6.97 9.57
C GLU A 99 -2.30 -5.55 9.39
N ARG B 1 17.59 -5.47 -3.17
CA ARG B 1 17.34 -4.15 -2.57
C ARG B 1 15.84 -3.90 -2.40
N ILE B 2 15.13 -3.62 -3.48
CA ILE B 2 13.74 -3.18 -3.44
C ILE B 2 12.82 -4.20 -2.76
N GLN B 3 13.15 -5.48 -2.81
CA GLN B 3 12.47 -6.52 -2.04
C GLN B 3 12.35 -6.09 -0.56
N ARG B 4 13.42 -5.51 -0.01
CA ARG B 4 13.50 -5.13 1.39
C ARG B 4 12.82 -3.78 1.67
N ASN B 5 12.11 -3.19 0.69
CA ASN B 5 11.43 -1.90 0.84
C ASN B 5 10.45 -1.91 2.03
N LYS B 6 9.95 -3.10 2.40
CA LYS B 6 9.19 -3.32 3.64
C LYS B 6 9.89 -2.68 4.84
N ALA B 7 11.22 -2.77 4.94
CA ALA B 7 11.96 -2.18 6.04
C ALA B 7 11.73 -0.68 6.12
N ALA B 8 11.85 0.02 4.98
CA ALA B 8 11.59 1.44 4.91
C ALA B 8 10.14 1.74 5.30
N ALA B 9 9.21 0.93 4.78
CA ALA B 9 7.81 1.07 5.14
C ALA B 9 7.61 0.96 6.65
N LEU B 10 8.10 -0.11 7.28
CA LEU B 10 8.04 -0.29 8.72
C LEU B 10 8.64 0.92 9.45
N LEU B 11 9.81 1.37 9.01
CA LEU B 11 10.47 2.54 9.58
C LEU B 11 9.51 3.74 9.57
N ARG B 12 8.95 4.08 8.40
CA ARG B 12 8.05 5.22 8.27
C ARG B 12 6.76 5.02 9.07
N LEU B 13 6.19 3.81 9.05
CA LEU B 13 5.03 3.44 9.86
C LEU B 13 5.32 3.72 11.34
N ALA B 14 6.48 3.29 11.84
CA ALA B 14 6.96 3.48 13.20
C ALA B 14 6.21 2.62 14.22
N ALA B 15 4.88 2.56 14.15
CA ALA B 15 3.97 1.86 15.06
C ALA B 15 3.84 2.62 16.37
N ARG B 16 4.98 2.90 17.01
CA ARG B 16 5.07 3.79 18.16
C ARG B 16 4.78 5.24 17.73
N ALA A 31 -5.69 1.44 16.02
CA ALA A 31 -7.10 1.22 15.79
C ALA A 31 -7.63 2.15 14.69
N ASN A 32 -7.80 1.59 13.48
CA ASN A 32 -8.07 2.33 12.24
C ASN A 32 -6.88 3.22 11.88
N GLY A 33 -6.61 4.25 12.68
CA GLY A 33 -5.46 5.12 12.55
C GLY A 33 -5.58 6.08 11.36
N LEU A 34 -5.57 5.54 10.15
CA LEU A 34 -5.46 6.29 8.91
C LEU A 34 -6.85 6.69 8.40
N THR A 35 -6.90 7.55 7.37
CA THR A 35 -8.15 7.84 6.69
C THR A 35 -8.67 6.55 6.04
N VAL A 36 -10.00 6.34 6.12
CA VAL A 36 -10.65 5.08 5.74
C VAL A 36 -10.15 4.53 4.41
N ALA A 37 -10.07 5.37 3.37
CA ALA A 37 -9.59 4.94 2.06
C ALA A 37 -8.16 4.37 2.15
N GLN A 38 -7.26 5.05 2.87
CA GLN A 38 -5.89 4.62 2.98
C GLN A 38 -5.81 3.35 3.83
N ASN A 39 -6.58 3.31 4.92
CA ASN A 39 -6.74 2.09 5.73
C ASN A 39 -7.24 0.93 4.84
N GLN A 40 -8.17 1.21 3.93
CA GLN A 40 -8.68 0.24 2.98
C GLN A 40 -7.57 -0.23 2.02
N VAL A 41 -6.84 0.68 1.37
CA VAL A 41 -5.70 0.32 0.53
C VAL A 41 -4.74 -0.59 1.32
N LEU A 42 -4.35 -0.13 2.51
CA LEU A 42 -3.52 -0.88 3.44
C LEU A 42 -4.10 -2.28 3.67
N ASN A 43 -5.40 -2.39 3.96
CA ASN A 43 -6.09 -3.67 4.11
C ASN A 43 -5.96 -4.55 2.86
N LEU A 44 -6.24 -3.99 1.67
CA LEU A 44 -6.07 -4.72 0.43
C LEU A 44 -4.65 -5.28 0.34
N ILE A 45 -3.64 -4.44 0.60
CA ILE A 45 -2.25 -4.91 0.56
C ILE A 45 -2.01 -5.99 1.62
N LYS A 46 -2.45 -5.78 2.87
CA LYS A 46 -2.37 -6.76 3.95
C LYS A 46 -2.92 -8.12 3.52
N ALA A 47 -4.05 -8.11 2.80
CA ALA A 47 -4.70 -9.33 2.36
C ALA A 47 -3.87 -10.12 1.32
N CYS A 48 -2.81 -9.53 0.76
CA CYS A 48 -2.04 -10.13 -0.33
C CYS A 48 -1.56 -11.56 -0.03
N PRO A 49 -2.08 -12.60 -0.71
CA PRO A 49 -1.58 -13.95 -0.54
C PRO A 49 -0.25 -14.12 -1.26
N ARG A 50 -0.03 -13.39 -2.36
CA ARG A 50 1.10 -13.56 -3.25
C ARG A 50 2.43 -13.29 -2.51
N PRO A 51 3.40 -14.21 -2.59
CA PRO A 51 4.75 -14.01 -2.05
C PRO A 51 5.37 -12.67 -2.47
N GLU A 52 5.34 -12.36 -3.78
CA GLU A 52 5.90 -11.13 -4.33
C GLU A 52 5.31 -9.93 -3.60
N GLY A 53 3.99 -9.77 -3.72
CA GLY A 53 3.25 -8.64 -3.20
C GLY A 53 2.10 -8.32 -4.14
N LEU A 54 1.28 -7.34 -3.76
CA LEU A 54 0.11 -6.93 -4.51
C LEU A 54 0.56 -5.87 -5.51
N ASN A 55 0.28 -6.06 -6.80
CA ASN A 55 0.66 -5.06 -7.77
C ASN A 55 -0.25 -3.85 -7.63
N PHE A 56 0.30 -2.67 -7.92
CA PHE A 56 -0.47 -1.44 -8.06
C PHE A 56 -1.63 -1.68 -9.02
N GLN A 57 -1.37 -2.43 -10.10
CA GLN A 57 -2.37 -2.82 -11.06
C GLN A 57 -3.50 -3.64 -10.39
N ASP A 58 -3.16 -4.58 -9.51
CA ASP A 58 -4.19 -5.33 -8.79
C ASP A 58 -4.99 -4.34 -7.96
N LEU A 59 -4.28 -3.50 -7.19
CA LEU A 59 -4.86 -2.48 -6.34
C LEU A 59 -5.91 -1.67 -7.13
N LYS A 60 -5.52 -1.08 -8.25
CA LYS A 60 -6.41 -0.23 -9.03
C LYS A 60 -7.56 -1.05 -9.62
N ASN A 61 -7.29 -2.27 -10.10
CA ASN A 61 -8.35 -3.12 -10.66
C ASN A 61 -9.37 -3.49 -9.59
N GLN A 62 -8.93 -3.70 -8.35
CA GLN A 62 -9.83 -3.94 -7.23
C GLN A 62 -10.58 -2.64 -6.91
N LEU A 63 -9.86 -1.62 -6.47
CA LEU A 63 -10.45 -0.36 -6.02
C LEU A 63 -10.61 0.59 -7.19
N LYS A 64 -11.43 0.18 -8.17
CA LYS A 64 -11.65 0.93 -9.41
C LYS A 64 -12.03 2.39 -9.16
N HIS A 65 -12.78 2.66 -8.08
CA HIS A 65 -13.24 4.00 -7.75
C HIS A 65 -12.07 4.90 -7.32
N MET A 66 -10.96 4.32 -6.83
CA MET A 66 -9.79 5.09 -6.45
C MET A 66 -8.92 5.24 -7.70
N SER A 67 -9.29 6.21 -8.54
CA SER A 67 -8.52 6.60 -9.72
C SER A 67 -7.03 6.72 -9.36
N VAL A 68 -6.15 6.27 -10.27
CA VAL A 68 -4.71 6.08 -10.10
C VAL A 68 -4.08 7.02 -9.07
N SER A 69 -4.20 8.34 -9.28
CA SER A 69 -3.66 9.38 -8.43
C SER A 69 -3.90 9.12 -6.95
N SER A 70 -5.12 8.70 -6.60
CA SER A 70 -5.52 8.38 -5.23
C SER A 70 -4.66 7.24 -4.68
N ILE A 71 -4.44 6.20 -5.49
CA ILE A 71 -3.62 5.07 -5.07
C ILE A 71 -2.15 5.49 -5.05
N LYS A 72 -1.70 6.36 -5.95
CA LYS A 72 -0.34 6.87 -5.90
C LYS A 72 -0.12 7.61 -4.57
N GLN A 73 -1.03 8.53 -4.25
CA GLN A 73 -1.07 9.22 -2.98
C GLN A 73 -1.07 8.22 -1.83
N ALA A 74 -1.98 7.25 -1.83
CA ALA A 74 -2.08 6.26 -0.76
C ALA A 74 -0.75 5.52 -0.60
N VAL A 75 -0.21 4.97 -1.69
CA VAL A 75 1.07 4.29 -1.73
C VAL A 75 2.14 5.19 -1.10
N ASP A 76 2.27 6.43 -1.59
CA ASP A 76 3.25 7.37 -1.07
C ASP A 76 3.07 7.55 0.45
N PHE A 77 1.88 7.93 0.88
CA PHE A 77 1.56 8.15 2.28
C PHE A 77 1.94 6.93 3.11
N LEU A 78 1.32 5.79 2.82
CA LEU A 78 1.55 4.54 3.53
C LEU A 78 3.04 4.21 3.57
N SER A 79 3.75 4.38 2.45
CA SER A 79 5.19 4.16 2.39
C SER A 79 5.90 5.10 3.36
N ASN A 80 5.58 6.40 3.33
CA ASN A 80 6.20 7.40 4.21
C ASN A 80 5.96 7.06 5.68
N GLU A 81 4.71 6.73 6.04
CA GLU A 81 4.38 6.26 7.38
C GLU A 81 5.14 4.97 7.72
N GLY A 82 5.41 4.14 6.71
CA GLY A 82 6.06 2.85 6.87
C GLY A 82 5.06 1.73 7.09
N HIS A 83 3.85 1.85 6.55
CA HIS A 83 2.81 0.83 6.62
C HIS A 83 2.89 -0.16 5.45
N ILE A 84 3.47 0.27 4.33
CA ILE A 84 3.78 -0.61 3.20
C ILE A 84 5.23 -0.43 2.79
N TYR A 85 5.74 -1.42 2.06
CA TYR A 85 7.00 -1.39 1.38
C TYR A 85 6.82 -2.03 0.03
N SER A 86 7.68 -1.66 -0.91
CA SER A 86 7.76 -2.23 -2.23
C SER A 86 8.72 -3.42 -2.20
N THR A 87 8.48 -4.44 -3.02
CA THR A 87 9.28 -5.64 -3.02
C THR A 87 10.07 -5.76 -4.33
N VAL A 88 9.50 -6.47 -5.30
CA VAL A 88 10.03 -6.54 -6.66
C VAL A 88 9.55 -5.29 -7.41
N ASP A 89 10.28 -4.20 -7.16
CA ASP A 89 10.12 -2.88 -7.75
C ASP A 89 8.95 -2.14 -7.09
N ASP A 90 8.88 -0.81 -7.27
CA ASP A 90 7.84 0.05 -6.72
C ASP A 90 6.55 -0.13 -7.51
N ASP A 91 6.05 -1.37 -7.50
CA ASP A 91 4.95 -1.87 -8.30
C ASP A 91 4.25 -2.94 -7.48
N HIS A 92 5.01 -3.90 -6.96
CA HIS A 92 4.53 -4.91 -6.01
C HIS A 92 4.76 -4.37 -4.61
N PHE A 93 3.69 -4.21 -3.82
CA PHE A 93 3.80 -3.76 -2.42
C PHE A 93 3.30 -4.85 -1.47
N LYS A 94 3.86 -4.87 -0.26
CA LYS A 94 3.39 -5.67 0.86
C LYS A 94 3.43 -4.78 2.11
N SER A 95 2.70 -5.17 3.15
CA SER A 95 2.47 -4.34 4.32
C SER A 95 3.34 -4.70 5.52
N THR A 96 3.81 -3.66 6.21
CA THR A 96 4.63 -3.72 7.41
C THR A 96 3.79 -4.16 8.62
N ASP A 97 2.62 -3.54 8.81
CA ASP A 97 1.81 -3.67 10.02
C ASP A 97 0.36 -3.32 9.71
N ALA A 98 -0.56 -3.84 10.54
CA ALA A 98 -1.99 -3.66 10.38
C ALA A 98 -2.49 -2.39 11.08
N GLU A 99 -3.81 -2.19 11.03
CA GLU A 99 -4.51 -1.09 11.69
C GLU A 99 -4.71 -1.38 13.19
N ARG B 1 14.67 -7.52 -6.34
CA ARG B 1 14.04 -7.39 -5.02
C ARG B 1 14.73 -6.27 -4.25
N ILE B 2 13.97 -5.31 -3.72
CA ILE B 2 14.53 -4.12 -3.07
C ILE B 2 15.39 -4.49 -1.85
N GLN B 3 15.07 -5.57 -1.12
CA GLN B 3 15.81 -6.12 0.02
C GLN B 3 15.69 -5.24 1.26
N ARG B 4 16.08 -3.97 1.14
CA ARG B 4 15.95 -2.94 2.17
C ARG B 4 14.49 -2.79 2.64
N ASN B 5 13.55 -3.29 1.84
CA ASN B 5 12.14 -3.37 2.14
C ASN B 5 11.85 -3.98 3.53
N LYS B 6 10.69 -3.63 4.09
CA LYS B 6 10.26 -3.88 5.46
C LYS B 6 11.17 -3.27 6.53
N ALA B 7 12.49 -3.49 6.48
CA ALA B 7 13.44 -2.82 7.35
C ALA B 7 13.30 -1.30 7.20
N ALA B 8 13.29 -0.80 5.95
CA ALA B 8 13.09 0.62 5.70
C ALA B 8 11.79 1.10 6.33
N ALA B 9 10.71 0.35 6.12
CA ALA B 9 9.40 0.72 6.64
C ALA B 9 9.40 0.74 8.17
N LEU B 10 10.01 -0.26 8.81
CA LEU B 10 10.18 -0.32 10.25
C LEU B 10 10.95 0.91 10.74
N LEU B 11 12.06 1.25 10.06
CA LEU B 11 12.81 2.45 10.37
C LEU B 11 11.90 3.68 10.30
N ARG B 12 11.10 3.80 9.23
CA ARG B 12 10.13 4.89 9.10
C ARG B 12 9.14 4.91 10.27
N LEU B 13 8.55 3.76 10.63
CA LEU B 13 7.64 3.68 11.77
C LEU B 13 8.34 4.18 13.04
N ALA B 14 9.55 3.69 13.29
CA ALA B 14 10.30 4.05 14.49
C ALA B 14 10.68 5.53 14.47
N ALA B 15 11.59 5.90 13.56
CA ALA B 15 12.10 7.26 13.43
C ALA B 15 11.12 8.09 12.59
N ARG B 16 9.84 8.11 12.99
CA ARG B 16 8.82 8.79 12.21
C ARG B 16 9.01 10.31 12.25
N ALA A 31 -9.75 9.71 15.19
CA ALA A 31 -9.66 8.26 15.34
C ALA A 31 -9.70 7.50 14.01
N ASN A 32 -10.32 8.08 12.97
CA ASN A 32 -10.30 7.51 11.63
C ASN A 32 -8.87 7.25 11.16
N GLY A 33 -7.96 8.21 11.38
CA GLY A 33 -6.57 8.09 10.99
C GLY A 33 -6.36 8.13 9.48
N LEU A 34 -6.73 7.05 8.78
CA LEU A 34 -6.58 6.90 7.34
C LEU A 34 -7.94 7.11 6.70
N THR A 35 -8.01 7.90 5.63
CA THR A 35 -9.30 8.25 5.02
C THR A 35 -9.96 6.98 4.52
N VAL A 36 -11.29 6.88 4.61
CA VAL A 36 -12.08 5.68 4.36
C VAL A 36 -11.64 4.93 3.09
N ALA A 37 -11.39 5.64 1.99
CA ALA A 37 -10.89 5.02 0.76
C ALA A 37 -9.47 4.48 0.92
N GLN A 38 -8.57 5.24 1.55
CA GLN A 38 -7.19 4.83 1.77
C GLN A 38 -7.18 3.58 2.65
N ASN A 39 -7.95 3.64 3.75
CA ASN A 39 -8.15 2.53 4.66
C ASN A 39 -8.62 1.31 3.89
N GLN A 40 -9.65 1.45 3.05
CA GLN A 40 -10.12 0.39 2.18
C GLN A 40 -9.00 -0.17 1.28
N VAL A 41 -8.32 0.68 0.51
CA VAL A 41 -7.19 0.27 -0.34
C VAL A 41 -6.21 -0.58 0.48
N LEU A 42 -5.70 0.00 1.57
CA LEU A 42 -4.83 -0.68 2.51
C LEU A 42 -5.41 -2.03 2.92
N ASN A 43 -6.69 -2.05 3.33
CA ASN A 43 -7.35 -3.26 3.79
C ASN A 43 -7.35 -4.33 2.69
N LEU A 44 -7.67 -3.97 1.45
CA LEU A 44 -7.55 -4.90 0.35
C LEU A 44 -6.11 -5.43 0.25
N ILE A 45 -5.12 -4.52 0.18
CA ILE A 45 -3.72 -4.92 0.02
C ILE A 45 -3.27 -5.85 1.15
N LYS A 46 -3.64 -5.54 2.40
CA LYS A 46 -3.20 -6.26 3.58
C LYS A 46 -3.95 -7.58 3.74
N ALA A 47 -5.24 -7.61 3.38
CA ALA A 47 -6.06 -8.81 3.43
C ALA A 47 -5.58 -9.82 2.40
N CYS A 48 -5.25 -9.35 1.19
CA CYS A 48 -4.63 -10.20 0.19
C CYS A 48 -3.38 -10.87 0.78
N PRO A 49 -3.25 -12.21 0.75
CA PRO A 49 -2.20 -12.93 1.48
C PRO A 49 -0.84 -12.87 0.75
N ARG A 50 -0.45 -11.67 0.30
CA ARG A 50 0.87 -11.33 -0.23
C ARG A 50 1.49 -12.36 -1.19
N PRO A 51 0.79 -12.77 -2.27
CA PRO A 51 1.38 -13.55 -3.35
C PRO A 51 2.11 -12.53 -4.23
N GLU A 52 1.61 -12.21 -5.43
CA GLU A 52 2.09 -11.06 -6.20
C GLU A 52 1.44 -9.80 -5.61
N GLY A 53 1.65 -9.60 -4.31
CA GLY A 53 1.07 -8.56 -3.49
C GLY A 53 -0.36 -8.26 -3.91
N LEU A 54 -0.62 -6.99 -4.22
CA LEU A 54 -1.84 -6.57 -4.87
C LEU A 54 -1.44 -5.37 -5.72
N ASN A 55 -1.16 -5.63 -6.99
CA ASN A 55 -0.55 -4.62 -7.86
C ASN A 55 -1.49 -3.42 -7.99
N PHE A 56 -0.95 -2.25 -8.29
CA PHE A 56 -1.72 -1.04 -8.60
C PHE A 56 -2.81 -1.35 -9.63
N GLN A 57 -2.47 -2.03 -10.73
CA GLN A 57 -3.45 -2.38 -11.76
C GLN A 57 -4.52 -3.33 -11.23
N ASP A 58 -4.16 -4.27 -10.34
CA ASP A 58 -5.15 -5.13 -9.70
C ASP A 58 -6.10 -4.24 -8.91
N LEU A 59 -5.50 -3.35 -8.11
CA LEU A 59 -6.18 -2.39 -7.27
C LEU A 59 -7.21 -1.60 -8.08
N LYS A 60 -6.79 -1.02 -9.21
CA LYS A 60 -7.70 -0.33 -10.13
C LYS A 60 -8.81 -1.26 -10.60
N ASN A 61 -8.45 -2.43 -11.14
CA ASN A 61 -9.44 -3.35 -11.71
C ASN A 61 -10.50 -3.74 -10.68
N GLN A 62 -10.09 -3.92 -9.42
CA GLN A 62 -11.03 -4.14 -8.33
C GLN A 62 -11.83 -2.85 -8.09
N LEU A 63 -11.15 -1.81 -7.63
CA LEU A 63 -11.77 -0.57 -7.21
C LEU A 63 -11.90 0.38 -8.40
N LYS A 64 -12.73 0.00 -9.38
CA LYS A 64 -12.96 0.80 -10.59
C LYS A 64 -13.28 2.26 -10.29
N HIS A 65 -13.98 2.52 -9.17
CA HIS A 65 -14.39 3.86 -8.78
C HIS A 65 -13.21 4.75 -8.35
N MET A 66 -12.07 4.16 -7.97
CA MET A 66 -10.89 4.89 -7.54
C MET A 66 -10.06 5.18 -8.78
N SER A 67 -9.89 6.47 -9.13
CA SER A 67 -9.10 6.83 -10.29
C SER A 67 -7.64 6.45 -10.07
N VAL A 68 -6.85 6.44 -11.15
CA VAL A 68 -5.42 6.29 -11.03
C VAL A 68 -4.88 7.34 -10.05
N SER A 69 -5.33 8.59 -10.20
CA SER A 69 -5.00 9.68 -9.30
C SER A 69 -5.34 9.34 -7.85
N SER A 70 -6.54 8.83 -7.60
CA SER A 70 -6.95 8.42 -6.26
C SER A 70 -5.98 7.38 -5.70
N ILE A 71 -5.76 6.30 -6.46
CA ILE A 71 -4.86 5.24 -6.03
C ILE A 71 -3.43 5.77 -5.90
N LYS A 72 -2.99 6.72 -6.73
CA LYS A 72 -1.66 7.30 -6.64
C LYS A 72 -1.51 8.02 -5.31
N GLN A 73 -2.46 8.91 -4.98
CA GLN A 73 -2.46 9.62 -3.71
C GLN A 73 -2.50 8.62 -2.55
N ALA A 74 -3.41 7.65 -2.62
CA ALA A 74 -3.49 6.59 -1.62
C ALA A 74 -2.14 5.90 -1.45
N VAL A 75 -1.53 5.47 -2.55
CA VAL A 75 -0.23 4.82 -2.58
C VAL A 75 0.81 5.70 -1.90
N ASP A 76 0.93 6.96 -2.32
CA ASP A 76 1.91 7.89 -1.75
C ASP A 76 1.71 7.99 -0.24
N PHE A 77 0.47 8.24 0.17
CA PHE A 77 0.12 8.34 1.58
C PHE A 77 0.50 7.06 2.32
N LEU A 78 -0.11 5.93 1.97
CA LEU A 78 0.08 4.64 2.60
C LEU A 78 1.56 4.23 2.60
N SER A 79 2.30 4.55 1.54
CA SER A 79 3.74 4.34 1.54
C SER A 79 4.37 5.16 2.67
N ASN A 80 4.13 6.47 2.69
CA ASN A 80 4.73 7.35 3.68
C ASN A 80 4.35 6.95 5.11
N GLU A 81 3.09 6.55 5.33
CA GLU A 81 2.60 6.09 6.62
C GLU A 81 3.19 4.74 7.02
N GLY A 82 3.94 4.06 6.15
CA GLY A 82 4.50 2.76 6.47
C GLY A 82 3.40 1.71 6.51
N HIS A 83 2.51 1.75 5.52
CA HIS A 83 1.37 0.84 5.40
C HIS A 83 1.48 -0.05 4.17
N ILE A 84 2.07 0.47 3.08
CA ILE A 84 2.41 -0.32 1.91
C ILE A 84 3.86 -0.10 1.49
N TYR A 85 4.38 -0.99 0.65
CA TYR A 85 5.66 -0.84 -0.02
C TYR A 85 5.63 -1.57 -1.34
N SER A 86 6.45 -1.11 -2.27
CA SER A 86 6.59 -1.63 -3.62
C SER A 86 7.65 -2.75 -3.59
N THR A 87 7.45 -3.84 -4.33
CA THR A 87 8.31 -5.01 -4.23
C THR A 87 9.02 -5.31 -5.54
N VAL A 88 8.39 -6.12 -6.41
CA VAL A 88 9.03 -6.64 -7.60
C VAL A 88 9.12 -5.56 -8.69
N ASP A 89 8.23 -4.57 -8.63
CA ASP A 89 8.12 -3.46 -9.56
C ASP A 89 7.50 -2.29 -8.82
N ASP A 90 7.72 -1.07 -9.30
CA ASP A 90 7.18 0.17 -8.75
C ASP A 90 5.69 0.05 -8.43
N ASP A 91 4.91 -0.56 -9.32
CA ASP A 91 3.45 -0.64 -9.19
C ASP A 91 3.02 -1.87 -8.38
N HIS A 92 3.94 -2.76 -8.03
CA HIS A 92 3.60 -4.02 -7.41
C HIS A 92 3.74 -3.91 -5.89
N PHE A 93 2.68 -3.47 -5.20
CA PHE A 93 2.72 -3.22 -3.76
C PHE A 93 2.27 -4.41 -2.92
N LYS A 94 2.81 -4.46 -1.70
CA LYS A 94 2.41 -5.32 -0.59
C LYS A 94 2.21 -4.41 0.61
N SER A 95 1.49 -4.87 1.64
CA SER A 95 1.27 -4.10 2.87
C SER A 95 2.29 -4.48 3.93
N THR A 96 2.54 -3.59 4.90
CA THR A 96 3.30 -3.89 6.10
C THR A 96 2.43 -4.82 6.93
N ASP A 97 1.78 -4.29 7.97
CA ASP A 97 0.74 -4.95 8.76
C ASP A 97 1.21 -6.29 9.34
N ALA A 98 1.21 -7.35 8.53
CA ALA A 98 1.71 -8.66 8.88
C ALA A 98 3.23 -8.72 8.71
N GLU A 99 3.75 -8.17 7.60
CA GLU A 99 5.16 -8.29 7.24
C GLU A 99 5.55 -7.34 6.12
N ARG B 1 12.12 3.68 -3.26
CA ARG B 1 11.45 3.31 -4.53
C ARG B 1 11.28 1.79 -4.64
N ILE B 2 12.37 1.05 -4.43
CA ILE B 2 12.43 -0.41 -4.58
C ILE B 2 13.61 -0.88 -3.73
N GLN B 3 13.79 -2.19 -3.53
CA GLN B 3 14.86 -2.84 -2.78
C GLN B 3 14.89 -2.54 -1.27
N ARG B 4 14.81 -1.28 -0.82
CA ARG B 4 14.72 -0.96 0.60
C ARG B 4 13.30 -1.14 1.16
N ASN B 5 12.44 -1.80 0.38
CA ASN B 5 11.04 -2.00 0.67
C ASN B 5 10.83 -2.93 1.86
N LYS B 6 9.64 -2.81 2.46
CA LYS B 6 9.25 -3.40 3.73
C LYS B 6 10.06 -2.82 4.89
N ALA B 7 11.39 -2.89 4.83
CA ALA B 7 12.27 -2.27 5.81
C ALA B 7 11.92 -0.79 6.00
N ALA B 8 11.95 0.00 4.91
CA ALA B 8 11.67 1.42 5.03
C ALA B 8 10.26 1.68 5.57
N ALA B 9 9.28 0.92 5.07
CA ALA B 9 7.89 1.09 5.48
C ALA B 9 7.71 0.77 6.96
N LEU B 10 8.26 -0.36 7.42
CA LEU B 10 8.22 -0.74 8.83
C LEU B 10 8.96 0.29 9.68
N LEU B 11 10.11 0.79 9.21
CA LEU B 11 10.83 1.87 9.90
C LEU B 11 9.92 3.09 10.06
N ARG B 12 9.33 3.58 8.97
CA ARG B 12 8.37 4.68 9.01
C ARG B 12 7.26 4.39 10.03
N LEU B 13 6.63 3.22 9.92
CA LEU B 13 5.55 2.81 10.82
C LEU B 13 6.00 2.89 12.28
N ALA B 14 7.18 2.32 12.59
CA ALA B 14 7.72 2.30 13.93
C ALA B 14 8.05 3.72 14.42
N ALA B 15 8.57 4.57 13.53
CA ALA B 15 9.02 5.91 13.86
C ALA B 15 7.85 6.89 14.05
N ARG B 16 7.02 6.68 15.08
CA ARG B 16 6.02 7.66 15.48
C ARG B 16 6.71 8.98 15.82
N ALA A 31 -11.08 4.82 16.68
CA ALA A 31 -10.17 5.89 16.35
C ALA A 31 -9.69 5.70 14.92
N ASN A 32 -10.54 6.05 13.94
CA ASN A 32 -10.35 5.75 12.51
C ASN A 32 -8.92 5.99 12.04
N GLY A 33 -8.34 7.12 12.45
CA GLY A 33 -6.92 7.42 12.28
C GLY A 33 -6.60 7.84 10.85
N LEU A 34 -6.69 6.89 9.91
CA LEU A 34 -6.48 7.15 8.50
C LEU A 34 -7.82 7.55 7.88
N THR A 35 -7.80 8.07 6.66
CA THR A 35 -9.00 8.35 5.91
C THR A 35 -9.57 7.03 5.37
N VAL A 36 -10.90 6.90 5.37
CA VAL A 36 -11.61 5.65 5.07
C VAL A 36 -11.14 5.03 3.76
N ALA A 37 -11.15 5.78 2.66
CA ALA A 37 -10.72 5.29 1.35
C ALA A 37 -9.29 4.73 1.43
N GLN A 38 -8.37 5.48 2.00
CA GLN A 38 -6.98 5.05 2.11
C GLN A 38 -6.89 3.78 2.96
N ASN A 39 -7.59 3.76 4.08
CA ASN A 39 -7.69 2.57 4.94
C ASN A 39 -8.23 1.37 4.16
N GLN A 40 -9.23 1.59 3.31
CA GLN A 40 -9.79 0.57 2.43
C GLN A 40 -8.72 0.09 1.43
N VAL A 41 -8.09 0.99 0.68
CA VAL A 41 -6.99 0.65 -0.25
C VAL A 41 -5.96 -0.22 0.47
N LEU A 42 -5.43 0.31 1.58
CA LEU A 42 -4.54 -0.38 2.50
C LEU A 42 -5.07 -1.79 2.81
N ASN A 43 -6.32 -1.89 3.26
CA ASN A 43 -6.93 -3.17 3.56
C ASN A 43 -6.93 -4.13 2.36
N LEU A 44 -7.38 -3.66 1.19
CA LEU A 44 -7.37 -4.48 -0.02
C LEU A 44 -5.96 -5.00 -0.29
N ILE A 45 -4.94 -4.13 -0.18
CA ILE A 45 -3.55 -4.56 -0.35
C ILE A 45 -3.21 -5.62 0.70
N LYS A 46 -3.25 -5.24 1.99
CA LYS A 46 -2.75 -6.06 3.09
C LYS A 46 -3.44 -7.42 3.16
N ALA A 47 -4.74 -7.46 2.82
CA ALA A 47 -5.52 -8.68 2.86
C ALA A 47 -5.00 -9.75 1.89
N CYS A 48 -4.35 -9.35 0.79
CA CYS A 48 -4.04 -10.32 -0.27
C CYS A 48 -2.95 -11.31 0.18
N PRO A 49 -3.21 -12.64 0.17
CA PRO A 49 -2.23 -13.63 0.61
C PRO A 49 -1.20 -13.97 -0.48
N ARG A 50 -1.43 -13.58 -1.74
CA ARG A 50 -0.52 -13.90 -2.83
C ARG A 50 0.84 -13.25 -2.59
N PRO A 51 1.97 -13.96 -2.81
CA PRO A 51 3.32 -13.41 -2.73
C PRO A 51 3.44 -12.06 -3.42
N GLU A 52 3.08 -12.00 -4.71
CA GLU A 52 2.98 -10.73 -5.43
C GLU A 52 1.69 -10.02 -4.99
N GLY A 53 1.71 -9.48 -3.76
CA GLY A 53 0.59 -8.85 -3.07
C GLY A 53 -0.46 -8.23 -3.98
N LEU A 54 -0.28 -6.98 -4.43
CA LEU A 54 -1.32 -6.37 -5.27
C LEU A 54 -0.73 -5.34 -6.22
N ASN A 55 -1.02 -5.47 -7.52
CA ASN A 55 -0.66 -4.42 -8.47
C ASN A 55 -1.56 -3.21 -8.26
N PHE A 56 -1.06 -2.06 -8.67
CA PHE A 56 -1.83 -0.83 -8.78
C PHE A 56 -3.00 -1.09 -9.74
N GLN A 57 -2.71 -1.74 -10.86
CA GLN A 57 -3.71 -2.14 -11.83
C GLN A 57 -4.80 -3.00 -11.19
N ASP A 58 -4.42 -3.97 -10.35
CA ASP A 58 -5.38 -4.78 -9.62
C ASP A 58 -6.23 -3.87 -8.74
N LEU A 59 -5.57 -2.96 -8.02
CA LEU A 59 -6.23 -1.96 -7.18
C LEU A 59 -7.31 -1.22 -7.98
N LYS A 60 -6.97 -0.71 -9.17
CA LYS A 60 -7.93 -0.06 -10.05
C LYS A 60 -9.06 -1.03 -10.42
N ASN A 61 -8.72 -2.24 -10.85
CA ASN A 61 -9.71 -3.22 -11.28
C ASN A 61 -10.72 -3.52 -10.16
N GLN A 62 -10.25 -3.59 -8.92
CA GLN A 62 -11.12 -3.68 -7.77
C GLN A 62 -11.93 -2.38 -7.65
N LEU A 63 -11.26 -1.28 -7.35
CA LEU A 63 -11.90 -0.01 -7.07
C LEU A 63 -12.08 0.76 -8.37
N LYS A 64 -12.94 0.25 -9.25
CA LYS A 64 -13.17 0.80 -10.59
C LYS A 64 -13.41 2.31 -10.57
N HIS A 65 -14.12 2.81 -9.56
CA HIS A 65 -14.48 4.21 -9.42
C HIS A 65 -13.26 5.10 -9.11
N MET A 66 -12.16 4.53 -8.61
CA MET A 66 -11.01 5.30 -8.19
C MET A 66 -10.10 5.53 -9.39
N SER A 67 -10.41 6.56 -10.17
CA SER A 67 -9.54 7.06 -11.24
C SER A 67 -8.12 7.19 -10.70
N VAL A 68 -7.14 6.72 -11.49
CA VAL A 68 -5.72 6.53 -11.12
C VAL A 68 -5.23 7.50 -10.05
N SER A 69 -5.33 8.81 -10.30
CA SER A 69 -4.89 9.88 -9.42
C SER A 69 -5.29 9.66 -7.96
N SER A 70 -6.50 9.15 -7.73
CA SER A 70 -6.99 8.84 -6.40
C SER A 70 -6.09 7.79 -5.74
N ILE A 71 -5.86 6.69 -6.44
CA ILE A 71 -5.01 5.63 -5.92
C ILE A 71 -3.57 6.12 -5.84
N LYS A 72 -3.12 6.99 -6.75
CA LYS A 72 -1.78 7.55 -6.68
C LYS A 72 -1.61 8.32 -5.36
N GLN A 73 -2.52 9.25 -5.09
CA GLN A 73 -2.53 9.99 -3.84
C GLN A 73 -2.62 9.03 -2.65
N ALA A 74 -3.53 8.05 -2.70
CA ALA A 74 -3.69 7.08 -1.64
C ALA A 74 -2.37 6.36 -1.36
N VAL A 75 -1.75 5.82 -2.41
CA VAL A 75 -0.47 5.14 -2.37
C VAL A 75 0.57 6.06 -1.74
N ASP A 76 0.72 7.28 -2.27
CA ASP A 76 1.67 8.24 -1.75
C ASP A 76 1.46 8.44 -0.26
N PHE A 77 0.22 8.73 0.15
CA PHE A 77 -0.15 8.88 1.56
C PHE A 77 0.29 7.65 2.36
N LEU A 78 -0.24 6.47 2.02
CA LEU A 78 0.04 5.24 2.73
C LEU A 78 1.55 4.99 2.85
N SER A 79 2.31 5.13 1.76
CA SER A 79 3.75 5.04 1.80
C SER A 79 4.37 6.12 2.69
N ASN A 80 3.87 7.36 2.67
CA ASN A 80 4.32 8.41 3.59
C ASN A 80 4.01 8.03 5.04
N GLU A 81 2.96 7.27 5.30
CA GLU A 81 2.66 6.72 6.62
C GLU A 81 3.42 5.41 6.89
N GLY A 82 4.23 4.92 5.93
CA GLY A 82 4.96 3.66 6.04
C GLY A 82 4.03 2.45 6.10
N HIS A 83 2.87 2.50 5.45
CA HIS A 83 1.86 1.45 5.51
C HIS A 83 1.95 0.48 4.32
N ILE A 84 2.28 0.98 3.13
CA ILE A 84 2.50 0.16 1.94
C ILE A 84 3.82 0.53 1.27
N TYR A 85 4.40 -0.41 0.54
CA TYR A 85 5.66 -0.26 -0.16
C TYR A 85 5.60 -1.06 -1.46
N SER A 86 6.40 -0.62 -2.43
CA SER A 86 6.46 -1.17 -3.77
C SER A 86 7.57 -2.23 -3.86
N THR A 87 7.24 -3.42 -4.37
CA THR A 87 8.14 -4.57 -4.33
C THR A 87 8.64 -4.95 -5.73
N VAL A 88 7.97 -5.92 -6.37
CA VAL A 88 8.43 -6.55 -7.59
C VAL A 88 8.33 -5.61 -8.80
N ASP A 89 7.58 -4.52 -8.68
CA ASP A 89 7.54 -3.44 -9.66
C ASP A 89 7.08 -2.18 -8.93
N ASP A 90 7.45 -1.01 -9.45
CA ASP A 90 7.04 0.28 -8.89
C ASP A 90 5.52 0.35 -8.70
N ASP A 91 4.76 -0.17 -9.67
CA ASP A 91 3.30 -0.22 -9.63
C ASP A 91 2.80 -1.54 -9.05
N HIS A 92 3.57 -2.18 -8.15
CA HIS A 92 3.17 -3.37 -7.43
C HIS A 92 3.49 -3.21 -5.94
N PHE A 93 2.46 -3.16 -5.10
CA PHE A 93 2.61 -2.89 -3.68
C PHE A 93 2.26 -4.09 -2.80
N LYS A 94 2.80 -4.03 -1.58
CA LYS A 94 2.46 -4.88 -0.47
C LYS A 94 2.42 -3.99 0.78
N SER A 95 1.71 -4.42 1.82
CA SER A 95 1.61 -3.69 3.08
C SER A 95 2.63 -4.23 4.10
N THR A 96 2.90 -3.45 5.15
CA THR A 96 3.73 -3.86 6.29
C THR A 96 3.36 -5.27 6.73
N ASP A 97 2.07 -5.46 7.01
CA ASP A 97 1.50 -6.70 7.51
C ASP A 97 1.34 -7.78 6.43
N ALA A 98 1.58 -7.46 5.15
CA ALA A 98 1.39 -8.42 4.07
C ALA A 98 2.53 -9.44 4.07
N GLU A 99 2.37 -10.49 4.87
CA GLU A 99 3.31 -11.59 4.98
C GLU A 99 4.66 -11.10 5.51
N ARG B 1 15.69 1.78 -0.99
CA ARG B 1 15.45 0.66 -0.05
C ARG B 1 14.42 -0.33 -0.61
N ILE B 2 14.23 -0.38 -1.93
CA ILE B 2 13.44 -1.42 -2.57
C ILE B 2 14.07 -2.79 -2.24
N GLN B 3 13.26 -3.85 -2.20
CA GLN B 3 13.61 -5.18 -1.70
C GLN B 3 13.66 -5.13 -0.17
N ARG B 4 14.51 -4.27 0.40
CA ARG B 4 14.57 -4.01 1.84
C ARG B 4 13.39 -3.14 2.31
N ASN B 5 12.21 -3.35 1.70
CA ASN B 5 11.08 -2.48 1.86
C ASN B 5 10.51 -2.54 3.26
N LYS B 6 10.21 -3.75 3.75
CA LYS B 6 9.58 -3.92 5.05
C LYS B 6 10.38 -3.21 6.14
N ALA B 7 11.71 -3.33 6.11
CA ALA B 7 12.56 -2.63 7.06
C ALA B 7 12.29 -1.12 7.01
N ALA B 8 12.31 -0.54 5.81
CA ALA B 8 12.05 0.88 5.63
C ALA B 8 10.66 1.24 6.16
N ALA B 9 9.64 0.46 5.80
CA ALA B 9 8.26 0.69 6.19
C ALA B 9 8.11 0.64 7.72
N LEU B 10 8.56 -0.44 8.35
CA LEU B 10 8.51 -0.63 9.80
C LEU B 10 9.24 0.51 10.49
N LEU B 11 10.43 0.90 10.02
CA LEU B 11 11.10 2.08 10.56
C LEU B 11 10.17 3.28 10.44
N ARG B 12 9.67 3.55 9.23
CA ARG B 12 8.84 4.70 8.93
C ARG B 12 7.60 4.76 9.81
N LEU B 13 6.95 3.63 10.11
CA LEU B 13 5.81 3.58 11.04
C LEU B 13 6.10 4.40 12.30
N ALA B 14 7.31 4.26 12.85
CA ALA B 14 7.74 5.02 14.01
C ALA B 14 8.25 6.39 13.59
N ALA B 15 9.21 6.42 12.66
CA ALA B 15 9.90 7.63 12.22
C ALA B 15 9.03 8.47 11.27
N ARG B 16 7.85 8.87 11.74
CA ARG B 16 6.90 9.69 10.99
C ARG B 16 7.41 11.14 10.94
N ALA A 31 -10.48 2.26 15.28
CA ALA A 31 -9.35 3.06 14.84
C ALA A 31 -9.18 3.00 13.33
N ASN A 32 -10.16 3.55 12.60
CA ASN A 32 -10.11 3.73 11.16
C ASN A 32 -8.78 4.39 10.77
N GLY A 33 -8.45 5.51 11.43
CA GLY A 33 -7.16 6.17 11.36
C GLY A 33 -6.90 6.87 10.03
N LEU A 34 -6.75 6.07 8.98
CA LEU A 34 -6.53 6.51 7.61
C LEU A 34 -7.93 6.71 7.01
N THR A 35 -8.16 7.72 6.19
CA THR A 35 -9.52 8.02 5.77
C THR A 35 -10.11 6.81 5.02
N VAL A 36 -11.44 6.65 5.10
CA VAL A 36 -12.20 5.52 4.59
C VAL A 36 -11.56 4.87 3.36
N ALA A 37 -11.45 5.62 2.26
CA ALA A 37 -10.89 5.11 1.02
C ALA A 37 -9.44 4.64 1.18
N GLN A 38 -8.60 5.37 1.91
CA GLN A 38 -7.21 4.97 2.12
C GLN A 38 -7.17 3.67 2.92
N ASN A 39 -7.92 3.61 4.02
CA ASN A 39 -8.04 2.43 4.87
C ASN A 39 -8.51 1.23 4.03
N GLN A 40 -9.51 1.44 3.17
CA GLN A 40 -9.98 0.44 2.21
C GLN A 40 -8.87 0.00 1.25
N VAL A 41 -8.22 0.93 0.54
CA VAL A 41 -7.14 0.64 -0.40
C VAL A 41 -6.07 -0.21 0.30
N LEU A 42 -5.59 0.28 1.45
CA LEU A 42 -4.67 -0.46 2.29
C LEU A 42 -5.22 -1.86 2.51
N ASN A 43 -6.45 -1.97 3.02
CA ASN A 43 -7.08 -3.25 3.29
C ASN A 43 -7.14 -4.16 2.07
N LEU A 44 -7.38 -3.65 0.86
CA LEU A 44 -7.24 -4.47 -0.34
C LEU A 44 -5.81 -4.97 -0.45
N ILE A 45 -4.83 -4.05 -0.39
CA ILE A 45 -3.42 -4.41 -0.53
C ILE A 45 -3.02 -5.47 0.50
N LYS A 46 -3.47 -5.35 1.76
CA LYS A 46 -3.18 -6.35 2.77
C LYS A 46 -3.94 -7.64 2.49
N ALA A 47 -5.27 -7.54 2.37
CA ALA A 47 -6.15 -8.71 2.31
C ALA A 47 -5.78 -9.66 1.18
N CYS A 48 -5.38 -9.14 0.01
CA CYS A 48 -5.06 -9.97 -1.15
C CYS A 48 -4.08 -11.10 -0.79
N PRO A 49 -4.52 -12.37 -0.77
CA PRO A 49 -3.72 -13.45 -0.22
C PRO A 49 -2.71 -13.95 -1.26
N ARG A 50 -1.70 -13.14 -1.57
CA ARG A 50 -0.65 -13.50 -2.52
C ARG A 50 0.72 -13.00 -2.02
N PRO A 51 1.81 -13.70 -2.35
CA PRO A 51 3.16 -13.17 -2.13
C PRO A 51 3.32 -11.93 -3.00
N GLU A 52 2.81 -11.98 -4.23
CA GLU A 52 2.69 -10.81 -5.10
C GLU A 52 1.52 -9.95 -4.60
N GLY A 53 1.72 -9.35 -3.42
CA GLY A 53 0.83 -8.47 -2.67
C GLY A 53 -0.38 -7.99 -3.48
N LEU A 54 -0.30 -6.79 -4.06
CA LEU A 54 -1.30 -6.31 -4.98
C LEU A 54 -0.67 -5.33 -5.97
N ASN A 55 -0.99 -5.45 -7.27
CA ASN A 55 -0.53 -4.48 -8.24
C ASN A 55 -1.45 -3.25 -8.21
N PHE A 56 -0.90 -2.10 -8.56
CA PHE A 56 -1.69 -0.88 -8.78
C PHE A 56 -2.80 -1.18 -9.80
N GLN A 57 -2.47 -1.92 -10.85
CA GLN A 57 -3.42 -2.37 -11.86
C GLN A 57 -4.56 -3.16 -11.22
N ASP A 58 -4.24 -4.12 -10.34
CA ASP A 58 -5.25 -4.91 -9.66
C ASP A 58 -6.13 -3.97 -8.83
N LEU A 59 -5.48 -3.03 -8.13
CA LEU A 59 -6.15 -2.03 -7.32
C LEU A 59 -7.20 -1.29 -8.17
N LYS A 60 -6.75 -0.64 -9.25
CA LYS A 60 -7.64 0.17 -10.07
C LYS A 60 -8.74 -0.69 -10.69
N ASN A 61 -8.39 -1.90 -11.15
CA ASN A 61 -9.37 -2.81 -11.76
C ASN A 61 -10.46 -3.17 -10.76
N GLN A 62 -10.12 -3.41 -9.49
CA GLN A 62 -11.13 -3.62 -8.46
C GLN A 62 -11.90 -2.32 -8.21
N LEU A 63 -11.19 -1.29 -7.73
CA LEU A 63 -11.84 -0.05 -7.31
C LEU A 63 -11.97 0.89 -8.50
N LYS A 64 -12.79 0.50 -9.47
CA LYS A 64 -13.01 1.25 -10.70
C LYS A 64 -13.32 2.73 -10.43
N HIS A 65 -14.12 2.99 -9.39
CA HIS A 65 -14.54 4.32 -9.01
C HIS A 65 -13.40 5.17 -8.45
N MET A 66 -12.33 4.54 -7.93
CA MET A 66 -11.15 5.24 -7.44
C MET A 66 -10.22 5.44 -8.63
N SER A 67 -10.33 6.60 -9.27
CA SER A 67 -9.50 7.00 -10.40
C SER A 67 -8.00 6.84 -10.08
N VAL A 68 -7.20 6.62 -11.13
CA VAL A 68 -5.78 6.40 -11.00
C VAL A 68 -5.09 7.50 -10.19
N SER A 69 -5.52 8.75 -10.34
CA SER A 69 -5.08 9.89 -9.55
C SER A 69 -5.36 9.67 -8.06
N SER A 70 -6.58 9.25 -7.73
CA SER A 70 -6.99 8.96 -6.37
C SER A 70 -6.11 7.85 -5.79
N ILE A 71 -5.95 6.76 -6.54
CA ILE A 71 -5.08 5.67 -6.09
C ILE A 71 -3.62 6.13 -6.04
N LYS A 72 -3.18 7.04 -6.91
CA LYS A 72 -1.81 7.56 -6.84
C LYS A 72 -1.60 8.21 -5.49
N GLN A 73 -2.50 9.12 -5.15
CA GLN A 73 -2.50 9.82 -3.87
C GLN A 73 -2.57 8.81 -2.72
N ALA A 74 -3.49 7.85 -2.78
CA ALA A 74 -3.60 6.82 -1.75
C ALA A 74 -2.28 6.07 -1.57
N VAL A 75 -1.71 5.54 -2.65
CA VAL A 75 -0.43 4.85 -2.67
C VAL A 75 0.65 5.75 -2.06
N ASP A 76 0.79 6.98 -2.55
CA ASP A 76 1.75 7.92 -2.03
C ASP A 76 1.60 8.06 -0.51
N PHE A 77 0.39 8.34 -0.05
CA PHE A 77 0.09 8.48 1.37
C PHE A 77 0.50 7.23 2.14
N LEU A 78 -0.07 6.07 1.79
CA LEU A 78 0.20 4.80 2.46
C LEU A 78 1.68 4.43 2.42
N SER A 79 2.39 4.82 1.36
CA SER A 79 3.82 4.64 1.27
C SER A 79 4.51 5.56 2.30
N ASN A 80 4.20 6.86 2.27
CA ASN A 80 4.78 7.85 3.19
C ASN A 80 4.57 7.43 4.65
N GLU A 81 3.34 7.04 4.99
CA GLU A 81 2.96 6.67 6.33
C GLU A 81 3.55 5.32 6.77
N GLY A 82 4.30 4.61 5.92
CA GLY A 82 4.90 3.35 6.32
C GLY A 82 3.83 2.25 6.45
N HIS A 83 2.86 2.21 5.53
CA HIS A 83 1.77 1.24 5.56
C HIS A 83 1.89 0.26 4.40
N ILE A 84 2.27 0.76 3.22
CA ILE A 84 2.63 -0.10 2.11
C ILE A 84 4.06 0.19 1.67
N TYR A 85 4.61 -0.71 0.87
CA TYR A 85 5.87 -0.52 0.19
C TYR A 85 5.81 -1.22 -1.15
N SER A 86 6.60 -0.71 -2.09
CA SER A 86 6.72 -1.25 -3.42
C SER A 86 7.81 -2.31 -3.45
N THR A 87 7.72 -3.28 -4.37
CA THR A 87 8.61 -4.42 -4.37
C THR A 87 8.89 -4.88 -5.80
N VAL A 88 8.49 -6.10 -6.15
CA VAL A 88 8.73 -6.77 -7.44
C VAL A 88 8.59 -5.84 -8.66
N ASP A 89 7.67 -4.86 -8.59
CA ASP A 89 7.59 -3.78 -9.55
C ASP A 89 7.29 -2.51 -8.74
N ASP A 90 7.75 -1.36 -9.23
CA ASP A 90 7.53 -0.07 -8.57
C ASP A 90 6.05 0.15 -8.26
N ASP A 91 5.17 -0.24 -9.19
CA ASP A 91 3.73 -0.11 -9.05
C ASP A 91 3.08 -1.42 -8.56
N HIS A 92 3.84 -2.26 -7.85
CA HIS A 92 3.31 -3.42 -7.15
C HIS A 92 3.66 -3.30 -5.67
N PHE A 93 2.64 -3.37 -4.80
CA PHE A 93 2.77 -3.07 -3.40
C PHE A 93 2.46 -4.27 -2.51
N LYS A 94 3.09 -4.28 -1.33
CA LYS A 94 2.80 -5.17 -0.21
C LYS A 94 2.70 -4.27 1.03
N SER A 95 2.06 -4.75 2.11
CA SER A 95 1.91 -3.96 3.33
C SER A 95 3.04 -4.19 4.32
N THR A 96 3.45 -3.13 5.03
CA THR A 96 4.43 -3.24 6.12
C THR A 96 3.93 -4.24 7.17
N ASP A 97 2.63 -4.21 7.46
CA ASP A 97 1.95 -5.13 8.35
C ASP A 97 1.91 -6.52 7.72
N ALA A 98 3.04 -7.23 7.68
CA ALA A 98 3.11 -8.60 7.18
C ALA A 98 2.53 -9.58 8.21
N GLU A 99 1.26 -9.42 8.54
CA GLU A 99 0.49 -10.26 9.43
C GLU A 99 -0.98 -9.99 9.09
N ARG B 1 15.94 1.80 0.30
CA ARG B 1 14.52 2.03 -0.04
C ARG B 1 13.94 0.78 -0.73
N ILE B 2 14.11 0.61 -2.04
CA ILE B 2 13.58 -0.57 -2.71
C ILE B 2 14.18 -1.84 -2.09
N GLN B 3 15.48 -1.81 -1.80
CA GLN B 3 16.15 -2.85 -1.03
C GLN B 3 15.54 -2.90 0.37
N ARG B 4 14.88 -4.02 0.72
CA ARG B 4 14.26 -4.25 2.02
C ARG B 4 13.20 -3.18 2.31
N ASN B 5 12.37 -2.87 1.30
CA ASN B 5 11.40 -1.79 1.38
C ASN B 5 10.43 -1.98 2.55
N LYS B 6 10.12 -3.23 2.92
CA LYS B 6 9.38 -3.51 4.15
C LYS B 6 10.04 -2.82 5.34
N ALA B 7 11.34 -3.05 5.54
CA ALA B 7 12.06 -2.49 6.67
C ALA B 7 12.12 -0.97 6.51
N ALA B 8 12.56 -0.53 5.32
CA ALA B 8 12.75 0.89 5.04
C ALA B 8 11.45 1.70 5.20
N ALA B 9 10.28 1.07 5.00
CA ALA B 9 8.97 1.68 5.22
C ALA B 9 8.51 1.51 6.67
N LEU B 10 8.61 0.30 7.23
CA LEU B 10 8.23 0.05 8.62
C LEU B 10 8.99 1.00 9.56
N LEU B 11 10.27 1.27 9.25
CA LEU B 11 11.11 2.26 9.90
C LEU B 11 10.36 3.57 10.17
N ARG B 12 9.46 3.97 9.29
CA ARG B 12 8.66 5.20 9.47
C ARG B 12 7.95 5.19 10.81
N LEU B 13 7.40 4.02 11.21
CA LEU B 13 6.79 3.83 12.52
C LEU B 13 7.87 3.42 13.52
N ALA B 14 8.60 2.35 13.19
CA ALA B 14 9.62 1.75 14.04
C ALA B 14 10.91 2.56 13.94
N ALA B 15 10.84 3.83 14.33
CA ALA B 15 11.92 4.80 14.25
C ALA B 15 13.03 4.49 15.26
N ARG B 16 13.72 3.37 15.06
CA ARG B 16 14.84 2.93 15.86
C ARG B 16 15.97 3.96 15.85
N ALA A 31 -11.75 9.06 15.03
CA ALA A 31 -10.39 8.68 14.72
C ALA A 31 -10.37 7.31 14.03
N ASN A 32 -11.18 7.19 12.98
CA ASN A 32 -11.15 6.05 12.07
C ASN A 32 -9.76 5.99 11.44
N GLY A 33 -9.27 4.77 11.16
CA GLY A 33 -7.90 4.49 10.73
C GLY A 33 -7.40 5.46 9.66
N LEU A 34 -7.85 5.28 8.41
CA LEU A 34 -7.56 6.18 7.31
C LEU A 34 -8.86 6.50 6.58
N THR A 35 -8.87 7.57 5.80
CA THR A 35 -10.02 7.96 5.01
C THR A 35 -10.35 6.87 3.98
N VAL A 36 -11.64 6.74 3.64
CA VAL A 36 -12.23 5.67 2.86
C VAL A 36 -11.29 5.08 1.80
N ALA A 37 -10.96 5.85 0.77
CA ALA A 37 -10.20 5.35 -0.37
C ALA A 37 -8.84 4.80 0.05
N GLN A 38 -8.08 5.55 0.85
CA GLN A 38 -6.79 5.10 1.33
C GLN A 38 -6.97 3.79 2.10
N ASN A 39 -7.92 3.79 3.04
CA ASN A 39 -8.15 2.62 3.89
C ASN A 39 -8.56 1.42 3.05
N GLN A 40 -9.38 1.62 2.02
CA GLN A 40 -9.79 0.62 1.04
C GLN A 40 -8.58 0.09 0.29
N VAL A 41 -7.80 0.97 -0.34
CA VAL A 41 -6.59 0.61 -1.08
C VAL A 41 -5.70 -0.28 -0.18
N LEU A 42 -5.37 0.27 0.98
CA LEU A 42 -4.60 -0.43 2.00
C LEU A 42 -5.22 -1.81 2.27
N ASN A 43 -6.49 -1.83 2.67
CA ASN A 43 -7.23 -3.05 3.00
C ASN A 43 -7.10 -4.09 1.89
N LEU A 44 -7.36 -3.72 0.64
CA LEU A 44 -7.18 -4.60 -0.50
C LEU A 44 -5.75 -5.13 -0.56
N ILE A 45 -4.75 -4.22 -0.50
CA ILE A 45 -3.35 -4.62 -0.59
C ILE A 45 -2.98 -5.57 0.58
N LYS A 46 -3.51 -5.35 1.78
CA LYS A 46 -3.32 -6.29 2.89
C LYS A 46 -3.93 -7.65 2.52
N ALA A 47 -5.22 -7.62 2.20
CA ALA A 47 -6.03 -8.80 2.03
C ALA A 47 -5.48 -9.75 0.96
N CYS A 48 -5.07 -9.22 -0.20
CA CYS A 48 -4.75 -10.05 -1.35
C CYS A 48 -3.67 -11.11 -1.06
N PRO A 49 -4.02 -12.40 -0.97
CA PRO A 49 -3.12 -13.44 -0.49
C PRO A 49 -2.26 -13.96 -1.63
N ARG A 50 -1.35 -13.14 -2.16
CA ARG A 50 -0.49 -13.50 -3.29
C ARG A 50 0.96 -13.10 -3.03
N PRO A 51 1.94 -13.82 -3.59
CA PRO A 51 3.33 -13.37 -3.59
C PRO A 51 3.39 -12.05 -4.35
N GLU A 52 2.83 -12.03 -5.55
CA GLU A 52 2.61 -10.79 -6.29
C GLU A 52 1.40 -10.11 -5.65
N GLY A 53 1.60 -9.55 -4.45
CA GLY A 53 0.58 -8.93 -3.60
C GLY A 53 -0.54 -8.26 -4.37
N LEU A 54 -0.36 -7.01 -4.81
CA LEU A 54 -1.40 -6.36 -5.58
C LEU A 54 -0.84 -5.32 -6.56
N ASN A 55 -1.12 -5.53 -7.85
CA ASN A 55 -0.77 -4.59 -8.91
C ASN A 55 -1.69 -3.37 -8.81
N PHE A 56 -1.20 -2.19 -9.16
CA PHE A 56 -2.02 -0.99 -9.28
C PHE A 56 -3.24 -1.28 -10.17
N GLN A 57 -3.02 -1.95 -11.30
CA GLN A 57 -4.10 -2.28 -12.22
C GLN A 57 -5.19 -3.10 -11.52
N ASP A 58 -4.79 -4.12 -10.76
CA ASP A 58 -5.73 -4.94 -9.99
C ASP A 58 -6.46 -4.03 -9.00
N LEU A 59 -5.73 -3.15 -8.32
CA LEU A 59 -6.31 -2.18 -7.41
C LEU A 59 -7.43 -1.40 -8.10
N LYS A 60 -7.09 -0.68 -9.17
CA LYS A 60 -8.02 0.21 -9.85
C LYS A 60 -9.20 -0.58 -10.42
N ASN A 61 -8.93 -1.77 -10.98
CA ASN A 61 -9.98 -2.60 -11.54
C ASN A 61 -10.94 -3.08 -10.47
N GLN A 62 -10.47 -3.32 -9.24
CA GLN A 62 -11.39 -3.59 -8.15
C GLN A 62 -12.13 -2.29 -7.78
N LEU A 63 -11.39 -1.24 -7.41
CA LEU A 63 -12.00 -0.02 -6.90
C LEU A 63 -12.37 0.91 -8.06
N LYS A 64 -13.22 0.42 -8.97
CA LYS A 64 -13.70 1.16 -10.15
C LYS A 64 -14.18 2.57 -9.78
N HIS A 65 -14.78 2.71 -8.59
CA HIS A 65 -15.36 3.97 -8.15
C HIS A 65 -14.30 5.04 -7.88
N MET A 66 -13.04 4.67 -7.63
CA MET A 66 -11.98 5.62 -7.38
C MET A 66 -11.18 5.86 -8.67
N SER A 67 -10.85 7.13 -8.97
CA SER A 67 -10.09 7.43 -10.17
C SER A 67 -8.65 6.92 -10.04
N VAL A 68 -7.96 6.73 -11.17
CA VAL A 68 -6.53 6.42 -11.18
C VAL A 68 -5.80 7.48 -10.35
N SER A 69 -6.13 8.76 -10.56
CA SER A 69 -5.62 9.87 -9.78
C SER A 69 -5.78 9.62 -8.28
N SER A 70 -7.02 9.35 -7.84
CA SER A 70 -7.29 9.06 -6.44
C SER A 70 -6.42 7.90 -5.93
N ILE A 71 -6.36 6.80 -6.70
CA ILE A 71 -5.55 5.65 -6.31
C ILE A 71 -4.07 6.03 -6.28
N LYS A 72 -3.58 6.88 -7.18
CA LYS A 72 -2.19 7.33 -7.21
C LYS A 72 -1.90 8.16 -5.96
N GLN A 73 -2.80 9.09 -5.63
CA GLN A 73 -2.71 9.91 -4.42
C GLN A 73 -2.69 8.99 -3.18
N ALA A 74 -3.61 8.03 -3.14
CA ALA A 74 -3.67 7.06 -2.05
C ALA A 74 -2.36 6.29 -1.94
N VAL A 75 -1.88 5.72 -3.05
CA VAL A 75 -0.60 5.04 -3.15
C VAL A 75 0.50 5.94 -2.57
N ASP A 76 0.60 7.17 -3.05
CA ASP A 76 1.59 8.12 -2.56
C ASP A 76 1.50 8.26 -1.04
N PHE A 77 0.31 8.58 -0.53
CA PHE A 77 0.09 8.71 0.92
C PHE A 77 0.55 7.45 1.66
N LEU A 78 -0.02 6.30 1.31
CA LEU A 78 0.23 5.02 1.94
C LEU A 78 1.70 4.62 1.85
N SER A 79 2.39 5.02 0.79
CA SER A 79 3.83 4.81 0.65
C SER A 79 4.59 5.75 1.61
N ASN A 80 4.28 7.05 1.58
CA ASN A 80 4.92 8.04 2.44
C ASN A 80 4.75 7.68 3.91
N GLU A 81 3.58 7.15 4.28
CA GLU A 81 3.29 6.69 5.63
C GLU A 81 3.50 5.18 5.78
N GLY A 82 4.30 4.56 4.91
CA GLY A 82 4.76 3.18 5.08
C GLY A 82 3.70 2.09 4.88
N HIS A 83 2.42 2.37 5.14
CA HIS A 83 1.30 1.44 5.11
C HIS A 83 1.39 0.43 3.95
N ILE A 84 1.77 0.91 2.77
CA ILE A 84 2.12 0.05 1.65
C ILE A 84 3.55 0.32 1.23
N TYR A 85 4.15 -0.63 0.52
CA TYR A 85 5.42 -0.47 -0.15
C TYR A 85 5.31 -1.11 -1.51
N SER A 86 6.12 -0.62 -2.45
CA SER A 86 6.22 -1.15 -3.79
C SER A 86 7.30 -2.24 -3.81
N THR A 87 7.27 -3.08 -4.84
CA THR A 87 8.09 -4.29 -4.86
C THR A 87 8.63 -4.61 -6.25
N VAL A 88 7.98 -5.56 -6.93
CA VAL A 88 8.45 -6.15 -8.18
C VAL A 88 8.42 -5.13 -9.31
N ASP A 89 7.51 -4.16 -9.20
CA ASP A 89 7.44 -2.98 -10.05
C ASP A 89 7.00 -1.83 -9.16
N ASP A 90 7.35 -0.60 -9.54
CA ASP A 90 6.95 0.62 -8.85
C ASP A 90 5.44 0.61 -8.55
N ASP A 91 4.64 0.16 -9.53
CA ASP A 91 3.19 0.12 -9.44
C ASP A 91 2.68 -1.27 -9.04
N HIS A 92 3.45 -2.04 -8.28
CA HIS A 92 2.99 -3.28 -7.66
C HIS A 92 3.33 -3.25 -6.17
N PHE A 93 2.28 -3.26 -5.34
CA PHE A 93 2.38 -3.01 -3.91
C PHE A 93 2.10 -4.25 -3.05
N LYS A 94 2.60 -4.18 -1.82
CA LYS A 94 2.30 -5.09 -0.73
C LYS A 94 2.26 -4.22 0.54
N SER A 95 1.64 -4.70 1.63
CA SER A 95 1.51 -3.95 2.86
C SER A 95 2.51 -4.41 3.91
N THR A 96 2.81 -3.52 4.86
CA THR A 96 3.57 -3.82 6.06
C THR A 96 3.00 -5.07 6.74
N ASP A 97 1.67 -5.21 6.67
CA ASP A 97 0.93 -6.32 7.22
C ASP A 97 0.18 -7.00 6.08
N ALA A 98 0.91 -7.37 5.03
CA ALA A 98 0.38 -8.21 3.96
C ALA A 98 -0.11 -9.54 4.54
N GLU A 99 -1.34 -9.95 4.19
CA GLU A 99 -1.93 -11.22 4.56
C GLU A 99 -1.95 -12.15 3.34
N ARG B 1 9.04 1.84 1.97
CA ARG B 1 9.69 2.19 0.69
C ARG B 1 10.05 0.92 -0.10
N ILE B 2 10.41 1.09 -1.37
CA ILE B 2 10.70 0.01 -2.29
C ILE B 2 12.01 -0.71 -1.91
N GLN B 3 12.12 -1.99 -2.31
CA GLN B 3 13.28 -2.86 -2.09
C GLN B 3 13.49 -3.18 -0.61
N ARG B 4 13.85 -2.19 0.21
CA ARG B 4 14.10 -2.39 1.64
C ARG B 4 12.76 -2.46 2.38
N ASN B 5 11.91 -3.39 1.96
CA ASN B 5 10.55 -3.49 2.42
C ASN B 5 10.49 -4.13 3.80
N LYS B 6 9.31 -4.08 4.43
CA LYS B 6 9.06 -4.55 5.80
C LYS B 6 10.09 -4.00 6.80
N ALA B 7 10.68 -2.85 6.49
CA ALA B 7 11.74 -2.23 7.27
C ALA B 7 11.68 -0.74 7.01
N ALA B 8 11.96 -0.29 5.78
CA ALA B 8 11.76 1.11 5.45
C ALA B 8 10.27 1.42 5.61
N ALA B 9 9.44 0.52 5.09
CA ALA B 9 8.01 0.55 5.27
C ALA B 9 7.62 0.61 6.75
N LEU B 10 8.19 -0.24 7.60
CA LEU B 10 7.86 -0.24 9.02
C LEU B 10 8.29 1.07 9.69
N LEU B 11 9.47 1.60 9.35
CA LEU B 11 9.87 2.93 9.83
C LEU B 11 8.81 3.96 9.42
N ARG B 12 8.44 3.99 8.14
CA ARG B 12 7.44 4.95 7.68
C ARG B 12 6.04 4.68 8.28
N LEU B 13 5.72 3.44 8.64
CA LEU B 13 4.52 3.10 9.39
C LEU B 13 4.59 3.71 10.79
N ALA B 14 5.75 3.59 11.45
CA ALA B 14 5.99 4.28 12.71
C ALA B 14 5.84 5.80 12.51
N ALA B 15 6.27 6.30 11.34
CA ALA B 15 6.04 7.64 10.83
C ALA B 15 6.89 8.69 11.53
N ARG B 16 6.82 8.73 12.87
CA ARG B 16 7.61 9.60 13.74
C ARG B 16 9.10 9.54 13.36
N ALA A 31 -11.07 9.11 14.91
CA ALA A 31 -11.70 9.29 13.61
C ALA A 31 -10.95 8.47 12.54
N ASN A 32 -10.77 7.17 12.79
CA ASN A 32 -10.13 6.19 11.92
C ASN A 32 -8.64 6.42 11.62
N GLY A 33 -8.14 7.66 11.68
CA GLY A 33 -6.72 7.97 11.50
C GLY A 33 -6.38 8.05 10.02
N LEU A 34 -6.57 6.94 9.30
CA LEU A 34 -6.42 6.92 7.86
C LEU A 34 -7.76 7.32 7.24
N THR A 35 -7.76 7.98 6.09
CA THR A 35 -9.02 8.31 5.42
C THR A 35 -9.53 7.08 4.67
N VAL A 36 -10.85 6.92 4.62
CA VAL A 36 -11.56 5.75 4.12
C VAL A 36 -10.96 5.19 2.82
N ALA A 37 -10.70 6.04 1.83
CA ALA A 37 -10.15 5.60 0.55
C ALA A 37 -8.79 4.92 0.72
N GLN A 38 -7.84 5.56 1.41
CA GLN A 38 -6.55 4.93 1.65
C GLN A 38 -6.75 3.67 2.49
N ASN A 39 -7.65 3.71 3.48
CA ASN A 39 -7.95 2.55 4.31
C ASN A 39 -8.45 1.38 3.44
N GLN A 40 -9.34 1.65 2.48
CA GLN A 40 -9.80 0.74 1.45
C GLN A 40 -8.61 0.18 0.66
N VAL A 41 -7.80 1.05 0.06
CA VAL A 41 -6.64 0.61 -0.72
C VAL A 41 -5.76 -0.34 0.10
N LEU A 42 -5.36 0.13 1.28
CA LEU A 42 -4.62 -0.65 2.25
C LEU A 42 -5.31 -1.99 2.48
N ASN A 43 -6.59 -1.98 2.87
CA ASN A 43 -7.39 -3.17 3.10
C ASN A 43 -7.28 -4.15 1.95
N LEU A 44 -7.48 -3.70 0.71
CA LEU A 44 -7.32 -4.55 -0.46
C LEU A 44 -5.91 -5.14 -0.50
N ILE A 45 -4.88 -4.30 -0.34
CA ILE A 45 -3.50 -4.79 -0.34
C ILE A 45 -3.30 -5.84 0.77
N LYS A 46 -3.85 -5.63 1.98
CA LYS A 46 -3.74 -6.60 3.06
C LYS A 46 -4.47 -7.91 2.71
N ALA A 47 -5.70 -7.79 2.19
CA ALA A 47 -6.55 -8.92 1.86
C ALA A 47 -5.87 -9.80 0.80
N CYS A 48 -5.20 -9.18 -0.17
CA CYS A 48 -4.40 -9.92 -1.13
C CYS A 48 -3.35 -10.77 -0.40
N PRO A 49 -3.25 -12.08 -0.70
CA PRO A 49 -2.23 -12.97 -0.14
C PRO A 49 -0.79 -12.47 -0.25
N ARG A 50 -0.51 -11.55 -1.18
CA ARG A 50 0.77 -10.88 -1.33
C ARG A 50 1.93 -11.85 -1.61
N PRO A 51 1.92 -12.55 -2.74
CA PRO A 51 3.07 -13.31 -3.19
C PRO A 51 4.15 -12.31 -3.62
N GLU A 52 3.97 -11.66 -4.77
CA GLU A 52 4.79 -10.53 -5.19
C GLU A 52 4.35 -9.28 -4.42
N GLY A 53 3.03 -9.13 -4.23
CA GLY A 53 2.35 -7.96 -3.72
C GLY A 53 1.00 -7.93 -4.41
N LEU A 54 0.30 -6.80 -4.37
CA LEU A 54 -0.90 -6.53 -5.15
C LEU A 54 -0.53 -5.38 -6.08
N ASN A 55 -0.88 -5.45 -7.37
CA ASN A 55 -0.51 -4.36 -8.27
C ASN A 55 -1.47 -3.19 -8.11
N PHE A 56 -0.94 -2.01 -8.39
CA PHE A 56 -1.67 -0.76 -8.55
C PHE A 56 -2.83 -0.99 -9.54
N GLN A 57 -2.51 -1.67 -10.64
CA GLN A 57 -3.47 -2.01 -11.67
C GLN A 57 -4.57 -2.92 -11.08
N ASP A 58 -4.20 -3.98 -10.36
CA ASP A 58 -5.17 -4.83 -9.70
C ASP A 58 -6.05 -3.98 -8.79
N LEU A 59 -5.42 -3.07 -8.04
CA LEU A 59 -6.10 -2.17 -7.12
C LEU A 59 -7.18 -1.38 -7.86
N LYS A 60 -6.79 -0.59 -8.87
CA LYS A 60 -7.72 0.26 -9.60
C LYS A 60 -8.81 -0.60 -10.27
N ASN A 61 -8.40 -1.74 -10.84
CA ASN A 61 -9.31 -2.64 -11.54
C ASN A 61 -10.39 -3.14 -10.58
N GLN A 62 -10.02 -3.47 -9.34
CA GLN A 62 -11.02 -3.85 -8.33
C GLN A 62 -11.83 -2.63 -7.93
N LEU A 63 -11.18 -1.56 -7.46
CA LEU A 63 -11.88 -0.44 -6.86
C LEU A 63 -12.28 0.56 -7.95
N LYS A 64 -13.27 0.17 -8.77
CA LYS A 64 -13.82 0.93 -9.88
C LYS A 64 -14.60 2.16 -9.41
N HIS A 65 -13.91 3.07 -8.74
CA HIS A 65 -14.32 4.37 -8.25
C HIS A 65 -13.07 5.18 -7.91
N MET A 66 -12.01 4.50 -7.46
CA MET A 66 -10.73 5.12 -7.17
C MET A 66 -9.95 5.13 -8.49
N SER A 67 -9.82 6.31 -9.09
CA SER A 67 -9.15 6.49 -10.37
C SER A 67 -7.64 6.42 -10.17
N VAL A 68 -6.88 6.39 -11.26
CA VAL A 68 -5.42 6.29 -11.21
C VAL A 68 -4.86 7.33 -10.24
N SER A 69 -5.27 8.59 -10.39
CA SER A 69 -4.88 9.69 -9.53
C SER A 69 -5.24 9.43 -8.07
N SER A 70 -6.43 8.89 -7.82
CA SER A 70 -6.89 8.55 -6.48
C SER A 70 -5.93 7.52 -5.87
N ILE A 71 -5.68 6.44 -6.60
CA ILE A 71 -4.77 5.40 -6.17
C ILE A 71 -3.35 5.95 -6.03
N LYS A 72 -2.92 6.88 -6.89
CA LYS A 72 -1.59 7.47 -6.78
C LYS A 72 -1.46 8.21 -5.44
N GLN A 73 -2.44 9.05 -5.13
CA GLN A 73 -2.47 9.75 -3.85
C GLN A 73 -2.51 8.75 -2.70
N ALA A 74 -3.39 7.75 -2.77
CA ALA A 74 -3.48 6.72 -1.74
C ALA A 74 -2.13 6.02 -1.55
N VAL A 75 -1.51 5.59 -2.65
CA VAL A 75 -0.19 4.95 -2.66
C VAL A 75 0.81 5.88 -1.98
N ASP A 76 0.89 7.15 -2.41
CA ASP A 76 1.80 8.10 -1.80
C ASP A 76 1.58 8.15 -0.29
N PHE A 77 0.34 8.40 0.13
CA PHE A 77 -0.03 8.46 1.55
C PHE A 77 0.45 7.20 2.28
N LEU A 78 -0.06 6.03 1.87
CA LEU A 78 0.22 4.75 2.51
C LEU A 78 1.72 4.42 2.47
N SER A 79 2.43 4.85 1.43
CA SER A 79 3.87 4.71 1.39
C SER A 79 4.49 5.57 2.50
N ASN A 80 4.21 6.87 2.50
CA ASN A 80 4.75 7.79 3.50
C ASN A 80 4.48 7.28 4.91
N GLU A 81 3.25 6.85 5.19
CA GLU A 81 2.86 6.34 6.50
C GLU A 81 3.48 4.98 6.85
N GLY A 82 4.26 4.36 5.96
CA GLY A 82 4.82 3.03 6.21
C GLY A 82 3.71 2.00 6.38
N HIS A 83 2.72 2.06 5.51
CA HIS A 83 1.59 1.14 5.47
C HIS A 83 1.73 0.22 4.27
N ILE A 84 2.23 0.74 3.14
CA ILE A 84 2.60 -0.07 2.00
C ILE A 84 4.03 0.25 1.54
N TYR A 85 4.58 -0.64 0.72
CA TYR A 85 5.85 -0.42 0.04
C TYR A 85 5.86 -1.21 -1.25
N SER A 86 6.71 -0.78 -2.18
CA SER A 86 6.84 -1.35 -3.51
C SER A 86 7.86 -2.49 -3.48
N THR A 87 7.61 -3.57 -4.25
CA THR A 87 8.41 -4.79 -4.16
C THR A 87 9.10 -5.12 -5.47
N VAL A 88 8.55 -6.07 -6.24
CA VAL A 88 9.22 -6.64 -7.41
C VAL A 88 9.34 -5.61 -8.54
N ASP A 89 8.41 -4.66 -8.58
CA ASP A 89 8.37 -3.56 -9.54
C ASP A 89 7.48 -2.50 -8.89
N ASP A 90 7.64 -1.23 -9.30
CA ASP A 90 6.93 -0.10 -8.69
C ASP A 90 5.41 -0.15 -8.86
N ASP A 91 4.87 -1.12 -9.60
CA ASP A 91 3.43 -1.33 -9.66
C ASP A 91 2.98 -2.26 -8.52
N HIS A 92 3.85 -3.16 -8.04
CA HIS A 92 3.53 -4.19 -7.06
C HIS A 92 3.78 -3.62 -5.67
N PHE A 93 2.72 -3.49 -4.85
CA PHE A 93 2.84 -3.05 -3.47
C PHE A 93 2.46 -4.16 -2.50
N LYS A 94 3.22 -4.29 -1.42
CA LYS A 94 2.89 -5.13 -0.27
C LYS A 94 2.64 -4.19 0.90
N SER A 95 1.88 -4.64 1.90
CA SER A 95 1.67 -3.89 3.14
C SER A 95 2.73 -4.25 4.17
N THR A 96 2.99 -3.33 5.11
CA THR A 96 3.82 -3.60 6.28
C THR A 96 3.10 -4.60 7.19
N ASP A 97 1.80 -4.38 7.40
CA ASP A 97 1.01 -5.17 8.33
C ASP A 97 0.72 -6.55 7.74
N ALA A 98 0.73 -7.58 8.60
CA ALA A 98 0.27 -8.91 8.24
C ALA A 98 -1.23 -8.85 7.97
N GLU A 99 -2.02 -8.43 8.97
CA GLU A 99 -3.46 -8.28 8.88
C GLU A 99 -3.97 -7.57 10.15
N ARG B 1 17.95 -4.50 -3.50
CA ARG B 1 17.66 -3.92 -2.18
C ARG B 1 16.16 -3.83 -1.91
N ILE B 2 15.36 -3.54 -2.94
CA ILE B 2 13.91 -3.35 -2.82
C ILE B 2 13.21 -4.56 -2.17
N GLN B 3 13.82 -5.75 -2.28
CA GLN B 3 13.42 -6.95 -1.57
C GLN B 3 13.17 -6.65 -0.08
N ARG B 4 14.06 -5.88 0.56
CA ARG B 4 13.96 -5.54 1.96
C ARG B 4 13.31 -4.17 2.19
N ASN B 5 12.56 -3.65 1.21
CA ASN B 5 11.84 -2.38 1.33
C ASN B 5 10.94 -2.40 2.57
N LYS B 6 10.48 -3.60 2.95
CA LYS B 6 9.79 -3.85 4.21
C LYS B 6 10.44 -3.11 5.38
N ALA B 7 11.77 -3.17 5.48
CA ALA B 7 12.51 -2.56 6.58
C ALA B 7 12.31 -1.04 6.56
N ALA B 8 12.52 -0.43 5.40
CA ALA B 8 12.31 1.00 5.22
C ALA B 8 10.86 1.36 5.55
N ALA B 9 9.92 0.52 5.13
CA ALA B 9 8.51 0.72 5.39
C ALA B 9 8.19 0.68 6.88
N LEU B 10 8.72 -0.32 7.60
CA LEU B 10 8.56 -0.39 9.04
C LEU B 10 9.21 0.83 9.70
N LEU B 11 10.39 1.25 9.23
CA LEU B 11 11.03 2.47 9.72
C LEU B 11 10.12 3.68 9.50
N ARG B 12 9.55 3.84 8.30
CA ARG B 12 8.55 4.86 8.01
C ARG B 12 7.40 4.79 9.02
N LEU B 13 6.83 3.60 9.22
CA LEU B 13 5.76 3.38 10.20
C LEU B 13 6.21 3.91 11.56
N ALA B 14 7.43 3.57 11.97
CA ALA B 14 8.01 3.98 13.24
C ALA B 14 8.52 5.43 13.23
N ALA B 15 8.12 6.27 12.27
CA ALA B 15 8.42 7.70 12.29
C ALA B 15 7.59 8.37 13.40
N ARG B 16 8.02 8.19 14.65
CA ARG B 16 7.27 8.55 15.85
C ARG B 16 5.96 7.76 15.87
N ALA A 31 -9.62 8.59 14.81
CA ALA A 31 -8.66 7.56 15.19
C ALA A 31 -7.94 7.01 13.95
N ASN A 32 -8.69 6.37 13.05
CA ASN A 32 -8.21 6.00 11.73
C ASN A 32 -7.92 7.28 10.94
N GLY A 33 -6.69 7.79 11.07
CA GLY A 33 -6.23 8.98 10.39
C GLY A 33 -6.28 8.88 8.86
N LEU A 34 -6.24 7.66 8.30
CA LEU A 34 -6.14 7.46 6.87
C LEU A 34 -7.57 7.45 6.33
N THR A 35 -7.87 8.28 5.34
CA THR A 35 -9.26 8.45 4.92
C THR A 35 -9.77 7.19 4.23
N VAL A 36 -11.10 7.02 4.17
CA VAL A 36 -11.78 5.80 3.75
C VAL A 36 -11.07 5.09 2.59
N ALA A 37 -10.87 5.77 1.46
CA ALA A 37 -10.23 5.18 0.30
C ALA A 37 -8.80 4.71 0.62
N GLN A 38 -8.04 5.48 1.41
CA GLN A 38 -6.68 5.10 1.79
C GLN A 38 -6.74 3.86 2.67
N ASN A 39 -7.60 3.90 3.69
CA ASN A 39 -7.79 2.78 4.61
C ASN A 39 -8.17 1.52 3.82
N GLN A 40 -9.08 1.65 2.86
CA GLN A 40 -9.45 0.60 1.92
C GLN A 40 -8.23 0.11 1.12
N VAL A 41 -7.53 0.99 0.41
CA VAL A 41 -6.33 0.64 -0.36
C VAL A 41 -5.37 -0.17 0.52
N LEU A 42 -5.04 0.37 1.69
CA LEU A 42 -4.23 -0.30 2.68
C LEU A 42 -4.80 -1.69 2.98
N ASN A 43 -6.07 -1.78 3.37
CA ASN A 43 -6.74 -3.05 3.64
C ASN A 43 -6.58 -4.06 2.50
N LEU A 44 -6.84 -3.66 1.26
CA LEU A 44 -6.59 -4.51 0.11
C LEU A 44 -5.12 -4.97 0.10
N ILE A 45 -4.19 -4.03 0.24
CA ILE A 45 -2.76 -4.33 0.21
C ILE A 45 -2.34 -5.17 1.44
N LYS A 46 -3.08 -5.14 2.55
CA LYS A 46 -2.89 -6.06 3.67
C LYS A 46 -3.36 -7.45 3.25
N ALA A 47 -4.62 -7.53 2.79
CA ALA A 47 -5.28 -8.77 2.39
C ALA A 47 -4.51 -9.50 1.28
N CYS A 48 -3.71 -8.76 0.51
CA CYS A 48 -2.83 -9.24 -0.54
C CYS A 48 -2.32 -10.69 -0.34
N PRO A 49 -2.89 -11.69 -1.02
CA PRO A 49 -2.38 -13.05 -0.98
C PRO A 49 -1.15 -13.19 -1.88
N ARG A 50 -1.12 -12.43 -2.99
CA ARG A 50 -0.08 -12.41 -4.01
C ARG A 50 1.32 -12.36 -3.37
N PRO A 51 2.13 -13.43 -3.45
CA PRO A 51 3.50 -13.43 -2.96
C PRO A 51 4.31 -12.23 -3.49
N GLU A 52 4.22 -11.98 -4.80
CA GLU A 52 4.92 -10.87 -5.46
C GLU A 52 4.37 -9.50 -5.05
N GLY A 53 3.18 -9.45 -4.44
CA GLY A 53 2.50 -8.23 -4.04
C GLY A 53 1.25 -7.98 -4.89
N LEU A 54 0.41 -7.07 -4.41
CA LEU A 54 -0.86 -6.75 -5.02
C LEU A 54 -0.57 -5.66 -6.05
N ASN A 55 -1.00 -5.84 -7.29
CA ASN A 55 -0.68 -4.85 -8.29
C ASN A 55 -1.53 -3.61 -8.09
N PHE A 56 -0.95 -2.46 -8.41
CA PHE A 56 -1.69 -1.20 -8.50
C PHE A 56 -2.86 -1.39 -9.47
N GLN A 57 -2.60 -2.12 -10.56
CA GLN A 57 -3.61 -2.52 -11.52
C GLN A 57 -4.74 -3.32 -10.84
N ASP A 58 -4.40 -4.24 -9.93
CA ASP A 58 -5.41 -4.99 -9.19
C ASP A 58 -6.20 -4.03 -8.31
N LEU A 59 -5.49 -3.09 -7.67
CA LEU A 59 -6.09 -2.06 -6.85
C LEU A 59 -7.17 -1.32 -7.66
N LYS A 60 -6.82 -0.84 -8.86
CA LYS A 60 -7.77 -0.23 -9.78
C LYS A 60 -8.91 -1.20 -10.10
N ASN A 61 -8.57 -2.42 -10.53
CA ASN A 61 -9.55 -3.42 -10.95
C ASN A 61 -10.61 -3.66 -9.87
N GLN A 62 -10.20 -3.66 -8.60
CA GLN A 62 -11.13 -3.69 -7.49
C GLN A 62 -11.87 -2.35 -7.41
N LEU A 63 -11.15 -1.26 -7.13
CA LEU A 63 -11.76 0.03 -6.84
C LEU A 63 -11.98 0.81 -8.13
N LYS A 64 -12.70 0.21 -9.09
CA LYS A 64 -12.92 0.80 -10.42
C LYS A 64 -13.46 2.23 -10.34
N HIS A 65 -14.32 2.47 -9.35
CA HIS A 65 -14.98 3.75 -9.15
C HIS A 65 -14.01 4.85 -8.70
N MET A 66 -12.88 4.49 -8.09
CA MET A 66 -12.02 5.45 -7.42
C MET A 66 -10.97 6.01 -8.39
N SER A 67 -10.90 7.34 -8.50
CA SER A 67 -9.98 8.07 -9.34
C SER A 67 -8.53 7.62 -9.11
N VAL A 68 -7.88 7.12 -10.16
CA VAL A 68 -6.53 6.58 -10.08
C VAL A 68 -5.58 7.60 -9.44
N SER A 69 -5.69 8.88 -9.80
CA SER A 69 -4.91 9.95 -9.20
C SER A 69 -4.97 9.87 -7.68
N SER A 70 -6.18 9.88 -7.12
CA SER A 70 -6.40 9.78 -5.68
C SER A 70 -5.79 8.50 -5.12
N ILE A 71 -5.92 7.38 -5.85
CA ILE A 71 -5.31 6.12 -5.44
C ILE A 71 -3.77 6.21 -5.48
N LYS A 72 -3.20 6.95 -6.44
CA LYS A 72 -1.76 7.15 -6.54
C LYS A 72 -1.28 8.00 -5.36
N GLN A 73 -2.01 9.08 -5.07
CA GLN A 73 -1.78 9.95 -3.92
C GLN A 73 -1.87 9.11 -2.62
N ALA A 74 -2.89 8.26 -2.53
CA ALA A 74 -3.04 7.32 -1.42
C ALA A 74 -1.79 6.43 -1.32
N VAL A 75 -1.39 5.77 -2.41
CA VAL A 75 -0.16 4.99 -2.45
C VAL A 75 1.01 5.81 -1.90
N ASP A 76 1.23 7.02 -2.43
CA ASP A 76 2.32 7.89 -1.98
C ASP A 76 2.24 8.10 -0.47
N PHE A 77 1.07 8.52 0.04
CA PHE A 77 0.88 8.74 1.47
C PHE A 77 1.18 7.47 2.26
N LEU A 78 0.45 6.39 1.99
CA LEU A 78 0.60 5.11 2.67
C LEU A 78 2.05 4.62 2.64
N SER A 79 2.74 4.85 1.52
CA SER A 79 4.16 4.55 1.40
C SER A 79 4.96 5.43 2.37
N ASN A 80 4.78 6.74 2.31
CA ASN A 80 5.46 7.69 3.19
C ASN A 80 5.25 7.34 4.66
N GLU A 81 4.04 6.95 5.05
CA GLU A 81 3.70 6.58 6.42
C GLU A 81 4.18 5.17 6.79
N GLY A 82 4.86 4.46 5.88
CA GLY A 82 5.36 3.13 6.19
C GLY A 82 4.23 2.12 6.40
N HIS A 83 3.11 2.30 5.71
CA HIS A 83 1.93 1.44 5.78
C HIS A 83 1.95 0.42 4.64
N ILE A 84 2.37 0.86 3.44
CA ILE A 84 2.65 -0.02 2.30
C ILE A 84 4.05 0.26 1.80
N TYR A 85 4.55 -0.61 0.91
CA TYR A 85 5.76 -0.39 0.17
C TYR A 85 5.64 -1.16 -1.14
N SER A 86 6.49 -0.82 -2.10
CA SER A 86 6.59 -1.53 -3.36
C SER A 86 7.60 -2.68 -3.20
N THR A 87 7.32 -3.82 -3.83
CA THR A 87 8.10 -5.04 -3.65
C THR A 87 9.11 -5.22 -4.79
N VAL A 88 8.62 -5.66 -5.94
CA VAL A 88 9.42 -5.97 -7.11
C VAL A 88 9.57 -4.74 -8.01
N ASP A 89 8.55 -3.88 -8.03
CA ASP A 89 8.53 -2.64 -8.78
C ASP A 89 7.40 -1.77 -8.24
N ASP A 90 7.34 -0.50 -8.61
CA ASP A 90 6.39 0.45 -8.06
C ASP A 90 4.97 0.31 -8.61
N ASP A 91 4.63 -0.87 -9.16
CA ASP A 91 3.29 -1.28 -9.53
C ASP A 91 2.88 -2.53 -8.75
N HIS A 92 3.73 -3.05 -7.85
CA HIS A 92 3.42 -4.17 -6.97
C HIS A 92 3.63 -3.70 -5.52
N PHE A 93 2.57 -3.61 -4.71
CA PHE A 93 2.68 -3.19 -3.32
C PHE A 93 2.31 -4.31 -2.35
N LYS A 94 2.92 -4.29 -1.16
CA LYS A 94 2.56 -5.12 -0.02
C LYS A 94 2.61 -4.24 1.22
N SER A 95 1.88 -4.65 2.27
CA SER A 95 1.74 -3.84 3.47
C SER A 95 2.84 -4.14 4.48
N THR A 96 3.06 -3.14 5.34
CA THR A 96 3.87 -3.23 6.54
C THR A 96 3.28 -4.36 7.41
N ASP A 97 1.95 -4.47 7.40
CA ASP A 97 1.20 -5.56 7.99
C ASP A 97 0.56 -6.38 6.87
N ALA A 98 1.40 -7.00 6.02
CA ALA A 98 0.92 -7.93 5.00
C ALA A 98 0.29 -9.15 5.68
N GLU A 99 -0.97 -9.45 5.35
CA GLU A 99 -1.75 -10.53 5.93
C GLU A 99 -1.66 -10.53 7.46
N ARG B 1 17.38 -2.54 -2.07
CA ARG B 1 16.65 -2.85 -0.84
C ARG B 1 15.14 -2.99 -1.04
N ILE B 2 14.64 -2.76 -2.26
CA ILE B 2 13.21 -2.67 -2.56
C ILE B 2 12.45 -3.88 -1.98
N GLN B 3 12.91 -5.10 -2.25
CA GLN B 3 12.25 -6.31 -1.78
C GLN B 3 12.20 -6.42 -0.25
N ARG B 4 13.06 -5.68 0.49
CA ARG B 4 13.09 -5.66 1.95
C ARG B 4 12.42 -4.39 2.48
N ASN B 5 11.67 -3.65 1.64
CA ASN B 5 11.09 -2.37 2.01
C ASN B 5 10.22 -2.45 3.27
N LYS B 6 9.64 -3.60 3.61
CA LYS B 6 8.93 -3.75 4.88
C LYS B 6 9.77 -3.27 6.05
N ALA B 7 11.08 -3.52 6.04
CA ALA B 7 11.98 -3.03 7.07
C ALA B 7 11.89 -1.49 7.17
N ALA B 8 12.08 -0.83 6.03
CA ALA B 8 12.00 0.62 5.93
C ALA B 8 10.62 1.12 6.35
N ALA B 9 9.57 0.43 5.92
CA ALA B 9 8.19 0.80 6.23
C ALA B 9 7.94 0.73 7.74
N LEU B 10 8.30 -0.39 8.37
CA LEU B 10 8.20 -0.53 9.81
C LEU B 10 8.99 0.58 10.50
N LEU B 11 10.22 0.86 10.05
CA LEU B 11 11.00 1.96 10.60
C LEU B 11 10.25 3.29 10.47
N ARG B 12 9.77 3.62 9.27
CA ARG B 12 9.01 4.84 9.02
C ARG B 12 7.82 4.95 9.96
N LEU B 13 7.03 3.87 10.07
CA LEU B 13 5.89 3.83 10.97
C LEU B 13 6.35 4.10 12.39
N ALA B 14 7.31 3.30 12.90
CA ALA B 14 7.86 3.43 14.23
C ALA B 14 8.37 4.84 14.53
N ALA B 15 8.97 5.50 13.52
CA ALA B 15 9.46 6.86 13.66
C ALA B 15 8.34 7.86 13.96
N ARG B 16 7.08 7.57 13.59
CA ARG B 16 5.97 8.44 13.92
C ARG B 16 5.72 8.42 15.43
N ALA A 31 -11.32 6.26 15.79
CA ALA A 31 -9.92 6.32 15.38
C ALA A 31 -9.77 5.83 13.95
N ASN A 32 -10.49 6.44 13.00
CA ASN A 32 -10.41 6.08 11.59
C ASN A 32 -9.00 6.36 11.04
N GLY A 33 -8.37 7.41 11.59
CA GLY A 33 -6.96 7.74 11.39
C GLY A 33 -6.68 8.26 9.98
N LEU A 34 -6.74 7.35 9.01
CA LEU A 34 -6.58 7.66 7.60
C LEU A 34 -7.98 8.00 7.06
N THR A 35 -8.11 8.38 5.80
CA THR A 35 -9.44 8.48 5.20
C THR A 35 -10.04 7.08 5.09
N VAL A 36 -11.36 6.99 4.90
CA VAL A 36 -12.03 5.72 4.63
C VAL A 36 -11.49 5.13 3.33
N ALA A 37 -11.15 5.97 2.35
CA ALA A 37 -10.52 5.58 1.10
C ALA A 37 -9.16 4.94 1.34
N GLN A 38 -8.25 5.67 2.00
CA GLN A 38 -6.91 5.17 2.27
C GLN A 38 -7.00 3.88 3.10
N ASN A 39 -7.87 3.86 4.12
CA ASN A 39 -8.15 2.65 4.90
C ASN A 39 -8.54 1.50 3.96
N GLN A 40 -9.55 1.70 3.12
CA GLN A 40 -9.98 0.72 2.12
C GLN A 40 -8.80 0.22 1.28
N VAL A 41 -8.05 1.12 0.64
CA VAL A 41 -6.93 0.74 -0.21
C VAL A 41 -5.93 -0.10 0.60
N LEU A 42 -5.50 0.41 1.76
CA LEU A 42 -4.64 -0.30 2.69
C LEU A 42 -5.20 -1.70 2.99
N ASN A 43 -6.49 -1.79 3.31
CA ASN A 43 -7.17 -3.03 3.61
C ASN A 43 -7.09 -4.00 2.44
N LEU A 44 -7.35 -3.54 1.21
CA LEU A 44 -7.11 -4.37 0.03
C LEU A 44 -5.66 -4.84 0.00
N ILE A 45 -4.71 -3.92 0.17
CA ILE A 45 -3.29 -4.27 0.12
C ILE A 45 -2.92 -5.27 1.21
N LYS A 46 -3.55 -5.23 2.40
CA LYS A 46 -3.40 -6.29 3.40
C LYS A 46 -3.98 -7.60 2.87
N ALA A 47 -5.24 -7.56 2.43
CA ALA A 47 -6.01 -8.73 2.01
C ALA A 47 -5.37 -9.44 0.80
N CYS A 48 -4.62 -8.69 -0.01
CA CYS A 48 -3.97 -9.12 -1.24
C CYS A 48 -3.56 -10.60 -1.26
N PRO A 49 -4.32 -11.47 -1.95
CA PRO A 49 -3.98 -12.89 -2.05
C PRO A 49 -2.79 -13.09 -2.99
N ARG A 50 -2.60 -12.20 -3.97
CA ARG A 50 -1.55 -12.28 -4.98
C ARG A 50 -0.17 -12.27 -4.29
N PRO A 51 0.60 -13.37 -4.31
CA PRO A 51 1.88 -13.46 -3.63
C PRO A 51 2.83 -12.30 -3.94
N GLU A 52 2.90 -11.90 -5.22
CA GLU A 52 3.75 -10.83 -5.69
C GLU A 52 3.35 -9.46 -5.15
N GLY A 53 2.17 -9.34 -4.52
CA GLY A 53 1.63 -8.07 -4.05
C GLY A 53 0.50 -7.61 -4.96
N LEU A 54 -0.19 -6.55 -4.54
CA LEU A 54 -1.32 -6.00 -5.26
C LEU A 54 -0.80 -4.97 -6.24
N ASN A 55 -0.88 -5.27 -7.53
CA ASN A 55 -0.55 -4.29 -8.56
C ASN A 55 -1.56 -3.16 -8.48
N PHE A 56 -1.09 -1.94 -8.68
CA PHE A 56 -1.88 -0.72 -8.85
C PHE A 56 -3.05 -0.98 -9.81
N GLN A 57 -2.78 -1.72 -10.88
CA GLN A 57 -3.77 -2.09 -11.87
C GLN A 57 -4.84 -3.00 -11.26
N ASP A 58 -4.45 -4.01 -10.48
CA ASP A 58 -5.39 -4.90 -9.81
C ASP A 58 -6.23 -4.11 -8.82
N LEU A 59 -5.53 -3.36 -7.98
CA LEU A 59 -6.07 -2.42 -7.01
C LEU A 59 -7.17 -1.57 -7.66
N LYS A 60 -6.85 -0.85 -8.74
CA LYS A 60 -7.83 0.01 -9.40
C LYS A 60 -8.95 -0.81 -10.03
N ASN A 61 -8.63 -1.96 -10.66
CA ASN A 61 -9.65 -2.83 -11.24
C ASN A 61 -10.62 -3.33 -10.17
N GLN A 62 -10.16 -3.57 -8.95
CA GLN A 62 -11.04 -3.88 -7.84
C GLN A 62 -11.82 -2.61 -7.46
N LEU A 63 -11.14 -1.52 -7.13
CA LEU A 63 -11.78 -0.29 -6.71
C LEU A 63 -12.10 0.57 -7.93
N LYS A 64 -12.97 0.07 -8.81
CA LYS A 64 -13.34 0.72 -10.06
C LYS A 64 -13.74 2.18 -9.89
N HIS A 65 -14.39 2.50 -8.77
CA HIS A 65 -14.87 3.84 -8.47
C HIS A 65 -13.74 4.84 -8.18
N MET A 66 -12.52 4.37 -7.87
CA MET A 66 -11.42 5.25 -7.49
C MET A 66 -10.67 5.68 -8.75
N SER A 67 -10.35 6.97 -8.85
CA SER A 67 -9.51 7.44 -9.93
C SER A 67 -8.07 6.96 -9.73
N VAL A 68 -7.30 6.89 -10.82
CA VAL A 68 -5.88 6.62 -10.75
C VAL A 68 -5.23 7.61 -9.79
N SER A 69 -5.62 8.89 -9.84
CA SER A 69 -5.15 9.93 -8.95
C SER A 69 -5.48 9.61 -7.49
N SER A 70 -6.70 9.18 -7.18
CA SER A 70 -7.07 8.82 -5.81
C SER A 70 -6.18 7.67 -5.32
N ILE A 71 -6.01 6.64 -6.15
CA ILE A 71 -5.13 5.55 -5.77
C ILE A 71 -3.68 6.03 -5.70
N LYS A 72 -3.25 6.97 -6.53
CA LYS A 72 -1.90 7.50 -6.46
C LYS A 72 -1.69 8.18 -5.10
N GLN A 73 -2.62 9.06 -4.70
CA GLN A 73 -2.54 9.69 -3.39
C GLN A 73 -2.54 8.62 -2.30
N ALA A 74 -3.40 7.59 -2.44
CA ALA A 74 -3.46 6.52 -1.47
C ALA A 74 -2.09 5.85 -1.34
N VAL A 75 -1.56 5.34 -2.45
CA VAL A 75 -0.25 4.70 -2.53
C VAL A 75 0.81 5.59 -1.90
N ASP A 76 0.94 6.84 -2.38
CA ASP A 76 1.95 7.75 -1.87
C ASP A 76 1.82 7.92 -0.35
N PHE A 77 0.61 8.24 0.11
CA PHE A 77 0.33 8.46 1.51
C PHE A 77 0.68 7.22 2.32
N LEU A 78 0.04 6.08 2.03
CA LEU A 78 0.23 4.82 2.71
C LEU A 78 1.70 4.38 2.70
N SER A 79 2.42 4.66 1.61
CA SER A 79 3.85 4.42 1.56
C SER A 79 4.54 5.31 2.61
N ASN A 80 4.33 6.63 2.53
CA ASN A 80 5.00 7.57 3.41
C ASN A 80 4.69 7.30 4.89
N GLU A 81 3.45 6.96 5.19
CA GLU A 81 2.98 6.60 6.53
C GLU A 81 3.59 5.29 7.03
N GLY A 82 4.30 4.55 6.18
CA GLY A 82 4.80 3.25 6.58
C GLY A 82 3.63 2.31 6.85
N HIS A 83 2.71 2.21 5.88
CA HIS A 83 1.60 1.26 5.94
C HIS A 83 1.76 0.21 4.84
N ILE A 84 2.15 0.65 3.63
CA ILE A 84 2.49 -0.23 2.52
C ILE A 84 3.95 -0.05 2.09
N TYR A 85 4.43 -0.98 1.27
CA TYR A 85 5.71 -0.89 0.58
C TYR A 85 5.56 -1.58 -0.77
N SER A 86 6.50 -1.30 -1.68
CA SER A 86 6.55 -1.87 -3.00
C SER A 86 7.39 -3.15 -2.99
N THR A 87 6.94 -4.19 -3.71
CA THR A 87 7.55 -5.51 -3.65
C THR A 87 8.55 -5.70 -4.79
N VAL A 88 8.06 -6.17 -5.94
CA VAL A 88 8.87 -6.53 -7.10
C VAL A 88 9.22 -5.28 -7.92
N ASP A 89 8.31 -4.31 -7.96
CA ASP A 89 8.46 -3.03 -8.62
C ASP A 89 7.40 -2.11 -8.06
N ASP A 90 7.53 -0.80 -8.31
CA ASP A 90 6.68 0.21 -7.67
C ASP A 90 5.24 0.28 -8.19
N ASP A 91 4.76 -0.79 -8.86
CA ASP A 91 3.35 -0.96 -9.19
C ASP A 91 2.75 -1.96 -8.21
N HIS A 92 3.54 -2.92 -7.72
CA HIS A 92 3.09 -3.99 -6.84
C HIS A 92 3.35 -3.59 -5.40
N PHE A 93 2.29 -3.45 -4.58
CA PHE A 93 2.43 -3.11 -3.17
C PHE A 93 1.93 -4.23 -2.26
N LYS A 94 2.54 -4.33 -1.07
CA LYS A 94 2.08 -5.17 0.03
C LYS A 94 2.15 -4.34 1.30
N SER A 95 1.46 -4.77 2.35
CA SER A 95 1.40 -4.01 3.59
C SER A 95 2.57 -4.38 4.48
N THR A 96 3.00 -3.44 5.32
CA THR A 96 4.04 -3.60 6.33
C THR A 96 3.99 -4.96 7.03
N ASP A 97 2.80 -5.43 7.39
CA ASP A 97 2.59 -6.66 8.16
C ASP A 97 2.18 -7.85 7.29
N ALA A 98 2.15 -7.72 5.96
CA ALA A 98 1.64 -8.75 5.06
C ALA A 98 2.69 -9.84 4.84
N GLU A 99 3.10 -10.51 5.92
CA GLU A 99 4.04 -11.63 5.89
C GLU A 99 3.44 -12.79 6.68
N ARG B 1 18.05 -6.21 -5.77
CA ARG B 1 17.04 -6.81 -4.88
C ARG B 1 16.12 -5.74 -4.28
N ILE B 2 15.37 -5.04 -5.16
CA ILE B 2 14.48 -3.94 -4.82
C ILE B 2 15.15 -2.99 -3.80
N GLN B 3 14.64 -2.93 -2.57
CA GLN B 3 15.09 -2.09 -1.47
C GLN B 3 14.72 -2.86 -0.20
N ARG B 4 15.25 -2.48 0.97
CA ARG B 4 14.79 -3.00 2.26
C ARG B 4 13.42 -2.41 2.58
N ASN B 5 12.43 -2.87 1.83
CA ASN B 5 11.07 -2.39 1.72
C ASN B 5 10.31 -2.38 3.04
N LYS B 6 9.92 -3.55 3.56
CA LYS B 6 9.21 -3.66 4.83
C LYS B 6 9.97 -2.92 5.93
N ALA B 7 11.30 -3.06 5.96
CA ALA B 7 12.13 -2.35 6.92
C ALA B 7 11.95 -0.82 6.79
N ALA B 8 12.07 -0.27 5.59
CA ALA B 8 11.93 1.16 5.37
C ALA B 8 10.55 1.63 5.82
N ALA B 9 9.50 0.92 5.40
CA ALA B 9 8.14 1.25 5.80
C ALA B 9 7.99 1.19 7.32
N LEU B 10 8.50 0.14 7.96
CA LEU B 10 8.46 0.01 9.42
C LEU B 10 9.18 1.17 10.09
N LEU B 11 10.37 1.53 9.58
CA LEU B 11 11.12 2.67 10.10
C LEU B 11 10.27 3.95 9.98
N ARG B 12 9.68 4.22 8.82
CA ARG B 12 8.76 5.35 8.66
C ARG B 12 7.64 5.29 9.72
N LEU B 13 6.96 4.15 9.81
CA LEU B 13 5.85 3.91 10.72
C LEU B 13 6.24 4.28 12.14
N ALA B 14 7.40 3.79 12.60
CA ALA B 14 7.91 4.07 13.93
C ALA B 14 8.32 5.54 14.09
N ALA B 15 9.01 6.08 13.08
CA ALA B 15 9.61 7.41 13.13
C ALA B 15 8.55 8.49 13.23
N ARG B 16 7.53 8.46 12.36
CA ARG B 16 6.46 9.44 12.43
C ARG B 16 5.65 9.25 13.70
N ALA A 31 -7.53 2.66 15.93
CA ALA A 31 -8.01 1.47 15.22
C ALA A 31 -8.14 1.73 13.72
N ASN A 32 -8.63 2.92 13.36
CA ASN A 32 -8.62 3.41 12.00
C ASN A 32 -7.26 4.08 11.74
N GLY A 33 -6.93 5.13 12.50
CA GLY A 33 -5.60 5.74 12.50
C GLY A 33 -5.36 6.59 11.26
N LEU A 34 -5.28 5.92 10.11
CA LEU A 34 -5.02 6.53 8.81
C LEU A 34 -6.38 6.93 8.21
N THR A 35 -6.40 7.77 7.18
CA THR A 35 -7.63 8.06 6.46
C THR A 35 -8.25 6.74 5.96
N VAL A 36 -9.57 6.60 6.12
CA VAL A 36 -10.32 5.37 5.92
C VAL A 36 -9.94 4.66 4.62
N ALA A 37 -9.89 5.40 3.51
CA ALA A 37 -9.52 4.84 2.22
C ALA A 37 -8.10 4.25 2.26
N GLN A 38 -7.14 4.98 2.84
CA GLN A 38 -5.77 4.52 2.90
C GLN A 38 -5.65 3.30 3.83
N ASN A 39 -6.32 3.36 4.99
CA ASN A 39 -6.50 2.24 5.90
C ASN A 39 -7.01 1.02 5.12
N GLN A 40 -8.02 1.19 4.28
CA GLN A 40 -8.56 0.15 3.42
C GLN A 40 -7.53 -0.36 2.38
N VAL A 41 -6.87 0.53 1.63
CA VAL A 41 -5.84 0.09 0.69
C VAL A 41 -4.79 -0.77 1.41
N LEU A 42 -4.26 -0.23 2.51
CA LEU A 42 -3.35 -0.96 3.40
C LEU A 42 -3.96 -2.32 3.77
N ASN A 43 -5.20 -2.34 4.24
CA ASN A 43 -5.88 -3.55 4.67
C ASN A 43 -5.89 -4.57 3.52
N LEU A 44 -6.25 -4.16 2.30
CA LEU A 44 -6.17 -5.04 1.15
C LEU A 44 -4.75 -5.59 0.98
N ILE A 45 -3.75 -4.69 0.89
CA ILE A 45 -2.37 -5.09 0.67
C ILE A 45 -1.92 -6.09 1.75
N LYS A 46 -2.21 -5.79 3.02
CA LYS A 46 -1.75 -6.58 4.15
C LYS A 46 -2.51 -7.90 4.26
N ALA A 47 -3.81 -7.90 3.93
CA ALA A 47 -4.65 -9.09 3.99
C ALA A 47 -4.26 -10.10 2.91
N CYS A 48 -3.85 -9.62 1.73
CA CYS A 48 -3.38 -10.50 0.67
C CYS A 48 -2.32 -11.49 1.20
N PRO A 49 -2.45 -12.81 1.00
CA PRO A 49 -1.50 -13.82 1.49
C PRO A 49 -0.06 -13.77 0.97
N ARG A 50 0.46 -12.61 0.58
CA ARG A 50 1.85 -12.35 0.26
C ARG A 50 2.52 -13.29 -0.77
N PRO A 51 1.92 -13.56 -1.93
CA PRO A 51 2.60 -14.23 -3.02
C PRO A 51 3.41 -13.13 -3.72
N GLU A 52 3.05 -12.74 -4.94
CA GLU A 52 3.60 -11.56 -5.60
C GLU A 52 2.90 -10.33 -5.00
N GLY A 53 3.01 -10.19 -3.68
CA GLY A 53 2.41 -9.12 -2.90
C GLY A 53 0.98 -8.84 -3.31
N LEU A 54 0.65 -7.56 -3.40
CA LEU A 54 -0.57 -7.09 -4.00
C LEU A 54 -0.13 -5.94 -4.89
N ASN A 55 0.12 -6.24 -6.16
CA ASN A 55 0.76 -5.28 -7.06
C ASN A 55 -0.13 -4.06 -7.16
N PHE A 56 0.46 -2.90 -7.44
CA PHE A 56 -0.28 -1.67 -7.71
C PHE A 56 -1.32 -1.92 -8.80
N GLN A 57 -0.93 -2.68 -9.82
CA GLN A 57 -1.81 -3.07 -10.90
C GLN A 57 -3.01 -3.86 -10.36
N ASP A 58 -2.77 -4.83 -9.47
CA ASP A 58 -3.85 -5.59 -8.86
C ASP A 58 -4.77 -4.61 -8.14
N LEU A 59 -4.17 -3.79 -7.28
CA LEU A 59 -4.83 -2.78 -6.48
C LEU A 59 -5.78 -1.95 -7.35
N LYS A 60 -5.26 -1.35 -8.42
CA LYS A 60 -6.03 -0.46 -9.27
C LYS A 60 -7.09 -1.23 -10.06
N ASN A 61 -6.77 -2.45 -10.53
CA ASN A 61 -7.75 -3.28 -11.23
C ASN A 61 -8.88 -3.68 -10.29
N GLN A 62 -8.61 -3.91 -9.01
CA GLN A 62 -9.65 -4.15 -8.03
C GLN A 62 -10.43 -2.86 -7.82
N LEU A 63 -9.79 -1.83 -7.28
CA LEU A 63 -10.45 -0.61 -6.83
C LEU A 63 -10.55 0.39 -7.98
N LYS A 64 -11.17 -0.04 -9.09
CA LYS A 64 -11.28 0.76 -10.31
C LYS A 64 -11.86 2.15 -10.04
N HIS A 65 -12.82 2.23 -9.12
CA HIS A 65 -13.50 3.46 -8.77
C HIS A 65 -12.55 4.44 -8.06
N MET A 66 -11.52 3.94 -7.37
CA MET A 66 -10.48 4.77 -6.80
C MET A 66 -9.43 4.98 -7.89
N SER A 67 -9.76 5.85 -8.84
CA SER A 67 -8.89 6.23 -9.96
C SER A 67 -7.43 6.33 -9.51
N VAL A 68 -6.51 5.73 -10.28
CA VAL A 68 -5.11 5.48 -9.95
C VAL A 68 -4.50 6.49 -8.99
N SER A 69 -4.55 7.80 -9.29
CA SER A 69 -4.06 8.89 -8.45
C SER A 69 -4.34 8.68 -6.96
N SER A 70 -5.53 8.22 -6.62
CA SER A 70 -5.94 7.89 -5.26
C SER A 70 -5.01 6.84 -4.65
N ILE A 71 -4.82 5.75 -5.38
CA ILE A 71 -3.98 4.65 -4.94
C ILE A 71 -2.50 5.08 -4.99
N LYS A 72 -2.13 5.97 -5.91
CA LYS A 72 -0.79 6.54 -5.96
C LYS A 72 -0.52 7.29 -4.64
N GLN A 73 -1.44 8.18 -4.25
CA GLN A 73 -1.37 8.87 -2.97
C GLN A 73 -1.32 7.86 -1.82
N ALA A 74 -2.22 6.86 -1.84
CA ALA A 74 -2.19 5.80 -0.83
C ALA A 74 -0.80 5.16 -0.75
N VAL A 75 -0.22 4.75 -1.88
CA VAL A 75 1.11 4.19 -1.95
C VAL A 75 2.11 5.14 -1.29
N ASP A 76 2.18 6.38 -1.77
CA ASP A 76 3.13 7.36 -1.25
C ASP A 76 2.99 7.46 0.27
N PHE A 77 1.77 7.72 0.74
CA PHE A 77 1.48 7.84 2.16
C PHE A 77 1.93 6.60 2.91
N LEU A 78 1.36 5.44 2.59
CA LEU A 78 1.64 4.19 3.28
C LEU A 78 3.12 3.84 3.25
N SER A 79 3.81 4.14 2.15
CA SER A 79 5.26 4.02 2.08
C SER A 79 5.92 4.93 3.12
N ASN A 80 5.57 6.23 3.12
CA ASN A 80 6.11 7.18 4.09
C ASN A 80 5.86 6.70 5.53
N GLU A 81 4.64 6.25 5.84
CA GLU A 81 4.32 5.74 7.17
C GLU A 81 5.01 4.40 7.48
N GLY A 82 5.67 3.79 6.49
CA GLY A 82 6.37 2.54 6.70
C GLY A 82 5.41 1.36 6.88
N HIS A 83 4.30 1.35 6.14
CA HIS A 83 3.27 0.33 6.24
C HIS A 83 3.32 -0.65 5.06
N ILE A 84 3.74 -0.16 3.89
CA ILE A 84 4.02 -0.98 2.71
C ILE A 84 5.42 -0.64 2.20
N TYR A 85 5.96 -1.51 1.36
CA TYR A 85 7.18 -1.25 0.61
C TYR A 85 7.11 -2.04 -0.68
N SER A 86 7.90 -1.60 -1.66
CA SER A 86 8.01 -2.22 -2.97
C SER A 86 9.10 -3.29 -2.90
N THR A 87 8.92 -4.39 -3.63
CA THR A 87 9.82 -5.54 -3.55
C THR A 87 10.49 -5.80 -4.89
N VAL A 88 9.90 -6.68 -5.70
CA VAL A 88 10.53 -7.17 -6.92
C VAL A 88 10.58 -6.08 -8.00
N ASP A 89 9.67 -5.12 -7.91
CA ASP A 89 9.57 -3.96 -8.79
C ASP A 89 8.93 -2.82 -8.00
N ASP A 90 9.19 -1.58 -8.41
CA ASP A 90 8.63 -0.36 -7.84
C ASP A 90 7.14 -0.49 -7.53
N ASP A 91 6.37 -1.09 -8.45
CA ASP A 91 4.92 -1.16 -8.37
C ASP A 91 4.43 -2.38 -7.58
N HIS A 92 5.33 -3.26 -7.13
CA HIS A 92 4.98 -4.55 -6.55
C HIS A 92 5.14 -4.49 -5.02
N PHE A 93 4.06 -4.10 -4.32
CA PHE A 93 4.10 -3.84 -2.88
C PHE A 93 3.74 -5.04 -2.02
N LYS A 94 4.37 -5.10 -0.84
CA LYS A 94 4.06 -6.00 0.26
C LYS A 94 4.03 -5.17 1.56
N SER A 95 3.33 -5.63 2.60
CA SER A 95 3.17 -4.87 3.83
C SER A 95 4.28 -5.18 4.85
N THR A 96 4.57 -4.19 5.70
CA THR A 96 5.42 -4.30 6.88
C THR A 96 4.80 -5.26 7.89
N ASP A 97 3.47 -5.25 8.02
CA ASP A 97 2.80 -6.19 8.91
C ASP A 97 2.95 -7.59 8.31
N ALA A 98 3.49 -8.53 9.08
CA ALA A 98 3.64 -9.91 8.65
C ALA A 98 2.29 -10.55 8.32
N GLU A 99 1.23 -10.19 9.08
CA GLU A 99 -0.12 -10.68 8.89
C GLU A 99 -1.04 -9.57 8.39
N ARG B 1 17.87 2.69 -1.36
CA ARG B 1 16.41 2.88 -1.22
C ARG B 1 15.72 1.52 -1.02
N ILE B 2 15.20 0.93 -2.10
CA ILE B 2 14.51 -0.36 -2.08
C ILE B 2 15.40 -1.47 -1.48
N GLN B 3 16.72 -1.29 -1.58
CA GLN B 3 17.73 -2.11 -0.93
C GLN B 3 17.38 -2.38 0.54
N ARG B 4 16.85 -1.38 1.26
CA ARG B 4 16.51 -1.53 2.67
C ARG B 4 15.00 -1.69 2.86
N ASN B 5 14.27 -2.22 1.87
CA ASN B 5 12.83 -2.43 2.01
C ASN B 5 12.51 -3.33 3.21
N LYS B 6 11.27 -3.23 3.68
CA LYS B 6 10.73 -3.80 4.92
C LYS B 6 11.45 -3.33 6.18
N ALA B 7 12.78 -3.45 6.26
CA ALA B 7 13.56 -2.88 7.35
C ALA B 7 13.27 -1.39 7.50
N ALA B 8 13.44 -0.61 6.43
CA ALA B 8 13.18 0.82 6.46
C ALA B 8 11.74 1.10 6.87
N ALA B 9 10.81 0.31 6.34
CA ALA B 9 9.40 0.46 6.63
C ALA B 9 9.12 0.22 8.11
N LEU B 10 9.66 -0.87 8.68
CA LEU B 10 9.49 -1.19 10.09
C LEU B 10 10.10 -0.08 10.95
N LEU B 11 11.30 0.39 10.60
CA LEU B 11 11.90 1.53 11.29
C LEU B 11 10.97 2.74 11.25
N ARG B 12 10.45 3.09 10.08
CA ARG B 12 9.52 4.21 9.90
C ARG B 12 8.26 4.04 10.75
N LEU B 13 7.65 2.84 10.70
CA LEU B 13 6.53 2.47 11.56
C LEU B 13 6.90 2.74 13.01
N ALA B 14 8.07 2.26 13.45
CA ALA B 14 8.62 2.56 14.76
C ALA B 14 9.28 3.96 14.78
N ALA B 15 8.58 4.97 14.25
CA ALA B 15 8.92 6.39 14.25
C ALA B 15 10.16 6.79 13.44
N ARG B 16 11.16 5.90 13.32
CA ARG B 16 12.47 6.21 12.77
C ARG B 16 12.44 6.19 11.23
N ALA A 31 -8.78 5.79 15.81
CA ALA A 31 -9.76 6.88 15.67
C ALA A 31 -9.94 7.20 14.20
N ASN A 32 -8.85 7.61 13.56
CA ASN A 32 -8.71 7.77 12.13
C ASN A 32 -7.25 7.50 11.84
N GLY A 33 -6.37 8.47 12.14
CA GLY A 33 -4.95 8.38 11.85
C GLY A 33 -4.72 8.36 10.34
N LEU A 34 -4.95 7.21 9.72
CA LEU A 34 -4.98 7.08 8.27
C LEU A 34 -6.41 7.34 7.83
N THR A 35 -6.61 8.14 6.79
CA THR A 35 -7.95 8.36 6.27
C THR A 35 -8.45 7.05 5.65
N VAL A 36 -9.78 6.87 5.65
CA VAL A 36 -10.45 5.62 5.30
C VAL A 36 -9.92 5.01 4.00
N ALA A 37 -9.65 5.84 2.98
CA ALA A 37 -9.08 5.39 1.72
C ALA A 37 -7.70 4.74 1.93
N GLN A 38 -6.76 5.46 2.56
CA GLN A 38 -5.44 4.89 2.80
C GLN A 38 -5.58 3.63 3.67
N ASN A 39 -6.43 3.67 4.70
CA ASN A 39 -6.66 2.49 5.53
C ASN A 39 -7.15 1.30 4.69
N GLN A 40 -8.10 1.53 3.78
CA GLN A 40 -8.59 0.54 2.83
C GLN A 40 -7.45 -0.01 1.94
N VAL A 41 -6.75 0.89 1.24
CA VAL A 41 -5.67 0.49 0.34
C VAL A 41 -4.64 -0.33 1.14
N LEU A 42 -4.22 0.19 2.29
CA LEU A 42 -3.38 -0.50 3.25
C LEU A 42 -3.95 -1.88 3.54
N ASN A 43 -5.22 -1.98 3.94
CA ASN A 43 -5.91 -3.25 4.17
C ASN A 43 -5.71 -4.22 3.01
N LEU A 44 -6.00 -3.80 1.77
CA LEU A 44 -5.77 -4.68 0.62
C LEU A 44 -4.30 -5.10 0.56
N ILE A 45 -3.38 -4.13 0.67
CA ILE A 45 -1.94 -4.40 0.63
C ILE A 45 -1.50 -5.34 1.77
N LYS A 46 -2.13 -5.25 2.94
CA LYS A 46 -1.86 -6.11 4.08
C LYS A 46 -2.33 -7.53 3.78
N ALA A 47 -3.55 -7.63 3.23
CA ALA A 47 -4.20 -8.89 2.94
C ALA A 47 -3.37 -9.71 1.95
N CYS A 48 -2.93 -9.09 0.85
CA CYS A 48 -2.26 -9.82 -0.24
C CYS A 48 -1.03 -10.60 0.27
N PRO A 49 -1.07 -11.94 0.31
CA PRO A 49 -0.03 -12.73 0.96
C PRO A 49 1.12 -13.10 0.04
N ARG A 50 0.85 -13.29 -1.26
CA ARG A 50 1.80 -13.85 -2.21
C ARG A 50 3.08 -12.98 -2.35
N PRO A 51 4.22 -13.58 -2.72
CA PRO A 51 5.54 -12.95 -2.69
C PRO A 51 5.64 -11.52 -3.22
N GLU A 52 5.08 -11.24 -4.41
CA GLU A 52 5.20 -9.90 -4.99
C GLU A 52 4.25 -8.90 -4.34
N GLY A 53 3.36 -9.32 -3.45
CA GLY A 53 2.43 -8.41 -2.81
C GLY A 53 1.37 -7.93 -3.79
N LEU A 54 0.71 -6.82 -3.46
CA LEU A 54 -0.37 -6.32 -4.28
C LEU A 54 0.21 -5.43 -5.36
N ASN A 55 -0.03 -5.83 -6.60
CA ASN A 55 0.38 -5.14 -7.79
C ASN A 55 -0.55 -3.93 -7.91
N PHE A 56 -0.05 -2.77 -8.32
CA PHE A 56 -0.85 -1.57 -8.57
C PHE A 56 -2.04 -1.95 -9.47
N GLN A 57 -1.78 -2.74 -10.52
CA GLN A 57 -2.81 -3.35 -11.34
C GLN A 57 -3.96 -3.95 -10.50
N ASP A 58 -3.62 -4.91 -9.63
CA ASP A 58 -4.58 -5.70 -8.86
C ASP A 58 -5.33 -4.79 -7.89
N LEU A 59 -4.58 -3.85 -7.30
CA LEU A 59 -5.10 -2.78 -6.48
C LEU A 59 -6.19 -2.03 -7.24
N LYS A 60 -5.90 -1.51 -8.45
CA LYS A 60 -6.90 -0.82 -9.26
C LYS A 60 -8.07 -1.75 -9.58
N ASN A 61 -7.78 -2.98 -10.01
CA ASN A 61 -8.80 -3.92 -10.44
C ASN A 61 -9.83 -4.14 -9.33
N GLN A 62 -9.40 -4.18 -8.08
CA GLN A 62 -10.34 -4.19 -6.96
C GLN A 62 -10.95 -2.80 -6.79
N LEU A 63 -10.12 -1.80 -6.53
CA LEU A 63 -10.60 -0.46 -6.19
C LEU A 63 -10.81 0.34 -7.47
N LYS A 64 -11.72 -0.13 -8.32
CA LYS A 64 -11.96 0.46 -9.64
C LYS A 64 -12.27 1.95 -9.56
N HIS A 65 -12.97 2.36 -8.50
CA HIS A 65 -13.35 3.75 -8.26
C HIS A 65 -12.16 4.65 -7.92
N MET A 66 -11.02 4.09 -7.51
CA MET A 66 -9.88 4.87 -7.07
C MET A 66 -9.00 5.22 -8.27
N SER A 67 -9.00 6.50 -8.65
CA SER A 67 -8.10 7.04 -9.65
C SER A 67 -6.63 6.72 -9.31
N VAL A 68 -5.81 6.58 -10.36
CA VAL A 68 -4.39 6.29 -10.21
C VAL A 68 -3.73 7.32 -9.30
N SER A 69 -4.11 8.60 -9.46
CA SER A 69 -3.73 9.71 -8.61
C SER A 69 -4.00 9.38 -7.14
N SER A 70 -5.27 9.14 -6.81
CA SER A 70 -5.70 8.78 -5.46
C SER A 70 -4.84 7.64 -4.89
N ILE A 71 -4.66 6.57 -5.66
CA ILE A 71 -3.84 5.47 -5.19
C ILE A 71 -2.39 5.88 -5.04
N LYS A 72 -1.81 6.65 -5.96
CA LYS A 72 -0.45 7.16 -5.81
C LYS A 72 -0.33 7.94 -4.50
N GLN A 73 -1.28 8.84 -4.24
CA GLN A 73 -1.34 9.61 -3.01
C GLN A 73 -1.40 8.66 -1.80
N ALA A 74 -2.27 7.66 -1.84
CA ALA A 74 -2.36 6.65 -0.78
C ALA A 74 -1.01 5.95 -0.57
N VAL A 75 -0.43 5.42 -1.64
CA VAL A 75 0.88 4.76 -1.64
C VAL A 75 1.91 5.67 -0.99
N ASP A 76 2.01 6.92 -1.47
CA ASP A 76 2.96 7.91 -0.96
C ASP A 76 2.73 8.10 0.54
N PHE A 77 1.49 8.38 0.95
CA PHE A 77 1.11 8.57 2.34
C PHE A 77 1.56 7.37 3.19
N LEU A 78 1.10 6.17 2.83
CA LEU A 78 1.40 4.96 3.56
C LEU A 78 2.91 4.70 3.62
N SER A 79 3.62 4.92 2.51
CA SER A 79 5.07 4.81 2.48
C SER A 79 5.70 5.82 3.45
N ASN A 80 5.23 7.07 3.43
CA ASN A 80 5.69 8.12 4.35
C ASN A 80 5.41 7.76 5.81
N GLU A 81 4.33 7.00 6.07
CA GLU A 81 4.06 6.48 7.42
C GLU A 81 4.79 5.15 7.70
N GLY A 82 5.57 4.62 6.76
CA GLY A 82 6.25 3.34 6.93
C GLY A 82 5.26 2.19 7.10
N HIS A 83 4.11 2.23 6.42
CA HIS A 83 3.05 1.23 6.52
C HIS A 83 3.10 0.23 5.37
N ILE A 84 3.58 0.67 4.20
CA ILE A 84 3.83 -0.21 3.06
C ILE A 84 5.26 -0.05 2.59
N TYR A 85 5.73 -1.05 1.84
CA TYR A 85 6.99 -1.02 1.14
C TYR A 85 6.83 -1.79 -0.15
N SER A 86 7.76 -1.54 -1.07
CA SER A 86 7.76 -2.08 -2.42
C SER A 86 8.51 -3.41 -2.47
N THR A 87 8.18 -4.27 -3.46
CA THR A 87 8.79 -5.59 -3.58
C THR A 87 9.55 -5.76 -4.90
N VAL A 88 8.91 -6.35 -5.91
CA VAL A 88 9.57 -6.68 -7.17
C VAL A 88 9.94 -5.42 -7.94
N ASP A 89 9.08 -4.40 -7.85
CA ASP A 89 9.30 -3.07 -8.39
C ASP A 89 8.42 -2.12 -7.59
N ASP A 90 8.62 -0.81 -7.74
CA ASP A 90 7.89 0.19 -6.95
C ASP A 90 6.48 0.44 -7.49
N ASP A 91 5.83 -0.61 -8.03
CA ASP A 91 4.42 -0.66 -8.38
C ASP A 91 3.83 -1.97 -7.87
N HIS A 92 4.52 -2.63 -6.93
CA HIS A 92 4.10 -3.84 -6.26
C HIS A 92 4.44 -3.65 -4.79
N PHE A 93 3.44 -3.66 -3.91
CA PHE A 93 3.61 -3.30 -2.51
C PHE A 93 3.12 -4.38 -1.56
N LYS A 94 3.77 -4.50 -0.40
CA LYS A 94 3.34 -5.30 0.73
C LYS A 94 3.36 -4.38 1.94
N SER A 95 2.64 -4.75 3.01
CA SER A 95 2.61 -3.93 4.20
C SER A 95 3.74 -4.32 5.13
N THR A 96 4.29 -3.32 5.81
CA THR A 96 5.23 -3.46 6.91
C THR A 96 4.68 -4.48 7.92
N ASP A 97 3.35 -4.54 8.07
CA ASP A 97 2.67 -5.45 8.99
C ASP A 97 1.69 -6.34 8.21
N ALA A 98 2.11 -6.84 7.03
CA ALA A 98 1.27 -7.69 6.20
C ALA A 98 0.76 -8.93 6.93
N GLU A 99 -0.40 -9.43 6.50
CA GLU A 99 -0.97 -10.66 7.06
C GLU A 99 -0.19 -11.88 6.59
N ARG B 1 17.59 -3.78 -6.14
CA ARG B 1 16.84 -4.98 -5.72
C ARG B 1 16.43 -4.86 -4.25
N ILE B 2 15.13 -4.95 -3.98
CA ILE B 2 14.61 -4.95 -2.62
C ILE B 2 15.10 -6.21 -1.91
N GLN B 3 16.28 -6.12 -1.29
CA GLN B 3 16.77 -7.16 -0.39
C GLN B 3 16.09 -7.01 0.97
N ARG B 4 16.01 -5.78 1.49
CA ARG B 4 15.39 -5.47 2.77
C ARG B 4 14.12 -4.65 2.54
N ASN B 5 14.22 -3.32 2.53
CA ASN B 5 13.12 -2.37 2.32
C ASN B 5 12.14 -2.34 3.49
N LYS B 6 11.49 -3.48 3.79
CA LYS B 6 10.65 -3.61 4.98
C LYS B 6 11.39 -3.24 6.26
N ALA B 7 12.70 -3.42 6.32
CA ALA B 7 13.49 -2.99 7.47
C ALA B 7 13.36 -1.47 7.66
N ALA B 8 13.53 -0.71 6.58
CA ALA B 8 13.41 0.74 6.62
C ALA B 8 11.97 1.11 6.98
N ALA B 9 11.00 0.46 6.34
CA ALA B 9 9.60 0.71 6.64
C ALA B 9 9.27 0.45 8.11
N LEU B 10 9.79 -0.65 8.67
CA LEU B 10 9.56 -1.04 10.06
C LEU B 10 10.24 -0.04 11.00
N LEU B 11 11.48 0.36 10.71
CA LEU B 11 12.13 1.43 11.46
C LEU B 11 11.25 2.67 11.44
N ARG B 12 10.81 3.08 10.24
CA ARG B 12 9.95 4.23 10.06
C ARG B 12 8.65 4.09 10.87
N LEU B 13 8.01 2.92 10.83
CA LEU B 13 6.77 2.64 11.54
C LEU B 13 6.85 3.14 12.99
N ALA B 14 7.97 2.86 13.66
CA ALA B 14 8.25 3.38 14.98
C ALA B 14 8.62 4.87 14.91
N ALA B 15 9.63 5.20 14.10
CA ALA B 15 10.20 6.55 14.01
C ALA B 15 9.30 7.51 13.23
N ARG B 16 8.10 7.79 13.77
CA ARG B 16 7.18 8.81 13.25
C ARG B 16 7.05 9.95 14.25
N ALA A 31 -14.51 4.64 12.08
CA ALA A 31 -13.55 5.39 12.87
C ALA A 31 -12.17 4.70 12.86
N ASN A 32 -11.74 4.20 11.70
CA ASN A 32 -10.54 3.37 11.57
C ASN A 32 -9.25 4.20 11.53
N GLY A 33 -9.22 5.36 12.19
CA GLY A 33 -8.09 6.29 12.18
C GLY A 33 -7.90 7.00 10.84
N LEU A 34 -7.62 6.24 9.77
CA LEU A 34 -7.21 6.75 8.48
C LEU A 34 -8.42 7.07 7.60
N THR A 35 -8.23 7.88 6.56
CA THR A 35 -9.27 8.34 5.66
C THR A 35 -9.96 7.17 4.96
N VAL A 36 -11.25 6.99 5.23
CA VAL A 36 -12.13 5.88 4.83
C VAL A 36 -11.75 5.16 3.53
N ALA A 37 -11.71 5.89 2.41
CA ALA A 37 -11.40 5.27 1.12
C ALA A 37 -9.95 4.79 1.07
N GLN A 38 -9.01 5.58 1.60
CA GLN A 38 -7.60 5.21 1.63
C GLN A 38 -7.41 4.00 2.56
N ASN A 39 -8.10 4.00 3.70
CA ASN A 39 -8.11 2.84 4.59
C ASN A 39 -8.63 1.62 3.83
N GLN A 40 -9.72 1.76 3.08
CA GLN A 40 -10.21 0.68 2.24
C GLN A 40 -9.15 0.24 1.20
N VAL A 41 -8.47 1.16 0.52
CA VAL A 41 -7.37 0.80 -0.36
C VAL A 41 -6.35 -0.06 0.39
N LEU A 42 -5.84 0.47 1.51
CA LEU A 42 -4.95 -0.25 2.43
C LEU A 42 -5.49 -1.64 2.73
N ASN A 43 -6.77 -1.73 3.12
CA ASN A 43 -7.45 -2.96 3.49
C ASN A 43 -7.41 -3.96 2.33
N LEU A 44 -7.71 -3.50 1.10
CA LEU A 44 -7.56 -4.34 -0.08
C LEU A 44 -6.11 -4.82 -0.21
N ILE A 45 -5.14 -3.91 -0.07
CA ILE A 45 -3.73 -4.28 -0.15
C ILE A 45 -3.38 -5.33 0.92
N LYS A 46 -3.91 -5.22 2.15
CA LYS A 46 -3.76 -6.27 3.16
C LYS A 46 -4.37 -7.59 2.66
N ALA A 47 -5.63 -7.54 2.24
CA ALA A 47 -6.41 -8.72 1.88
C ALA A 47 -5.76 -9.50 0.74
N CYS A 48 -5.19 -8.77 -0.24
CA CYS A 48 -4.55 -9.34 -1.42
C CYS A 48 -3.59 -10.50 -1.09
N PRO A 49 -3.92 -11.75 -1.44
CA PRO A 49 -3.10 -12.90 -1.09
C PRO A 49 -1.90 -13.07 -2.01
N ARG A 50 -1.87 -12.39 -3.16
CA ARG A 50 -0.82 -12.55 -4.16
C ARG A 50 0.54 -12.19 -3.54
N PRO A 51 1.52 -13.11 -3.50
CA PRO A 51 2.84 -12.87 -2.91
C PRO A 51 3.50 -11.57 -3.36
N GLU A 52 3.33 -11.19 -4.62
CA GLU A 52 3.87 -9.96 -5.17
C GLU A 52 3.34 -8.72 -4.43
N GLY A 53 2.11 -8.80 -3.93
CA GLY A 53 1.34 -7.69 -3.41
C GLY A 53 0.18 -7.45 -4.37
N LEU A 54 -0.49 -6.30 -4.26
CA LEU A 54 -1.59 -5.92 -5.14
C LEU A 54 -1.03 -4.95 -6.17
N ASN A 55 -1.23 -5.19 -7.48
CA ASN A 55 -0.83 -4.21 -8.47
C ASN A 55 -1.80 -3.04 -8.41
N PHE A 56 -1.29 -1.84 -8.61
CA PHE A 56 -2.02 -0.60 -8.82
C PHE A 56 -3.16 -0.84 -9.82
N GLN A 57 -2.87 -1.58 -10.90
CA GLN A 57 -3.86 -1.90 -11.90
C GLN A 57 -4.99 -2.78 -11.33
N ASP A 58 -4.65 -3.79 -10.52
CA ASP A 58 -5.65 -4.66 -9.89
C ASP A 58 -6.51 -3.81 -8.97
N LEU A 59 -5.82 -2.98 -8.17
CA LEU A 59 -6.36 -2.03 -7.23
C LEU A 59 -7.40 -1.16 -7.94
N LYS A 60 -7.07 -0.56 -9.09
CA LYS A 60 -8.04 0.15 -9.91
C LYS A 60 -9.18 -0.76 -10.35
N ASN A 61 -8.87 -1.92 -10.94
CA ASN A 61 -9.89 -2.83 -11.45
C ASN A 61 -10.92 -3.16 -10.37
N GLN A 62 -10.47 -3.35 -9.13
CA GLN A 62 -11.36 -3.45 -7.99
C GLN A 62 -12.08 -2.12 -7.81
N LEU A 63 -11.35 -1.08 -7.39
CA LEU A 63 -11.94 0.18 -6.97
C LEU A 63 -12.08 1.14 -8.15
N LYS A 64 -12.86 0.74 -9.16
CA LYS A 64 -13.07 1.57 -10.35
C LYS A 64 -13.62 2.96 -10.00
N HIS A 65 -14.29 3.08 -8.86
CA HIS A 65 -14.86 4.34 -8.41
C HIS A 65 -13.77 5.36 -8.05
N MET A 66 -12.56 4.92 -7.72
CA MET A 66 -11.43 5.79 -7.41
C MET A 66 -10.64 6.06 -8.69
N SER A 67 -10.26 7.32 -8.94
CA SER A 67 -9.45 7.65 -10.11
C SER A 67 -8.02 7.18 -9.91
N VAL A 68 -7.25 7.18 -11.01
CA VAL A 68 -5.81 6.98 -10.95
C VAL A 68 -5.25 8.04 -10.01
N SER A 69 -5.79 9.27 -10.08
CA SER A 69 -5.46 10.39 -9.21
C SER A 69 -5.68 10.00 -7.74
N SER A 70 -6.86 9.44 -7.45
CA SER A 70 -7.26 9.04 -6.12
C SER A 70 -6.29 7.99 -5.59
N ILE A 71 -6.07 6.94 -6.38
CA ILE A 71 -5.17 5.86 -5.99
C ILE A 71 -3.74 6.36 -5.88
N LYS A 72 -3.28 7.28 -6.73
CA LYS A 72 -1.97 7.89 -6.58
C LYS A 72 -1.85 8.56 -5.22
N GLN A 73 -2.82 9.40 -4.86
CA GLN A 73 -2.82 10.06 -3.56
C GLN A 73 -2.83 9.02 -2.44
N ALA A 74 -3.72 8.02 -2.53
CA ALA A 74 -3.81 6.95 -1.55
C ALA A 74 -2.46 6.26 -1.37
N VAL A 75 -1.93 5.71 -2.47
CA VAL A 75 -0.64 5.03 -2.52
C VAL A 75 0.44 5.92 -1.92
N ASP A 76 0.59 7.14 -2.43
CA ASP A 76 1.58 8.09 -1.93
C ASP A 76 1.46 8.23 -0.42
N PHE A 77 0.26 8.60 0.07
CA PHE A 77 0.03 8.79 1.50
C PHE A 77 0.41 7.53 2.28
N LEU A 78 -0.22 6.41 1.97
CA LEU A 78 -0.02 5.15 2.66
C LEU A 78 1.46 4.72 2.61
N SER A 79 2.16 5.03 1.53
CA SER A 79 3.59 4.78 1.42
C SER A 79 4.34 5.68 2.40
N ASN A 80 4.09 6.99 2.37
CA ASN A 80 4.74 7.97 3.25
C ASN A 80 4.53 7.58 4.71
N GLU A 81 3.31 7.20 5.09
CA GLU A 81 3.00 6.78 6.44
C GLU A 81 3.55 5.39 6.77
N GLY A 82 4.22 4.71 5.84
CA GLY A 82 4.78 3.39 6.07
C GLY A 82 3.70 2.35 6.34
N HIS A 83 2.51 2.53 5.76
CA HIS A 83 1.42 1.60 5.86
C HIS A 83 1.52 0.59 4.71
N ILE A 84 1.86 1.07 3.51
CA ILE A 84 2.20 0.20 2.39
C ILE A 84 3.65 0.41 1.98
N TYR A 85 4.16 -0.54 1.20
CA TYR A 85 5.44 -0.44 0.54
C TYR A 85 5.33 -1.08 -0.83
N SER A 86 6.13 -0.57 -1.75
CA SER A 86 6.34 -1.16 -3.06
C SER A 86 7.50 -2.15 -2.92
N THR A 87 7.61 -3.11 -3.83
CA THR A 87 8.68 -4.08 -3.77
C THR A 87 9.04 -4.53 -5.19
N VAL A 88 8.30 -5.49 -5.72
CA VAL A 88 8.54 -6.07 -7.04
C VAL A 88 8.02 -5.14 -8.15
N ASP A 89 8.62 -3.94 -8.22
CA ASP A 89 8.28 -2.81 -9.08
C ASP A 89 7.14 -2.00 -8.46
N ASP A 90 7.18 -0.67 -8.61
CA ASP A 90 6.31 0.27 -7.92
C ASP A 90 4.85 0.27 -8.40
N ASP A 91 4.39 -0.86 -8.93
CA ASP A 91 3.01 -1.15 -9.23
C ASP A 91 2.49 -2.06 -8.13
N HIS A 92 3.33 -3.00 -7.65
CA HIS A 92 2.94 -4.01 -6.68
C HIS A 92 3.18 -3.47 -5.29
N PHE A 93 2.12 -3.22 -4.51
CA PHE A 93 2.24 -2.79 -3.13
C PHE A 93 1.81 -3.89 -2.18
N LYS A 94 2.51 -3.98 -1.03
CA LYS A 94 2.20 -4.85 0.10
C LYS A 94 2.11 -3.95 1.34
N SER A 95 1.58 -4.46 2.48
CA SER A 95 1.30 -3.64 3.65
C SER A 95 2.24 -3.93 4.82
N THR A 96 2.86 -2.90 5.39
CA THR A 96 3.77 -3.02 6.52
C THR A 96 2.99 -3.20 7.82
N ASP A 97 1.93 -2.43 8.05
CA ASP A 97 1.21 -2.44 9.32
C ASP A 97 0.25 -3.63 9.41
N ALA A 98 0.81 -4.84 9.31
CA ALA A 98 0.15 -6.14 9.32
C ALA A 98 -0.38 -6.53 7.93
N GLU A 99 -0.17 -7.80 7.56
CA GLU A 99 -0.68 -8.44 6.35
C GLU A 99 -0.57 -9.96 6.54
N ARG B 1 12.85 -3.99 -7.24
CA ARG B 1 12.73 -5.31 -6.59
C ARG B 1 13.03 -5.19 -5.09
N ILE B 2 12.41 -4.19 -4.45
CA ILE B 2 12.76 -3.79 -3.08
C ILE B 2 12.09 -4.73 -2.08
N GLN B 3 12.55 -5.98 -2.06
CA GLN B 3 11.95 -7.06 -1.29
C GLN B 3 11.80 -6.74 0.20
N ARG B 4 12.71 -5.95 0.77
CA ARG B 4 12.70 -5.58 2.18
C ARG B 4 12.18 -4.15 2.40
N ASN B 5 11.49 -3.54 1.43
CA ASN B 5 10.92 -2.20 1.64
C ASN B 5 9.95 -2.19 2.83
N LYS B 6 9.41 -3.36 3.21
CA LYS B 6 8.66 -3.52 4.45
C LYS B 6 9.37 -2.82 5.62
N ALA B 7 10.69 -3.03 5.72
CA ALA B 7 11.52 -2.47 6.78
C ALA B 7 11.60 -0.95 6.65
N ALA B 8 11.86 -0.46 5.43
CA ALA B 8 11.90 0.98 5.18
C ALA B 8 10.57 1.61 5.60
N ALA B 9 9.46 1.03 5.18
CA ALA B 9 8.13 1.46 5.58
C ALA B 9 7.97 1.38 7.10
N LEU B 10 8.44 0.32 7.75
CA LEU B 10 8.42 0.24 9.21
C LEU B 10 9.18 1.44 9.82
N LEU B 11 10.35 1.77 9.27
CA LEU B 11 11.10 2.94 9.71
C LEU B 11 10.28 4.23 9.50
N ARG B 12 9.65 4.43 8.33
CA ARG B 12 8.75 5.56 8.12
C ARG B 12 7.69 5.61 9.22
N LEU B 13 6.98 4.50 9.41
CA LEU B 13 5.94 4.36 10.42
C LEU B 13 6.47 4.73 11.80
N ALA B 14 7.69 4.29 12.13
CA ALA B 14 8.37 4.63 13.37
C ALA B 14 8.99 6.03 13.37
N ALA B 15 8.54 6.94 12.49
CA ALA B 15 8.99 8.33 12.41
C ALA B 15 10.49 8.42 12.11
N ARG B 16 11.00 7.49 11.30
CA ARG B 16 12.36 7.49 10.77
C ARG B 16 12.28 7.32 9.25
N ALA A 31 -11.86 6.56 15.67
CA ALA A 31 -11.82 7.83 14.97
C ALA A 31 -11.23 7.69 13.55
N ASN A 32 -11.66 6.67 12.82
CA ASN A 32 -11.21 6.26 11.49
C ASN A 32 -9.74 5.78 11.44
N GLY A 33 -8.81 6.51 12.05
CA GLY A 33 -7.40 6.22 12.06
C GLY A 33 -6.75 6.85 10.83
N LEU A 34 -6.57 6.06 9.77
CA LEU A 34 -6.13 6.58 8.48
C LEU A 34 -7.39 6.98 7.72
N THR A 35 -7.29 7.94 6.80
CA THR A 35 -8.46 8.43 6.08
C THR A 35 -8.99 7.34 5.15
N VAL A 36 -10.32 7.31 4.99
CA VAL A 36 -11.08 6.24 4.32
C VAL A 36 -10.43 5.68 3.06
N ALA A 37 -9.95 6.53 2.14
CA ALA A 37 -9.36 6.07 0.88
C ALA A 37 -8.03 5.36 1.13
N GLN A 38 -7.07 6.02 1.81
CA GLN A 38 -5.80 5.37 2.08
C GLN A 38 -6.02 4.10 2.88
N ASN A 39 -6.93 4.15 3.85
CA ASN A 39 -7.29 3.00 4.65
C ASN A 39 -7.82 1.86 3.77
N GLN A 40 -8.74 2.16 2.86
CA GLN A 40 -9.21 1.22 1.83
C GLN A 40 -8.04 0.63 1.05
N VAL A 41 -7.21 1.48 0.42
CA VAL A 41 -6.09 1.00 -0.40
C VAL A 41 -5.21 0.04 0.42
N LEU A 42 -4.77 0.52 1.58
CA LEU A 42 -4.02 -0.29 2.55
C LEU A 42 -4.72 -1.61 2.80
N ASN A 43 -6.03 -1.57 3.10
CA ASN A 43 -6.83 -2.76 3.36
C ASN A 43 -6.82 -3.71 2.16
N LEU A 44 -7.03 -3.22 0.94
CA LEU A 44 -6.91 -4.06 -0.25
C LEU A 44 -5.53 -4.73 -0.29
N ILE A 45 -4.46 -3.91 -0.19
CA ILE A 45 -3.09 -4.43 -0.28
C ILE A 45 -2.86 -5.50 0.80
N LYS A 46 -3.23 -5.23 2.05
CA LYS A 46 -2.95 -6.11 3.18
C LYS A 46 -3.82 -7.37 3.11
N ALA A 47 -5.09 -7.23 2.71
CA ALA A 47 -6.05 -8.32 2.71
C ALA A 47 -5.77 -9.28 1.56
N CYS A 48 -5.59 -8.75 0.34
CA CYS A 48 -5.45 -9.58 -0.85
C CYS A 48 -4.30 -10.58 -0.71
N PRO A 49 -4.53 -11.91 -0.73
CA PRO A 49 -3.49 -12.93 -0.59
C PRO A 49 -2.48 -12.98 -1.75
N ARG A 50 -1.69 -11.92 -1.94
CA ARG A 50 -0.61 -11.84 -2.90
C ARG A 50 0.72 -11.88 -2.13
N PRO A 51 1.57 -12.88 -2.32
CA PRO A 51 2.84 -12.97 -1.61
C PRO A 51 3.83 -11.93 -2.13
N GLU A 52 3.96 -11.83 -3.46
CA GLU A 52 4.82 -10.87 -4.14
C GLU A 52 4.43 -9.45 -3.75
N GLY A 53 3.14 -9.15 -3.83
CA GLY A 53 2.55 -7.85 -3.62
C GLY A 53 1.45 -7.61 -4.64
N LEU A 54 0.57 -6.66 -4.35
CA LEU A 54 -0.54 -6.28 -5.18
C LEU A 54 -0.04 -5.20 -6.14
N ASN A 55 -0.18 -5.41 -7.45
CA ASN A 55 0.21 -4.37 -8.41
C ASN A 55 -0.76 -3.21 -8.27
N PHE A 56 -0.30 -2.01 -8.56
CA PHE A 56 -1.14 -0.83 -8.67
C PHE A 56 -2.27 -1.10 -9.67
N GLN A 57 -1.94 -1.73 -10.79
CA GLN A 57 -2.93 -2.18 -11.77
C GLN A 57 -3.96 -3.11 -11.15
N ASP A 58 -3.57 -3.98 -10.21
CA ASP A 58 -4.53 -4.85 -9.52
C ASP A 58 -5.40 -3.99 -8.61
N LEU A 59 -4.79 -3.03 -7.91
CA LEU A 59 -5.50 -2.05 -7.10
C LEU A 59 -6.60 -1.39 -7.94
N LYS A 60 -6.23 -0.87 -9.11
CA LYS A 60 -7.19 -0.30 -10.06
C LYS A 60 -8.24 -1.34 -10.47
N ASN A 61 -7.81 -2.55 -10.83
CA ASN A 61 -8.71 -3.62 -11.26
C ASN A 61 -9.78 -3.89 -10.21
N GLN A 62 -9.39 -3.91 -8.94
CA GLN A 62 -10.35 -4.00 -7.84
C GLN A 62 -11.20 -2.73 -7.81
N LEU A 63 -10.58 -1.59 -7.51
CA LEU A 63 -11.29 -0.36 -7.23
C LEU A 63 -11.52 0.43 -8.53
N LYS A 64 -12.17 -0.21 -9.51
CA LYS A 64 -12.40 0.34 -10.85
C LYS A 64 -12.95 1.77 -10.79
N HIS A 65 -13.91 1.98 -9.88
CA HIS A 65 -14.64 3.23 -9.71
C HIS A 65 -13.79 4.35 -9.11
N MET A 66 -12.68 4.02 -8.42
CA MET A 66 -11.95 4.98 -7.61
C MET A 66 -10.88 5.69 -8.44
N SER A 67 -10.92 7.03 -8.42
CA SER A 67 -10.01 7.89 -9.16
C SER A 67 -8.54 7.55 -8.88
N VAL A 68 -7.82 7.10 -9.91
CA VAL A 68 -6.43 6.64 -9.78
C VAL A 68 -5.58 7.66 -9.04
N SER A 69 -5.75 8.96 -9.33
CA SER A 69 -5.09 10.05 -8.64
C SER A 69 -5.16 9.89 -7.11
N SER A 70 -6.33 9.54 -6.59
CA SER A 70 -6.53 9.33 -5.16
C SER A 70 -5.74 8.10 -4.70
N ILE A 71 -5.74 7.04 -5.50
CA ILE A 71 -5.01 5.82 -5.21
C ILE A 71 -3.50 6.08 -5.24
N LYS A 72 -3.02 6.96 -6.13
CA LYS A 72 -1.61 7.33 -6.18
C LYS A 72 -1.23 8.14 -4.95
N GLN A 73 -2.04 9.15 -4.61
CA GLN A 73 -1.87 9.88 -3.36
C GLN A 73 -1.89 8.92 -2.17
N ALA A 74 -2.79 7.93 -2.17
CA ALA A 74 -2.82 6.90 -1.16
C ALA A 74 -1.49 6.13 -1.12
N VAL A 75 -1.00 5.66 -2.27
CA VAL A 75 0.30 5.00 -2.34
C VAL A 75 1.36 5.89 -1.69
N ASP A 76 1.48 7.14 -2.14
CA ASP A 76 2.45 8.08 -1.58
C ASP A 76 2.31 8.17 -0.06
N PHE A 77 1.12 8.54 0.41
CA PHE A 77 0.78 8.66 1.82
C PHE A 77 1.24 7.41 2.58
N LEU A 78 0.67 6.26 2.23
CA LEU A 78 0.94 5.00 2.90
C LEU A 78 2.44 4.69 2.90
N SER A 79 3.11 4.85 1.75
CA SER A 79 4.54 4.63 1.64
C SER A 79 5.29 5.55 2.61
N ASN A 80 4.92 6.83 2.66
CA ASN A 80 5.57 7.82 3.51
C ASN A 80 5.33 7.50 4.99
N GLU A 81 4.13 7.04 5.34
CA GLU A 81 3.82 6.55 6.68
C GLU A 81 4.44 5.17 6.95
N GLY A 82 5.17 4.57 5.99
CA GLY A 82 5.78 3.26 6.17
C GLY A 82 4.74 2.15 6.33
N HIS A 83 3.54 2.36 5.80
CA HIS A 83 2.44 1.42 5.92
C HIS A 83 2.52 0.35 4.84
N ILE A 84 2.80 0.74 3.60
CA ILE A 84 3.08 -0.20 2.52
C ILE A 84 4.55 -0.10 2.14
N TYR A 85 5.05 -1.10 1.42
CA TYR A 85 6.37 -1.09 0.79
C TYR A 85 6.23 -1.70 -0.59
N SER A 86 7.05 -1.21 -1.51
CA SER A 86 7.12 -1.68 -2.88
C SER A 86 8.14 -2.81 -2.95
N THR A 87 7.78 -3.99 -3.45
CA THR A 87 8.65 -5.16 -3.39
C THR A 87 9.52 -5.29 -4.64
N VAL A 88 8.92 -5.81 -5.72
CA VAL A 88 9.61 -6.16 -6.95
C VAL A 88 9.67 -4.98 -7.91
N ASP A 89 8.71 -4.05 -7.82
CA ASP A 89 8.63 -2.87 -8.65
C ASP A 89 7.97 -1.77 -7.84
N ASP A 90 8.29 -0.51 -8.16
CA ASP A 90 7.75 0.69 -7.55
C ASP A 90 6.24 0.57 -7.30
N ASP A 91 5.50 0.08 -8.29
CA ASP A 91 4.05 -0.01 -8.28
C ASP A 91 3.55 -1.41 -7.91
N HIS A 92 4.32 -2.18 -7.13
CA HIS A 92 3.98 -3.52 -6.68
C HIS A 92 4.12 -3.55 -5.15
N PHE A 93 3.00 -3.42 -4.42
CA PHE A 93 3.04 -3.18 -2.98
C PHE A 93 2.66 -4.35 -2.09
N LYS A 94 3.28 -4.42 -0.91
CA LYS A 94 2.93 -5.30 0.20
C LYS A 94 2.79 -4.38 1.43
N SER A 95 2.11 -4.85 2.48
CA SER A 95 1.80 -4.03 3.66
C SER A 95 2.71 -4.39 4.84
N THR A 96 3.39 -3.38 5.39
CA THR A 96 4.11 -3.48 6.66
C THR A 96 3.10 -3.23 7.78
N ASP A 97 2.20 -2.26 7.59
CA ASP A 97 1.12 -1.97 8.51
C ASP A 97 -0.01 -2.98 8.33
N ALA A 98 0.28 -4.25 8.58
CA ALA A 98 -0.72 -5.30 8.67
C ALA A 98 -1.37 -5.18 10.05
N GLU A 99 -2.00 -4.02 10.30
CA GLU A 99 -2.49 -3.62 11.62
C GLU A 99 -1.36 -3.73 12.65
N ARG B 1 12.63 -7.06 -5.06
CA ARG B 1 13.51 -6.96 -3.89
C ARG B 1 14.19 -5.59 -3.83
N ILE B 2 13.39 -4.52 -3.88
CA ILE B 2 13.89 -3.15 -3.83
C ILE B 2 14.72 -2.94 -2.56
N GLN B 3 15.79 -2.14 -2.68
CA GLN B 3 16.77 -1.95 -1.63
C GLN B 3 16.09 -1.56 -0.31
N ARG B 4 16.23 -2.41 0.70
CA ARG B 4 15.70 -2.25 2.04
C ARG B 4 14.17 -2.10 2.05
N ASN B 5 13.47 -2.68 1.07
CA ASN B 5 12.01 -2.72 1.14
C ASN B 5 11.56 -3.46 2.40
N LYS B 6 10.34 -3.16 2.86
CA LYS B 6 9.80 -3.57 4.14
C LYS B 6 10.56 -2.88 5.28
N ALA B 7 11.86 -3.15 5.44
CA ALA B 7 12.69 -2.54 6.46
C ALA B 7 12.55 -1.01 6.49
N ALA B 8 12.65 -0.36 5.34
CA ALA B 8 12.48 1.08 5.23
C ALA B 8 11.09 1.49 5.72
N ALA B 9 10.07 0.71 5.39
CA ALA B 9 8.72 0.99 5.82
C ALA B 9 8.58 0.82 7.33
N LEU B 10 9.15 -0.23 7.92
CA LEU B 10 9.20 -0.36 9.37
C LEU B 10 9.84 0.89 9.99
N LEU B 11 11.01 1.28 9.47
CA LEU B 11 11.73 2.46 9.94
C LEU B 11 10.80 3.68 9.91
N ARG B 12 10.20 3.97 8.75
CA ARG B 12 9.27 5.08 8.60
C ARG B 12 8.11 4.99 9.60
N LEU B 13 7.48 3.81 9.73
CA LEU B 13 6.35 3.60 10.62
C LEU B 13 6.77 3.86 12.07
N ALA B 14 7.98 3.44 12.43
CA ALA B 14 8.62 3.66 13.73
C ALA B 14 8.03 2.78 14.83
N ALA B 15 6.70 2.66 14.92
CA ALA B 15 6.02 1.73 15.82
C ALA B 15 6.15 0.29 15.30
N ARG B 16 7.39 -0.17 15.17
CA ARG B 16 7.79 -1.46 14.64
C ARG B 16 9.15 -1.83 15.24
N ALA A 31 -10.84 -1.92 10.95
CA ALA A 31 -9.80 -1.63 9.97
C ALA A 31 -10.10 -0.33 9.20
N ASN A 32 -10.22 0.77 9.95
CA ASN A 32 -10.46 2.12 9.45
C ASN A 32 -9.84 3.10 10.44
N GLY A 33 -8.55 2.91 10.71
CA GLY A 33 -7.75 3.79 11.54
C GLY A 33 -7.31 5.01 10.73
N LEU A 34 -6.94 4.77 9.47
CA LEU A 34 -6.56 5.82 8.53
C LEU A 34 -7.82 6.32 7.83
N THR A 35 -7.69 7.38 7.03
CA THR A 35 -8.80 7.91 6.25
C THR A 35 -9.35 6.81 5.34
N VAL A 36 -10.69 6.66 5.32
CA VAL A 36 -11.42 5.55 4.71
C VAL A 36 -10.73 4.98 3.48
N ALA A 37 -10.64 5.75 2.39
CA ALA A 37 -10.10 5.28 1.13
C ALA A 37 -8.67 4.73 1.30
N GLN A 38 -7.82 5.45 2.03
CA GLN A 38 -6.44 5.02 2.27
C GLN A 38 -6.46 3.71 3.03
N ASN A 39 -7.20 3.65 4.14
CA ASN A 39 -7.28 2.42 4.92
C ASN A 39 -7.84 1.28 4.07
N GLN A 40 -8.76 1.57 3.16
CA GLN A 40 -9.37 0.57 2.29
C GLN A 40 -8.38 0.04 1.26
N VAL A 41 -7.72 0.93 0.53
CA VAL A 41 -6.61 0.55 -0.36
C VAL A 41 -5.61 -0.32 0.40
N LEU A 42 -5.17 0.20 1.56
CA LEU A 42 -4.32 -0.57 2.47
C LEU A 42 -4.94 -1.94 2.76
N ASN A 43 -6.22 -1.99 3.12
CA ASN A 43 -6.92 -3.22 3.45
C ASN A 43 -6.86 -4.20 2.27
N LEU A 44 -7.12 -3.74 1.05
CA LEU A 44 -6.96 -4.56 -0.14
C LEU A 44 -5.52 -5.09 -0.22
N ILE A 45 -4.53 -4.20 -0.19
CA ILE A 45 -3.12 -4.58 -0.31
C ILE A 45 -2.74 -5.62 0.75
N LYS A 46 -3.14 -5.39 2.01
CA LYS A 46 -2.77 -6.22 3.15
C LYS A 46 -3.53 -7.54 3.16
N ALA A 47 -4.80 -7.54 2.74
CA ALA A 47 -5.62 -8.74 2.70
C ALA A 47 -5.19 -9.66 1.57
N CYS A 48 -4.95 -9.11 0.38
CA CYS A 48 -4.69 -9.87 -0.84
C CYS A 48 -3.66 -11.01 -0.66
N PRO A 49 -4.08 -12.28 -0.63
CA PRO A 49 -3.20 -13.41 -0.35
C PRO A 49 -2.06 -13.62 -1.37
N ARG A 50 -2.23 -13.12 -2.60
CA ARG A 50 -1.32 -13.35 -3.71
C ARG A 50 0.15 -13.11 -3.30
N PRO A 51 1.09 -14.03 -3.62
CA PRO A 51 2.50 -13.84 -3.31
C PRO A 51 3.02 -12.58 -4.01
N GLU A 52 2.57 -12.35 -5.25
CA GLU A 52 2.78 -11.10 -5.97
C GLU A 52 1.87 -10.00 -5.39
N GLY A 53 2.02 -9.75 -4.08
CA GLY A 53 1.37 -8.72 -3.28
C GLY A 53 0.03 -8.28 -3.85
N LEU A 54 -0.04 -7.01 -4.25
CA LEU A 54 -1.15 -6.49 -5.03
C LEU A 54 -0.54 -5.56 -6.05
N ASN A 55 -0.76 -5.85 -7.34
CA ASN A 55 -0.25 -5.01 -8.41
C ASN A 55 -1.17 -3.79 -8.46
N PHE A 56 -0.62 -2.61 -8.76
CA PHE A 56 -1.42 -1.41 -8.95
C PHE A 56 -2.56 -1.68 -9.93
N GLN A 57 -2.30 -2.45 -10.99
CA GLN A 57 -3.33 -2.80 -11.95
C GLN A 57 -4.48 -3.59 -11.30
N ASP A 58 -4.16 -4.50 -10.36
CA ASP A 58 -5.18 -5.27 -9.64
C ASP A 58 -6.00 -4.31 -8.79
N LEU A 59 -5.29 -3.43 -8.09
CA LEU A 59 -5.84 -2.39 -7.23
C LEU A 59 -6.84 -1.54 -8.04
N LYS A 60 -6.43 -1.03 -9.20
CA LYS A 60 -7.30 -0.32 -10.13
C LYS A 60 -8.49 -1.20 -10.54
N ASN A 61 -8.22 -2.43 -11.00
CA ASN A 61 -9.27 -3.32 -11.50
C ASN A 61 -10.34 -3.55 -10.45
N GLN A 62 -9.96 -3.66 -9.16
CA GLN A 62 -10.94 -3.66 -8.10
C GLN A 62 -11.61 -2.28 -8.02
N LEU A 63 -10.84 -1.24 -7.74
CA LEU A 63 -11.41 0.07 -7.44
C LEU A 63 -11.63 0.88 -8.72
N LYS A 64 -12.34 0.31 -9.68
CA LYS A 64 -12.59 0.90 -11.00
C LYS A 64 -13.10 2.34 -10.88
N HIS A 65 -13.96 2.56 -9.89
CA HIS A 65 -14.64 3.83 -9.65
C HIS A 65 -13.69 4.92 -9.14
N MET A 66 -12.56 4.55 -8.53
CA MET A 66 -11.73 5.52 -7.82
C MET A 66 -10.70 6.14 -8.78
N SER A 67 -10.59 7.47 -8.75
CA SER A 67 -9.70 8.23 -9.60
C SER A 67 -8.24 7.83 -9.36
N VAL A 68 -7.56 7.34 -10.40
CA VAL A 68 -6.22 6.79 -10.30
C VAL A 68 -5.27 7.80 -9.63
N SER A 69 -5.38 9.09 -9.97
CA SER A 69 -4.60 10.15 -9.34
C SER A 69 -4.75 10.14 -7.82
N SER A 70 -5.98 10.00 -7.34
CA SER A 70 -6.28 9.94 -5.91
C SER A 70 -5.68 8.67 -5.32
N ILE A 71 -5.87 7.55 -6.01
CA ILE A 71 -5.29 6.28 -5.59
C ILE A 71 -3.76 6.32 -5.56
N LYS A 72 -3.12 7.03 -6.50
CA LYS A 72 -1.68 7.25 -6.47
C LYS A 72 -1.32 8.02 -5.19
N GLN A 73 -2.03 9.13 -4.92
CA GLN A 73 -1.82 9.87 -3.69
C GLN A 73 -2.03 8.97 -2.46
N ALA A 74 -3.02 8.07 -2.50
CA ALA A 74 -3.23 7.10 -1.44
C ALA A 74 -1.99 6.20 -1.28
N VAL A 75 -1.52 5.59 -2.38
CA VAL A 75 -0.28 4.80 -2.40
C VAL A 75 0.85 5.62 -1.75
N ASP A 76 1.08 6.84 -2.23
CA ASP A 76 2.17 7.70 -1.77
C ASP A 76 2.05 7.93 -0.27
N PHE A 77 0.86 8.31 0.19
CA PHE A 77 0.55 8.53 1.60
C PHE A 77 0.87 7.27 2.39
N LEU A 78 0.21 6.16 2.09
CA LEU A 78 0.39 4.90 2.79
C LEU A 78 1.86 4.50 2.83
N SER A 79 2.57 4.67 1.72
CA SER A 79 3.99 4.36 1.67
C SER A 79 4.76 5.28 2.61
N ASN A 80 4.52 6.60 2.53
CA ASN A 80 5.24 7.56 3.36
C ASN A 80 4.98 7.33 4.85
N GLU A 81 3.74 6.99 5.21
CA GLU A 81 3.36 6.64 6.57
C GLU A 81 3.86 5.24 6.96
N GLY A 82 4.57 4.54 6.07
CA GLY A 82 5.21 3.28 6.39
C GLY A 82 4.23 2.12 6.49
N HIS A 83 3.08 2.21 5.81
CA HIS A 83 2.04 1.20 5.86
C HIS A 83 2.23 0.18 4.74
N ILE A 84 2.34 0.64 3.49
CA ILE A 84 2.67 -0.24 2.36
C ILE A 84 4.11 -0.02 1.92
N TYR A 85 4.61 -0.92 1.09
CA TYR A 85 5.88 -0.78 0.42
C TYR A 85 5.80 -1.46 -0.93
N SER A 86 6.66 -1.01 -1.84
CA SER A 86 6.78 -1.51 -3.20
C SER A 86 7.78 -2.67 -3.22
N THR A 87 7.61 -3.63 -4.12
CA THR A 87 8.38 -4.88 -4.09
C THR A 87 9.03 -5.18 -5.44
N VAL A 88 8.49 -6.15 -6.18
CA VAL A 88 9.12 -6.63 -7.40
C VAL A 88 9.11 -5.56 -8.50
N ASP A 89 8.19 -4.61 -8.40
CA ASP A 89 8.14 -3.42 -9.22
C ASP A 89 7.61 -2.28 -8.35
N ASP A 90 7.98 -1.05 -8.70
CA ASP A 90 7.51 0.17 -8.04
C ASP A 90 6.00 0.13 -7.83
N ASP A 91 5.25 -0.28 -8.85
CA ASP A 91 3.79 -0.31 -8.85
C ASP A 91 3.24 -1.68 -8.44
N HIS A 92 4.00 -2.45 -7.65
CA HIS A 92 3.56 -3.73 -7.09
C HIS A 92 3.81 -3.68 -5.58
N PHE A 93 2.74 -3.58 -4.79
CA PHE A 93 2.84 -3.30 -3.36
C PHE A 93 2.56 -4.51 -2.48
N LYS A 94 3.10 -4.48 -1.27
CA LYS A 94 2.80 -5.36 -0.14
C LYS A 94 2.75 -4.49 1.11
N SER A 95 2.21 -5.03 2.21
CA SER A 95 1.89 -4.25 3.39
C SER A 95 2.85 -4.54 4.56
N THR A 96 3.46 -3.48 5.11
CA THR A 96 4.22 -3.54 6.35
C THR A 96 3.25 -3.49 7.52
N ASP A 97 2.36 -2.49 7.55
CA ASP A 97 1.40 -2.32 8.63
C ASP A 97 0.13 -3.12 8.30
N ALA A 98 -0.61 -3.53 9.33
CA ALA A 98 -1.90 -4.17 9.17
C ALA A 98 -2.99 -3.15 8.88
N GLU A 99 -2.92 -1.97 9.51
CA GLU A 99 -3.96 -0.94 9.44
C GLU A 99 -3.35 0.47 9.42
N ARG B 1 19.01 -0.98 -2.95
CA ARG B 1 18.18 -0.09 -2.12
C ARG B 1 16.84 -0.74 -1.77
N ILE B 2 16.06 -1.09 -2.80
CA ILE B 2 14.68 -1.56 -2.65
C ILE B 2 14.57 -2.76 -1.70
N GLN B 3 15.62 -3.56 -1.56
CA GLN B 3 15.69 -4.66 -0.59
C GLN B 3 15.27 -4.22 0.83
N ARG B 4 15.53 -2.96 1.19
CA ARG B 4 15.15 -2.43 2.51
C ARG B 4 13.64 -2.25 2.66
N ASN B 5 12.90 -2.11 1.55
CA ASN B 5 11.49 -1.74 1.46
C ASN B 5 10.64 -1.96 2.71
N LYS B 6 10.42 -3.21 3.13
CA LYS B 6 9.57 -3.52 4.27
C LYS B 6 10.06 -2.81 5.53
N ALA B 7 11.38 -2.85 5.74
CA ALA B 7 12.04 -2.24 6.88
C ALA B 7 12.06 -0.72 6.73
N ALA B 8 12.26 -0.20 5.53
CA ALA B 8 12.18 1.24 5.28
C ALA B 8 10.80 1.75 5.70
N ALA B 9 9.75 1.06 5.24
CA ALA B 9 8.39 1.33 5.66
C ALA B 9 8.27 1.21 7.18
N LEU B 10 8.77 0.13 7.78
CA LEU B 10 8.73 -0.02 9.24
C LEU B 10 9.35 1.18 9.96
N LEU B 11 10.52 1.63 9.51
CA LEU B 11 11.20 2.79 10.07
C LEU B 11 10.35 4.05 9.89
N ARG B 12 9.78 4.27 8.71
CA ARG B 12 8.84 5.37 8.49
C ARG B 12 7.67 5.31 9.46
N LEU B 13 7.08 4.12 9.64
CA LEU B 13 5.99 3.88 10.58
C LEU B 13 6.45 4.32 11.97
N ALA B 14 7.62 3.84 12.40
CA ALA B 14 8.33 4.17 13.62
C ALA B 14 7.67 3.55 14.85
N ALA B 15 6.37 3.83 15.04
CA ALA B 15 5.57 3.32 16.15
C ALA B 15 5.11 1.89 15.86
N ARG B 16 6.04 1.00 15.51
CA ARG B 16 5.74 -0.41 15.33
C ARG B 16 5.30 -1.07 16.64
N ALA A 31 -11.68 6.76 15.69
CA ALA A 31 -10.32 6.66 15.21
C ALA A 31 -10.39 6.61 13.68
N ASN A 32 -9.72 7.56 13.01
CA ASN A 32 -9.62 7.61 11.55
C ASN A 32 -8.14 7.49 11.18
N GLY A 33 -7.42 8.61 11.09
CA GLY A 33 -6.02 8.62 10.67
C GLY A 33 -5.94 8.34 9.17
N LEU A 34 -6.26 7.12 8.79
CA LEU A 34 -6.45 6.71 7.40
C LEU A 34 -7.97 6.66 7.25
N THR A 35 -8.51 7.29 6.21
CA THR A 35 -9.95 7.39 6.05
C THR A 35 -10.49 6.30 5.11
N VAL A 36 -11.82 6.20 5.07
CA VAL A 36 -12.60 5.14 4.44
C VAL A 36 -11.93 4.52 3.20
N ALA A 37 -11.67 5.33 2.18
CA ALA A 37 -11.09 4.86 0.92
C ALA A 37 -9.65 4.37 1.12
N GLN A 38 -8.83 5.12 1.86
CA GLN A 38 -7.43 4.77 2.08
C GLN A 38 -7.34 3.45 2.84
N ASN A 39 -8.14 3.35 3.91
CA ASN A 39 -8.26 2.16 4.74
C ASN A 39 -8.65 0.96 3.87
N GLN A 40 -9.67 1.13 3.02
CA GLN A 40 -10.02 0.14 2.01
C GLN A 40 -8.82 -0.22 1.12
N VAL A 41 -8.15 0.74 0.48
CA VAL A 41 -6.97 0.47 -0.36
C VAL A 41 -5.96 -0.41 0.41
N LEU A 42 -5.57 0.08 1.59
CA LEU A 42 -4.69 -0.64 2.51
C LEU A 42 -5.19 -2.06 2.74
N ASN A 43 -6.50 -2.21 2.99
CA ASN A 43 -7.10 -3.50 3.29
C ASN A 43 -7.00 -4.45 2.08
N LEU A 44 -7.38 -3.97 0.90
CA LEU A 44 -7.20 -4.73 -0.33
C LEU A 44 -5.75 -5.18 -0.45
N ILE A 45 -4.80 -4.25 -0.30
CA ILE A 45 -3.39 -4.59 -0.41
C ILE A 45 -2.99 -5.65 0.63
N LYS A 46 -3.18 -5.35 1.92
CA LYS A 46 -2.74 -6.20 3.02
C LYS A 46 -3.36 -7.59 2.94
N ALA A 47 -4.59 -7.69 2.42
CA ALA A 47 -5.25 -8.98 2.23
C ALA A 47 -4.47 -9.93 1.32
N CYS A 48 -3.66 -9.42 0.39
CA CYS A 48 -2.96 -10.25 -0.58
C CYS A 48 -1.99 -11.23 0.09
N PRO A 49 -2.23 -12.56 0.05
CA PRO A 49 -1.31 -13.52 0.64
C PRO A 49 -0.06 -13.70 -0.24
N ARG A 50 -0.23 -13.63 -1.56
CA ARG A 50 0.84 -13.91 -2.52
C ARG A 50 2.05 -13.00 -2.27
N PRO A 51 3.27 -13.55 -2.15
CA PRO A 51 4.52 -12.78 -2.08
C PRO A 51 4.61 -11.69 -3.15
N GLU A 52 4.10 -11.97 -4.36
CA GLU A 52 3.92 -10.98 -5.42
C GLU A 52 3.40 -9.65 -4.88
N GLY A 53 2.33 -9.69 -4.08
CA GLY A 53 1.62 -8.49 -3.67
C GLY A 53 0.49 -8.16 -4.65
N LEU A 54 -0.27 -7.12 -4.32
CA LEU A 54 -1.42 -6.69 -5.12
C LEU A 54 -0.94 -5.59 -6.06
N ASN A 55 -1.30 -5.66 -7.35
CA ASN A 55 -0.91 -4.60 -8.27
C ASN A 55 -1.82 -3.40 -8.13
N PHE A 56 -1.24 -2.24 -8.37
CA PHE A 56 -1.92 -0.96 -8.49
C PHE A 56 -3.09 -1.07 -9.48
N GLN A 57 -2.85 -1.77 -10.60
CA GLN A 57 -3.84 -2.02 -11.63
C GLN A 57 -4.97 -2.89 -11.07
N ASP A 58 -4.64 -3.93 -10.28
CA ASP A 58 -5.67 -4.73 -9.62
C ASP A 58 -6.50 -3.80 -8.75
N LEU A 59 -5.82 -3.01 -7.93
CA LEU A 59 -6.42 -2.05 -7.02
C LEU A 59 -7.44 -1.18 -7.76
N LYS A 60 -7.00 -0.46 -8.80
CA LYS A 60 -7.88 0.45 -9.52
C LYS A 60 -9.03 -0.29 -10.19
N ASN A 61 -8.79 -1.50 -10.70
CA ASN A 61 -9.85 -2.30 -11.30
C ASN A 61 -10.88 -2.70 -10.25
N GLN A 62 -10.44 -3.06 -9.04
CA GLN A 62 -11.34 -3.38 -7.95
C GLN A 62 -12.11 -2.11 -7.54
N LEU A 63 -11.41 -1.09 -7.08
CA LEU A 63 -12.05 0.13 -6.59
C LEU A 63 -12.25 1.09 -7.75
N LYS A 64 -13.14 0.71 -8.68
CA LYS A 64 -13.49 1.47 -9.88
C LYS A 64 -13.69 2.98 -9.60
N HIS A 65 -14.26 3.31 -8.44
CA HIS A 65 -14.59 4.68 -8.11
C HIS A 65 -13.34 5.55 -7.88
N MET A 66 -12.21 4.94 -7.51
CA MET A 66 -10.95 5.63 -7.28
C MET A 66 -10.18 5.67 -8.60
N SER A 67 -9.83 6.87 -9.07
CA SER A 67 -9.03 7.01 -10.27
C SER A 67 -7.60 6.56 -10.01
N VAL A 68 -6.80 6.43 -11.08
CA VAL A 68 -5.38 6.16 -10.95
C VAL A 68 -4.71 7.23 -10.06
N SER A 69 -5.10 8.50 -10.20
CA SER A 69 -4.64 9.59 -9.37
C SER A 69 -5.08 9.38 -7.92
N SER A 70 -6.34 9.03 -7.68
CA SER A 70 -6.81 8.73 -6.33
C SER A 70 -5.95 7.63 -5.69
N ILE A 71 -5.77 6.52 -6.42
CA ILE A 71 -4.96 5.43 -5.93
C ILE A 71 -3.49 5.86 -5.79
N LYS A 72 -2.98 6.74 -6.64
CA LYS A 72 -1.62 7.27 -6.49
C LYS A 72 -1.49 7.95 -5.13
N GLN A 73 -2.37 8.91 -4.89
CA GLN A 73 -2.45 9.63 -3.62
C GLN A 73 -2.56 8.64 -2.45
N ALA A 74 -3.50 7.69 -2.52
CA ALA A 74 -3.68 6.70 -1.47
C ALA A 74 -2.38 5.92 -1.23
N VAL A 75 -1.80 5.34 -2.29
CA VAL A 75 -0.60 4.55 -2.25
C VAL A 75 0.53 5.36 -1.60
N ASP A 76 0.78 6.56 -2.13
CA ASP A 76 1.81 7.44 -1.62
C ASP A 76 1.57 7.71 -0.14
N PHE A 77 0.35 8.14 0.23
CA PHE A 77 0.00 8.41 1.61
C PHE A 77 0.31 7.20 2.50
N LEU A 78 -0.34 6.07 2.25
CA LEU A 78 -0.14 4.84 3.00
C LEU A 78 1.34 4.47 3.07
N SER A 79 2.08 4.63 1.97
CA SER A 79 3.49 4.31 1.98
C SER A 79 4.27 5.30 2.85
N ASN A 80 3.97 6.60 2.79
CA ASN A 80 4.60 7.60 3.64
C ASN A 80 4.30 7.33 5.12
N GLU A 81 3.07 6.91 5.43
CA GLU A 81 2.71 6.45 6.76
C GLU A 81 3.39 5.12 7.12
N GLY A 82 4.15 4.52 6.21
CA GLY A 82 4.90 3.31 6.44
C GLY A 82 4.03 2.07 6.44
N HIS A 83 2.81 2.14 5.89
CA HIS A 83 1.92 1.00 5.89
C HIS A 83 2.25 0.08 4.72
N ILE A 84 2.07 0.56 3.49
CA ILE A 84 2.35 -0.24 2.30
C ILE A 84 3.76 0.02 1.78
N TYR A 85 4.30 -0.97 1.06
CA TYR A 85 5.54 -0.84 0.36
C TYR A 85 5.47 -1.70 -0.90
N SER A 86 6.40 -1.44 -1.81
CA SER A 86 6.47 -2.08 -3.11
C SER A 86 7.32 -3.35 -3.00
N THR A 87 6.95 -4.41 -3.72
CA THR A 87 7.58 -5.71 -3.60
C THR A 87 8.37 -6.10 -4.85
N VAL A 88 7.78 -6.91 -5.74
CA VAL A 88 8.52 -7.50 -6.84
C VAL A 88 8.85 -6.44 -7.89
N ASP A 89 7.91 -5.53 -8.14
CA ASP A 89 7.99 -4.46 -9.12
C ASP A 89 7.23 -3.27 -8.54
N ASP A 90 7.56 -2.06 -9.01
CA ASP A 90 7.02 -0.79 -8.54
C ASP A 90 5.49 -0.78 -8.44
N ASP A 91 4.79 -1.54 -9.28
CA ASP A 91 3.34 -1.55 -9.31
C ASP A 91 2.74 -2.54 -8.30
N HIS A 92 3.52 -3.51 -7.80
CA HIS A 92 3.06 -4.50 -6.84
C HIS A 92 3.32 -3.98 -5.43
N PHE A 93 2.28 -3.84 -4.61
CA PHE A 93 2.40 -3.43 -3.22
C PHE A 93 1.95 -4.53 -2.26
N LYS A 94 2.49 -4.50 -1.03
CA LYS A 94 2.06 -5.28 0.11
C LYS A 94 2.14 -4.38 1.33
N SER A 95 1.48 -4.77 2.43
CA SER A 95 1.55 -4.06 3.69
C SER A 95 2.73 -4.61 4.49
N THR A 96 3.53 -3.73 5.08
CA THR A 96 4.59 -4.13 5.99
C THR A 96 3.96 -4.66 7.29
N ASP A 97 2.87 -4.01 7.71
CA ASP A 97 2.09 -4.30 8.91
C ASP A 97 2.91 -4.14 10.19
N ALA A 98 3.82 -5.08 10.45
CA ALA A 98 4.66 -5.12 11.63
C ALA A 98 5.70 -6.24 11.47
N GLU A 99 5.22 -7.46 11.22
CA GLU A 99 6.08 -8.63 11.10
C GLU A 99 6.85 -8.57 9.78
N ARG B 1 13.96 0.92 -7.82
CA ARG B 1 14.29 -0.50 -7.64
C ARG B 1 13.99 -0.90 -6.20
N ILE B 2 13.13 -1.90 -5.99
CA ILE B 2 12.78 -2.34 -4.65
C ILE B 2 14.02 -2.93 -3.98
N GLN B 3 14.27 -2.50 -2.74
CA GLN B 3 15.40 -2.84 -1.92
C GLN B 3 14.86 -3.06 -0.49
N ARG B 4 15.38 -2.38 0.53
CA ARG B 4 14.93 -2.53 1.91
C ARG B 4 13.61 -1.79 2.16
N ASN B 5 12.65 -1.93 1.24
CA ASN B 5 11.40 -1.17 1.23
C ASN B 5 10.53 -1.54 2.43
N LYS B 6 10.46 -2.84 2.73
CA LYS B 6 9.75 -3.39 3.87
C LYS B 6 10.23 -2.72 5.16
N ALA B 7 11.54 -2.72 5.36
CA ALA B 7 12.19 -2.16 6.54
C ALA B 7 11.99 -0.64 6.58
N ALA B 8 12.20 0.05 5.46
CA ALA B 8 11.94 1.48 5.38
C ALA B 8 10.51 1.80 5.82
N ALA B 9 9.54 1.03 5.32
CA ALA B 9 8.16 1.17 5.72
C ALA B 9 8.01 0.95 7.23
N LEU B 10 8.56 -0.13 7.80
CA LEU B 10 8.55 -0.32 9.25
C LEU B 10 9.10 0.92 9.97
N LEU B 11 10.25 1.44 9.52
CA LEU B 11 10.86 2.61 10.14
C LEU B 11 9.89 3.79 10.11
N ARG B 12 9.30 4.09 8.96
CA ARG B 12 8.31 5.16 8.86
C ARG B 12 7.13 4.90 9.81
N LEU B 13 6.59 3.68 9.81
CA LEU B 13 5.48 3.30 10.67
C LEU B 13 5.84 3.59 12.14
N ALA B 14 6.99 3.09 12.58
CA ALA B 14 7.49 3.30 13.94
C ALA B 14 7.67 4.79 14.24
N ALA B 15 8.24 5.55 13.30
CA ALA B 15 8.46 6.98 13.46
C ALA B 15 7.14 7.74 13.60
N ARG B 16 6.13 7.38 12.79
CA ARG B 16 4.82 8.01 12.83
C ARG B 16 4.16 7.81 14.20
N ALA A 31 -9.95 6.71 16.35
CA ALA A 31 -10.00 5.30 15.98
C ALA A 31 -10.07 5.11 14.46
N ASN A 32 -10.79 5.98 13.74
CA ASN A 32 -10.76 5.99 12.29
C ASN A 32 -9.42 6.59 11.85
N GLY A 33 -8.36 5.79 11.93
CA GLY A 33 -7.00 6.23 11.70
C GLY A 33 -6.80 6.88 10.33
N LEU A 34 -7.33 6.25 9.28
CA LEU A 34 -7.07 6.60 7.88
C LEU A 34 -8.36 7.02 7.19
N THR A 35 -8.27 7.85 6.14
CA THR A 35 -9.43 8.28 5.38
C THR A 35 -10.00 7.07 4.63
N VAL A 36 -11.32 7.04 4.42
CA VAL A 36 -12.05 5.90 3.86
C VAL A 36 -11.34 5.30 2.64
N ALA A 37 -10.97 6.13 1.66
CA ALA A 37 -10.25 5.70 0.48
C ALA A 37 -8.92 5.04 0.84
N GLN A 38 -8.09 5.72 1.63
CA GLN A 38 -6.77 5.23 1.98
C GLN A 38 -6.92 3.87 2.70
N ASN A 39 -7.82 3.83 3.68
CA ASN A 39 -8.19 2.63 4.40
C ASN A 39 -8.59 1.52 3.42
N GLN A 40 -9.56 1.78 2.53
CA GLN A 40 -9.96 0.86 1.48
C GLN A 40 -8.75 0.32 0.72
N VAL A 41 -7.90 1.19 0.19
CA VAL A 41 -6.73 0.78 -0.57
C VAL A 41 -5.84 -0.15 0.26
N LEU A 42 -5.48 0.31 1.47
CA LEU A 42 -4.70 -0.48 2.42
C LEU A 42 -5.36 -1.85 2.63
N ASN A 43 -6.67 -1.85 2.85
CA ASN A 43 -7.45 -3.05 3.12
C ASN A 43 -7.37 -4.02 1.94
N LEU A 44 -7.62 -3.54 0.73
CA LEU A 44 -7.47 -4.37 -0.45
C LEU A 44 -6.05 -4.95 -0.52
N ILE A 45 -5.03 -4.08 -0.41
CA ILE A 45 -3.63 -4.53 -0.48
C ILE A 45 -3.35 -5.60 0.58
N LYS A 46 -3.74 -5.35 1.84
CA LYS A 46 -3.42 -6.23 2.95
C LYS A 46 -4.21 -7.55 2.87
N ALA A 47 -5.44 -7.50 2.35
CA ALA A 47 -6.34 -8.64 2.32
C ALA A 47 -6.05 -9.55 1.12
N CYS A 48 -5.91 -8.98 -0.08
CA CYS A 48 -5.86 -9.78 -1.30
C CYS A 48 -4.59 -10.63 -1.39
N PRO A 49 -4.69 -11.97 -1.39
CA PRO A 49 -3.53 -12.85 -1.27
C PRO A 49 -2.79 -12.96 -2.61
N ARG A 50 -2.03 -11.91 -2.98
CA ARG A 50 -1.15 -11.90 -4.14
C ARG A 50 0.31 -12.08 -3.68
N PRO A 51 0.95 -13.22 -3.96
CA PRO A 51 2.35 -13.47 -3.63
C PRO A 51 3.30 -12.34 -4.06
N GLU A 52 3.06 -11.76 -5.24
CA GLU A 52 3.87 -10.67 -5.79
C GLU A 52 3.45 -9.30 -5.26
N GLY A 53 2.45 -9.23 -4.36
CA GLY A 53 1.82 -7.98 -3.95
C GLY A 53 0.69 -7.65 -4.90
N LEU A 54 -0.20 -6.74 -4.47
CA LEU A 54 -1.38 -6.38 -5.23
C LEU A 54 -1.03 -5.24 -6.17
N ASN A 55 -1.36 -5.37 -7.46
CA ASN A 55 -0.99 -4.38 -8.45
C ASN A 55 -1.96 -3.22 -8.40
N PHE A 56 -1.45 -2.02 -8.69
CA PHE A 56 -2.22 -0.78 -8.82
C PHE A 56 -3.43 -1.03 -9.74
N GLN A 57 -3.18 -1.72 -10.85
CA GLN A 57 -4.22 -2.04 -11.82
C GLN A 57 -5.28 -2.96 -11.20
N ASP A 58 -4.87 -3.94 -10.38
CA ASP A 58 -5.81 -4.78 -9.63
C ASP A 58 -6.62 -3.88 -8.71
N LEU A 59 -5.92 -2.96 -8.03
CA LEU A 59 -6.53 -2.01 -7.12
C LEU A 59 -7.66 -1.26 -7.84
N LYS A 60 -7.37 -0.69 -9.02
CA LYS A 60 -8.42 -0.04 -9.82
C LYS A 60 -9.54 -1.02 -10.17
N ASN A 61 -9.19 -2.18 -10.72
CA ASN A 61 -10.20 -3.14 -11.20
C ASN A 61 -11.16 -3.53 -10.08
N GLN A 62 -10.64 -3.69 -8.86
CA GLN A 62 -11.47 -3.94 -7.70
C GLN A 62 -12.23 -2.67 -7.36
N LEU A 63 -11.52 -1.60 -6.99
CA LEU A 63 -12.13 -0.36 -6.53
C LEU A 63 -12.37 0.56 -7.72
N LYS A 64 -13.30 0.15 -8.59
CA LYS A 64 -13.65 0.87 -9.81
C LYS A 64 -13.98 2.35 -9.56
N HIS A 65 -14.51 2.67 -8.36
CA HIS A 65 -14.87 4.03 -7.99
C HIS A 65 -13.65 4.94 -7.79
N MET A 66 -12.45 4.38 -7.56
CA MET A 66 -11.25 5.17 -7.29
C MET A 66 -10.55 5.50 -8.61
N SER A 67 -10.18 6.76 -8.80
CA SER A 67 -9.46 7.19 -9.99
C SER A 67 -7.96 6.95 -9.80
N VAL A 68 -7.18 7.00 -10.89
CA VAL A 68 -5.73 6.86 -10.82
C VAL A 68 -5.17 7.90 -9.85
N SER A 69 -5.67 9.13 -9.93
CA SER A 69 -5.33 10.21 -9.01
C SER A 69 -5.59 9.80 -7.57
N SER A 70 -6.78 9.24 -7.30
CA SER A 70 -7.14 8.77 -5.98
C SER A 70 -6.12 7.73 -5.50
N ILE A 71 -5.89 6.70 -6.31
CA ILE A 71 -5.02 5.61 -5.91
C ILE A 71 -3.56 6.09 -5.83
N LYS A 72 -3.12 7.04 -6.65
CA LYS A 72 -1.82 7.66 -6.51
C LYS A 72 -1.72 8.32 -5.14
N GLN A 73 -2.66 9.19 -4.80
CA GLN A 73 -2.66 9.86 -3.51
C GLN A 73 -2.65 8.82 -2.38
N ALA A 74 -3.51 7.81 -2.47
CA ALA A 74 -3.55 6.72 -1.50
C ALA A 74 -2.19 6.04 -1.38
N VAL A 75 -1.62 5.57 -2.49
CA VAL A 75 -0.33 4.90 -2.54
C VAL A 75 0.74 5.78 -1.90
N ASP A 76 0.87 7.01 -2.39
CA ASP A 76 1.85 7.97 -1.89
C ASP A 76 1.70 8.13 -0.38
N PHE A 77 0.47 8.42 0.07
CA PHE A 77 0.15 8.56 1.48
C PHE A 77 0.57 7.31 2.25
N LEU A 78 -0.03 6.17 1.94
CA LEU A 78 0.21 4.91 2.64
C LEU A 78 1.69 4.52 2.64
N SER A 79 2.43 4.86 1.58
CA SER A 79 3.88 4.72 1.57
C SER A 79 4.47 5.64 2.64
N ASN A 80 4.22 6.95 2.58
CA ASN A 80 4.73 7.91 3.55
C ASN A 80 4.40 7.50 4.99
N GLU A 81 3.17 7.05 5.22
CA GLU A 81 2.72 6.60 6.53
C GLU A 81 3.36 5.28 6.95
N GLY A 82 4.09 4.60 6.07
CA GLY A 82 4.67 3.30 6.38
C GLY A 82 3.55 2.32 6.69
N HIS A 83 2.59 2.21 5.76
CA HIS A 83 1.46 1.30 5.85
C HIS A 83 1.55 0.26 4.73
N ILE A 84 1.88 0.69 3.51
CA ILE A 84 2.21 -0.20 2.40
C ILE A 84 3.65 0.05 1.97
N TYR A 85 4.17 -0.82 1.11
CA TYR A 85 5.44 -0.65 0.43
C TYR A 85 5.34 -1.37 -0.91
N SER A 86 6.24 -1.06 -1.83
CA SER A 86 6.29 -1.66 -3.15
C SER A 86 7.16 -2.91 -3.09
N THR A 87 6.76 -3.97 -3.79
CA THR A 87 7.42 -5.27 -3.72
C THR A 87 8.48 -5.39 -4.81
N VAL A 88 8.05 -5.70 -6.03
CA VAL A 88 8.92 -5.95 -7.17
C VAL A 88 9.28 -4.63 -7.85
N ASP A 89 8.28 -3.77 -8.07
CA ASP A 89 8.40 -2.43 -8.64
C ASP A 89 7.16 -1.67 -8.19
N ASP A 90 7.17 -0.34 -8.33
CA ASP A 90 6.17 0.57 -7.77
C ASP A 90 4.80 0.54 -8.47
N ASP A 91 4.41 -0.64 -8.95
CA ASP A 91 3.08 -0.98 -9.44
C ASP A 91 2.50 -2.01 -8.48
N HIS A 92 3.33 -2.89 -7.90
CA HIS A 92 2.92 -3.96 -7.01
C HIS A 92 3.19 -3.53 -5.57
N PHE A 93 2.17 -3.51 -4.72
CA PHE A 93 2.32 -3.12 -3.32
C PHE A 93 1.89 -4.24 -2.38
N LYS A 94 2.51 -4.29 -1.20
CA LYS A 94 2.11 -5.13 -0.08
C LYS A 94 1.98 -4.23 1.14
N SER A 95 1.26 -4.71 2.15
CA SER A 95 1.02 -3.99 3.38
C SER A 95 2.11 -4.34 4.39
N THR A 96 2.20 -3.52 5.44
CA THR A 96 3.01 -3.81 6.60
C THR A 96 2.28 -4.90 7.38
N ASP A 97 1.23 -4.49 8.09
CA ASP A 97 0.32 -5.40 8.77
C ASP A 97 -0.26 -6.39 7.75
N ALA A 98 -0.08 -7.68 8.03
CA ALA A 98 -0.52 -8.80 7.19
C ALA A 98 0.28 -8.93 5.89
N GLU A 99 1.42 -8.24 5.77
CA GLU A 99 2.37 -8.44 4.69
C GLU A 99 1.70 -8.37 3.30
N ARG B 1 18.55 -3.06 -4.97
CA ARG B 1 17.33 -3.02 -5.79
C ARG B 1 16.15 -2.48 -4.97
N ILE B 2 15.35 -3.36 -4.35
CA ILE B 2 14.13 -2.97 -3.62
C ILE B 2 14.02 -3.74 -2.30
N GLN B 3 15.15 -4.19 -1.76
CA GLN B 3 15.18 -5.11 -0.63
C GLN B 3 14.51 -4.52 0.61
N ARG B 4 14.90 -3.31 1.02
CA ARG B 4 14.49 -2.72 2.30
C ARG B 4 13.07 -2.15 2.29
N ASN B 5 12.13 -2.81 1.60
CA ASN B 5 10.78 -2.30 1.39
C ASN B 5 9.98 -2.23 2.69
N LYS B 6 9.64 -3.38 3.28
CA LYS B 6 8.93 -3.40 4.56
C LYS B 6 9.76 -2.73 5.65
N ALA B 7 11.08 -2.83 5.58
CA ALA B 7 11.97 -2.13 6.50
C ALA B 7 11.72 -0.62 6.44
N ALA B 8 11.70 -0.04 5.24
CA ALA B 8 11.43 1.38 5.06
C ALA B 8 10.05 1.72 5.62
N ALA B 9 9.04 0.88 5.33
CA ALA B 9 7.72 1.11 5.86
C ALA B 9 7.71 1.13 7.40
N LEU B 10 8.28 0.12 8.04
CA LEU B 10 8.35 0.06 9.50
C LEU B 10 9.19 1.21 10.06
N LEU B 11 10.26 1.60 9.36
CA LEU B 11 11.05 2.77 9.77
C LEU B 11 10.17 4.02 9.78
N ARG B 12 9.36 4.20 8.73
CA ARG B 12 8.43 5.33 8.63
C ARG B 12 7.35 5.25 9.71
N LEU B 13 6.50 4.21 9.66
CA LEU B 13 5.39 3.91 10.56
C LEU B 13 4.72 5.17 11.11
N ALA B 14 4.35 6.04 10.18
CA ALA B 14 3.64 7.30 10.38
C ALA B 14 4.25 8.19 11.48
N ALA B 15 5.56 8.10 11.72
CA ALA B 15 6.24 8.93 12.70
C ALA B 15 6.53 10.30 12.09
N ARG B 16 5.47 11.04 11.71
CA ARG B 16 5.63 12.37 11.11
C ARG B 16 5.84 13.43 12.19
N ALA A 31 -6.11 13.92 11.36
CA ALA A 31 -6.98 13.74 12.52
C ALA A 31 -7.51 12.30 12.62
N ASN A 32 -8.41 11.92 11.70
CA ASN A 32 -8.91 10.56 11.59
C ASN A 32 -7.79 9.68 11.02
N GLY A 33 -6.80 9.36 11.86
CA GLY A 33 -5.64 8.52 11.60
C GLY A 33 -5.38 8.25 10.12
N LEU A 34 -5.97 7.16 9.61
CA LEU A 34 -6.01 6.86 8.19
C LEU A 34 -7.43 7.16 7.69
N THR A 35 -7.52 7.66 6.47
CA THR A 35 -8.80 7.97 5.84
C THR A 35 -9.42 6.69 5.29
N VAL A 36 -10.76 6.65 5.21
CA VAL A 36 -11.54 5.46 4.87
C VAL A 36 -10.99 4.77 3.62
N ALA A 37 -11.06 5.45 2.47
CA ALA A 37 -10.61 4.87 1.20
C ALA A 37 -9.19 4.32 1.30
N GLN A 38 -8.27 5.07 1.93
CA GLN A 38 -6.89 4.64 2.11
C GLN A 38 -6.84 3.37 2.97
N ASN A 39 -7.56 3.35 4.10
CA ASN A 39 -7.68 2.17 4.95
C ASN A 39 -8.20 0.97 4.15
N GLN A 40 -9.16 1.20 3.25
CA GLN A 40 -9.70 0.17 2.38
C GLN A 40 -8.67 -0.32 1.36
N VAL A 41 -7.98 0.60 0.66
CA VAL A 41 -6.88 0.27 -0.23
C VAL A 41 -5.87 -0.62 0.51
N LEU A 42 -5.41 -0.13 1.67
CA LEU A 42 -4.56 -0.86 2.59
C LEU A 42 -5.13 -2.27 2.87
N ASN A 43 -6.40 -2.35 3.26
CA ASN A 43 -7.06 -3.63 3.53
C ASN A 43 -7.01 -4.57 2.32
N LEU A 44 -7.28 -4.08 1.11
CA LEU A 44 -7.10 -4.91 -0.08
C LEU A 44 -5.65 -5.38 -0.16
N ILE A 45 -4.69 -4.46 -0.07
CA ILE A 45 -3.28 -4.77 -0.20
C ILE A 45 -2.83 -5.81 0.85
N LYS A 46 -3.30 -5.70 2.11
CA LYS A 46 -2.94 -6.67 3.13
C LYS A 46 -3.68 -8.00 2.92
N ALA A 47 -4.92 -7.97 2.44
CA ALA A 47 -5.69 -9.17 2.13
C ALA A 47 -5.08 -9.96 0.98
N CYS A 48 -4.36 -9.28 0.08
CA CYS A 48 -3.76 -9.78 -1.15
C CYS A 48 -3.38 -11.27 -1.15
N PRO A 49 -4.18 -12.12 -1.81
CA PRO A 49 -3.83 -13.53 -2.03
C PRO A 49 -2.52 -13.72 -2.77
N ARG A 50 -2.23 -12.89 -3.78
CA ARG A 50 -1.06 -13.06 -4.63
C ARG A 50 0.22 -12.90 -3.80
N PRO A 51 1.08 -13.92 -3.67
CA PRO A 51 2.31 -13.81 -2.88
C PRO A 51 3.24 -12.72 -3.40
N GLU A 52 3.23 -12.46 -4.71
CA GLU A 52 3.95 -11.33 -5.31
C GLU A 52 3.60 -10.02 -4.63
N GLY A 53 2.30 -9.83 -4.34
CA GLY A 53 1.71 -8.58 -3.90
C GLY A 53 0.60 -8.19 -4.86
N LEU A 54 -0.18 -7.18 -4.48
CA LEU A 54 -1.35 -6.75 -5.23
C LEU A 54 -0.91 -5.69 -6.20
N ASN A 55 -1.19 -5.87 -7.51
CA ASN A 55 -0.87 -4.81 -8.43
C ASN A 55 -1.76 -3.60 -8.17
N PHE A 56 -1.21 -2.44 -8.49
CA PHE A 56 -1.90 -1.17 -8.55
C PHE A 56 -3.07 -1.33 -9.51
N GLN A 57 -2.83 -2.00 -10.63
CA GLN A 57 -3.84 -2.32 -11.62
C GLN A 57 -4.91 -3.25 -11.04
N ASP A 58 -4.55 -4.23 -10.19
CA ASP A 58 -5.53 -5.07 -9.52
C ASP A 58 -6.37 -4.19 -8.60
N LEU A 59 -5.70 -3.32 -7.85
CA LEU A 59 -6.32 -2.37 -6.94
C LEU A 59 -7.38 -1.58 -7.70
N LYS A 60 -6.98 -0.93 -8.80
CA LYS A 60 -7.86 -0.20 -9.69
C LYS A 60 -9.02 -1.06 -10.16
N ASN A 61 -8.74 -2.27 -10.67
CA ASN A 61 -9.78 -3.14 -11.20
C ASN A 61 -10.84 -3.42 -10.15
N GLN A 62 -10.44 -3.64 -8.89
CA GLN A 62 -11.41 -3.80 -7.82
C GLN A 62 -12.09 -2.46 -7.54
N LEU A 63 -11.32 -1.46 -7.10
CA LEU A 63 -11.85 -0.17 -6.69
C LEU A 63 -11.95 0.76 -7.88
N LYS A 64 -12.80 0.38 -8.85
CA LYS A 64 -13.01 1.11 -10.09
C LYS A 64 -13.23 2.62 -9.87
N HIS A 65 -13.92 2.96 -8.77
CA HIS A 65 -14.28 4.33 -8.45
C HIS A 65 -13.06 5.18 -8.08
N MET A 66 -11.95 4.57 -7.66
CA MET A 66 -10.74 5.30 -7.32
C MET A 66 -9.91 5.45 -8.60
N SER A 67 -9.57 6.68 -8.98
CA SER A 67 -8.80 6.92 -10.18
C SER A 67 -7.34 6.50 -9.97
N VAL A 68 -6.53 6.50 -11.03
CA VAL A 68 -5.09 6.30 -10.89
C VAL A 68 -4.53 7.39 -9.98
N SER A 69 -4.97 8.65 -10.15
CA SER A 69 -4.66 9.73 -9.23
C SER A 69 -5.01 9.33 -7.80
N SER A 70 -6.26 8.91 -7.55
CA SER A 70 -6.70 8.48 -6.24
C SER A 70 -5.76 7.41 -5.66
N ILE A 71 -5.49 6.35 -6.42
CA ILE A 71 -4.66 5.25 -5.95
C ILE A 71 -3.20 5.71 -5.81
N LYS A 72 -2.71 6.62 -6.64
CA LYS A 72 -1.36 7.16 -6.50
C LYS A 72 -1.27 7.93 -5.18
N GLN A 73 -2.24 8.80 -4.92
CA GLN A 73 -2.36 9.52 -3.66
C GLN A 73 -2.40 8.53 -2.50
N ALA A 74 -3.25 7.50 -2.60
CA ALA A 74 -3.37 6.47 -1.58
C ALA A 74 -2.03 5.77 -1.34
N VAL A 75 -1.39 5.31 -2.41
CA VAL A 75 -0.10 4.65 -2.38
C VAL A 75 0.92 5.55 -1.68
N ASP A 76 1.03 6.80 -2.12
CA ASP A 76 1.93 7.77 -1.50
C ASP A 76 1.64 7.92 -0.01
N PHE A 77 0.38 8.13 0.34
CA PHE A 77 -0.07 8.28 1.72
C PHE A 77 0.35 7.06 2.54
N LEU A 78 -0.14 5.88 2.18
CA LEU A 78 0.11 4.64 2.89
C LEU A 78 1.62 4.34 2.96
N SER A 79 2.35 4.59 1.88
CA SER A 79 3.80 4.45 1.88
C SER A 79 4.40 5.38 2.95
N ASN A 80 4.01 6.66 2.92
CA ASN A 80 4.50 7.65 3.89
C ASN A 80 4.16 7.24 5.33
N GLU A 81 2.96 6.70 5.55
CA GLU A 81 2.53 6.18 6.85
C GLU A 81 3.26 4.90 7.23
N GLY A 82 4.01 4.29 6.31
CA GLY A 82 4.68 3.02 6.55
C GLY A 82 3.67 1.89 6.68
N HIS A 83 2.70 1.82 5.76
CA HIS A 83 1.61 0.85 5.80
C HIS A 83 1.63 -0.08 4.59
N ILE A 84 2.10 0.39 3.43
CA ILE A 84 2.36 -0.45 2.28
C ILE A 84 3.80 -0.25 1.82
N TYR A 85 4.28 -1.19 1.00
CA TYR A 85 5.54 -1.10 0.32
C TYR A 85 5.43 -1.86 -0.99
N SER A 86 6.33 -1.54 -1.91
CA SER A 86 6.43 -2.10 -3.23
C SER A 86 7.37 -3.30 -3.21
N THR A 87 6.92 -4.44 -3.74
CA THR A 87 7.62 -5.71 -3.58
C THR A 87 8.56 -5.97 -4.75
N VAL A 88 8.02 -6.58 -5.81
CA VAL A 88 8.77 -6.98 -6.99
C VAL A 88 9.02 -5.79 -7.92
N ASP A 89 8.20 -4.74 -7.82
CA ASP A 89 8.29 -3.52 -8.60
C ASP A 89 7.39 -2.48 -7.95
N ASP A 90 7.48 -1.21 -8.35
CA ASP A 90 6.60 -0.15 -7.86
C ASP A 90 5.24 -0.19 -8.59
N ASP A 91 4.64 -1.38 -8.59
CA ASP A 91 3.31 -1.66 -9.13
C ASP A 91 2.66 -2.72 -8.26
N HIS A 92 3.41 -3.75 -7.83
CA HIS A 92 2.97 -4.76 -6.89
C HIS A 92 3.27 -4.25 -5.49
N PHE A 93 2.24 -4.06 -4.67
CA PHE A 93 2.40 -3.62 -3.29
C PHE A 93 1.94 -4.71 -2.32
N LYS A 94 2.55 -4.74 -1.14
CA LYS A 94 2.12 -5.54 0.00
C LYS A 94 2.17 -4.63 1.23
N SER A 95 1.55 -5.05 2.34
CA SER A 95 1.37 -4.21 3.49
C SER A 95 2.57 -4.36 4.44
N THR A 96 3.18 -3.22 4.78
CA THR A 96 4.28 -3.11 5.73
C THR A 96 3.82 -3.67 7.07
N ASP A 97 2.71 -3.16 7.61
CA ASP A 97 2.20 -3.52 8.93
C ASP A 97 1.43 -4.84 8.90
N ALA A 98 1.95 -5.85 8.20
CA ALA A 98 1.36 -7.18 8.13
C ALA A 98 2.31 -8.16 7.44
N GLU A 99 2.70 -7.86 6.19
CA GLU A 99 3.66 -8.66 5.43
C GLU A 99 5.04 -8.02 5.54
N ARG B 1 17.19 0.30 -3.85
CA ARG B 1 16.96 0.03 -2.42
C ARG B 1 15.78 -0.91 -2.17
N ILE B 2 15.04 -1.31 -3.22
CA ILE B 2 13.84 -2.13 -3.08
C ILE B 2 14.13 -3.45 -2.35
N GLN B 3 15.36 -3.97 -2.47
CA GLN B 3 15.84 -5.12 -1.71
C GLN B 3 15.55 -4.97 -0.21
N ARG B 4 15.64 -3.75 0.33
CA ARG B 4 15.43 -3.43 1.73
C ARG B 4 14.08 -2.73 1.94
N ASN B 5 13.13 -2.92 1.02
CA ASN B 5 11.80 -2.35 1.21
C ASN B 5 11.09 -3.05 2.37
N LYS B 6 10.01 -2.46 2.87
CA LYS B 6 9.34 -2.86 4.13
C LYS B 6 10.22 -2.52 5.32
N ALA B 7 11.47 -3.00 5.36
CA ALA B 7 12.44 -2.61 6.38
C ALA B 7 12.60 -1.08 6.39
N ALA B 8 12.69 -0.45 5.21
CA ALA B 8 12.64 1.00 5.10
C ALA B 8 11.35 1.54 5.74
N ALA B 9 10.19 1.13 5.21
CA ALA B 9 8.88 1.61 5.61
C ALA B 9 8.63 1.46 7.13
N LEU B 10 9.18 0.40 7.72
CA LEU B 10 9.11 0.10 9.14
C LEU B 10 9.57 1.30 9.97
N LEU B 11 10.51 2.12 9.46
CA LEU B 11 10.91 3.34 10.16
C LEU B 11 9.69 4.26 10.36
N ARG B 12 8.91 4.49 9.30
CA ARG B 12 7.72 5.32 9.39
C ARG B 12 6.69 4.64 10.30
N LEU B 13 6.47 3.34 10.12
CA LEU B 13 5.54 2.60 10.97
C LEU B 13 5.90 2.78 12.45
N ALA B 14 7.19 2.59 12.79
CA ALA B 14 7.70 2.74 14.14
C ALA B 14 7.51 4.17 14.64
N ALA B 15 7.83 5.16 13.80
CA ALA B 15 7.58 6.56 14.12
C ALA B 15 6.10 6.80 14.44
N ARG B 16 5.20 6.12 13.70
CA ARG B 16 3.75 5.98 13.92
C ARG B 16 3.06 5.54 12.63
N ALA A 31 -13.99 1.59 11.06
CA ALA A 31 -13.15 2.28 12.03
C ALA A 31 -12.17 3.19 11.29
N ASN A 32 -11.72 2.76 10.11
CA ASN A 32 -10.92 3.51 9.14
C ASN A 32 -9.54 3.94 9.64
N GLY A 33 -9.45 4.79 10.66
CA GLY A 33 -8.19 5.32 11.18
C GLY A 33 -7.60 6.36 10.23
N LEU A 34 -7.31 5.94 9.00
CA LEU A 34 -6.94 6.79 7.89
C LEU A 34 -8.28 7.21 7.23
N THR A 35 -8.29 7.82 6.05
CA THR A 35 -9.58 7.98 5.37
C THR A 35 -10.17 6.60 5.06
N VAL A 36 -11.49 6.53 4.88
CA VAL A 36 -12.19 5.33 4.47
C VAL A 36 -11.56 4.74 3.19
N ALA A 37 -11.18 5.60 2.25
CA ALA A 37 -10.49 5.17 1.03
C ALA A 37 -9.09 4.64 1.36
N GLN A 38 -8.23 5.44 2.01
CA GLN A 38 -6.87 4.99 2.33
C GLN A 38 -6.90 3.65 3.08
N ASN A 39 -7.78 3.54 4.08
CA ASN A 39 -8.03 2.31 4.82
C ASN A 39 -8.33 1.18 3.85
N GLN A 40 -9.35 1.36 3.00
CA GLN A 40 -9.70 0.37 1.98
C GLN A 40 -8.51 -0.03 1.11
N VAL A 41 -7.82 0.93 0.49
CA VAL A 41 -6.64 0.66 -0.34
C VAL A 41 -5.63 -0.19 0.45
N LEU A 42 -5.25 0.31 1.62
CA LEU A 42 -4.35 -0.40 2.54
C LEU A 42 -4.86 -1.82 2.82
N ASN A 43 -6.17 -1.97 3.06
CA ASN A 43 -6.79 -3.25 3.39
C ASN A 43 -6.70 -4.20 2.20
N LEU A 44 -7.05 -3.74 1.00
CA LEU A 44 -6.86 -4.51 -0.22
C LEU A 44 -5.40 -4.97 -0.32
N ILE A 45 -4.45 -4.05 -0.18
CA ILE A 45 -3.04 -4.38 -0.30
C ILE A 45 -2.64 -5.42 0.76
N LYS A 46 -2.89 -5.15 2.04
CA LYS A 46 -2.48 -6.04 3.12
C LYS A 46 -3.13 -7.43 2.96
N ALA A 47 -4.37 -7.47 2.47
CA ALA A 47 -5.11 -8.71 2.24
C ALA A 47 -4.63 -9.49 1.01
N CYS A 48 -3.67 -8.95 0.24
CA CYS A 48 -3.17 -9.52 -1.02
C CYS A 48 -2.95 -11.03 -0.97
N PRO A 49 -3.60 -11.82 -1.83
CA PRO A 49 -3.45 -13.26 -1.83
C PRO A 49 -2.08 -13.70 -2.37
N ARG A 50 -1.60 -13.13 -3.47
CA ARG A 50 -0.39 -13.62 -4.11
C ARG A 50 0.85 -13.21 -3.30
N PRO A 51 1.93 -14.02 -3.29
CA PRO A 51 3.18 -13.70 -2.62
C PRO A 51 3.77 -12.34 -3.01
N GLU A 52 3.80 -12.04 -4.32
CA GLU A 52 4.49 -10.88 -4.87
C GLU A 52 3.99 -9.59 -4.20
N GLY A 53 2.71 -9.31 -4.38
CA GLY A 53 2.06 -8.11 -3.89
C GLY A 53 0.87 -7.80 -4.78
N LEU A 54 0.09 -6.78 -4.39
CA LEU A 54 -1.08 -6.37 -5.12
C LEU A 54 -0.63 -5.33 -6.15
N ASN A 55 -0.97 -5.55 -7.42
CA ASN A 55 -0.54 -4.62 -8.45
C ASN A 55 -1.43 -3.38 -8.38
N PHE A 56 -0.87 -2.23 -8.72
CA PHE A 56 -1.61 -1.00 -8.93
C PHE A 56 -2.79 -1.24 -9.88
N GLN A 57 -2.55 -1.97 -10.98
CA GLN A 57 -3.60 -2.36 -11.90
C GLN A 57 -4.69 -3.20 -11.23
N ASP A 58 -4.36 -4.09 -10.27
CA ASP A 58 -5.36 -4.84 -9.54
C ASP A 58 -6.18 -3.85 -8.71
N LEU A 59 -5.45 -2.98 -7.99
CA LEU A 59 -6.04 -1.92 -7.18
C LEU A 59 -7.10 -1.17 -7.99
N LYS A 60 -6.73 -0.71 -9.18
CA LYS A 60 -7.66 -0.06 -10.10
C LYS A 60 -8.82 -1.00 -10.47
N ASN A 61 -8.51 -2.21 -10.94
CA ASN A 61 -9.51 -3.16 -11.40
C ASN A 61 -10.51 -3.53 -10.30
N GLN A 62 -10.12 -3.44 -9.04
CA GLN A 62 -11.05 -3.55 -7.93
C GLN A 62 -11.78 -2.22 -7.75
N LEU A 63 -11.05 -1.15 -7.42
CA LEU A 63 -11.64 0.12 -7.04
C LEU A 63 -11.87 0.98 -8.28
N LYS A 64 -12.64 0.44 -9.23
CA LYS A 64 -12.91 1.05 -10.53
C LYS A 64 -13.55 2.44 -10.40
N HIS A 65 -14.30 2.64 -9.31
CA HIS A 65 -14.96 3.91 -9.02
C HIS A 65 -13.93 5.00 -8.65
N MET A 66 -12.79 4.62 -8.09
CA MET A 66 -11.84 5.58 -7.53
C MET A 66 -10.85 6.02 -8.61
N SER A 67 -10.64 7.33 -8.75
CA SER A 67 -9.76 7.89 -9.75
C SER A 67 -8.30 7.52 -9.47
N VAL A 68 -7.57 7.17 -10.53
CA VAL A 68 -6.19 6.68 -10.41
C VAL A 68 -5.31 7.71 -9.72
N SER A 69 -5.54 9.00 -9.97
CA SER A 69 -4.86 10.09 -9.30
C SER A 69 -5.05 9.99 -7.78
N SER A 70 -6.29 9.80 -7.34
CA SER A 70 -6.60 9.62 -5.93
C SER A 70 -5.87 8.40 -5.39
N ILE A 71 -5.94 7.27 -6.10
CA ILE A 71 -5.27 6.04 -5.68
C ILE A 71 -3.74 6.23 -5.66
N LYS A 72 -3.17 7.01 -6.58
CA LYS A 72 -1.75 7.32 -6.60
C LYS A 72 -1.38 8.11 -5.34
N GLN A 73 -2.16 9.14 -5.03
CA GLN A 73 -1.98 9.92 -3.80
C GLN A 73 -2.13 9.01 -2.57
N ALA A 74 -3.11 8.10 -2.57
CA ALA A 74 -3.28 7.13 -1.51
C ALA A 74 -2.02 6.28 -1.37
N VAL A 75 -1.54 5.68 -2.47
CA VAL A 75 -0.28 4.94 -2.49
C VAL A 75 0.84 5.78 -1.87
N ASP A 76 1.04 7.00 -2.37
CA ASP A 76 2.08 7.89 -1.86
C ASP A 76 1.95 8.07 -0.35
N PHE A 77 0.76 8.45 0.11
CA PHE A 77 0.49 8.63 1.53
C PHE A 77 0.85 7.36 2.30
N LEU A 78 0.22 6.24 1.96
CA LEU A 78 0.45 4.95 2.61
C LEU A 78 1.94 4.57 2.58
N SER A 79 2.67 4.94 1.53
CA SER A 79 4.10 4.75 1.49
C SER A 79 4.75 5.62 2.57
N ASN A 80 4.51 6.94 2.54
CA ASN A 80 5.13 7.89 3.47
C ASN A 80 4.85 7.52 4.92
N GLU A 81 3.61 7.13 5.23
CA GLU A 81 3.20 6.72 6.57
C GLU A 81 3.80 5.36 6.98
N GLY A 82 4.54 4.69 6.10
CA GLY A 82 5.11 3.40 6.40
C GLY A 82 4.01 2.37 6.60
N HIS A 83 3.02 2.36 5.70
CA HIS A 83 1.91 1.41 5.70
C HIS A 83 2.05 0.44 4.52
N ILE A 84 2.52 0.91 3.36
CA ILE A 84 2.84 0.06 2.22
C ILE A 84 4.26 0.30 1.73
N TYR A 85 4.72 -0.63 0.89
CA TYR A 85 5.95 -0.53 0.13
C TYR A 85 5.79 -1.34 -1.15
N SER A 86 6.68 -1.13 -2.11
CA SER A 86 6.73 -1.86 -3.36
C SER A 86 7.63 -3.10 -3.22
N THR A 87 7.38 -4.14 -4.02
CA THR A 87 8.11 -5.41 -3.95
C THR A 87 8.87 -5.67 -5.25
N VAL A 88 8.32 -6.51 -6.13
CA VAL A 88 9.00 -6.98 -7.32
C VAL A 88 9.22 -5.84 -8.33
N ASP A 89 8.31 -4.86 -8.34
CA ASP A 89 8.47 -3.61 -9.06
C ASP A 89 7.61 -2.56 -8.36
N ASP A 90 7.82 -1.30 -8.72
CA ASP A 90 7.13 -0.13 -8.20
C ASP A 90 5.63 -0.35 -7.99
N ASP A 91 4.96 -1.01 -8.94
CA ASP A 91 3.51 -1.11 -8.97
C ASP A 91 2.99 -2.31 -8.17
N HIS A 92 3.84 -3.26 -7.76
CA HIS A 92 3.43 -4.36 -6.89
C HIS A 92 3.63 -3.91 -5.44
N PHE A 93 2.56 -3.62 -4.70
CA PHE A 93 2.67 -3.18 -3.31
C PHE A 93 2.30 -4.29 -2.32
N LYS A 94 2.93 -4.25 -1.14
CA LYS A 94 2.60 -5.05 0.02
C LYS A 94 2.66 -4.14 1.23
N SER A 95 2.03 -4.56 2.33
CA SER A 95 1.89 -3.74 3.53
C SER A 95 2.94 -4.09 4.58
N THR A 96 3.26 -3.10 5.41
CA THR A 96 4.05 -3.25 6.62
C THR A 96 3.38 -4.33 7.48
N ASP A 97 2.05 -4.28 7.54
CA ASP A 97 1.25 -5.34 8.11
C ASP A 97 1.19 -6.48 7.09
N ALA A 98 2.29 -7.21 6.97
CA ALA A 98 2.45 -8.31 6.02
C ALA A 98 1.62 -9.51 6.47
N GLU A 99 0.29 -9.40 6.37
CA GLU A 99 -0.66 -10.45 6.71
C GLU A 99 -0.32 -11.75 5.99
N ARG B 1 12.36 3.57 1.24
CA ARG B 1 13.13 2.96 0.14
C ARG B 1 12.65 1.52 -0.11
N ILE B 2 12.99 0.96 -1.28
CA ILE B 2 12.63 -0.41 -1.64
C ILE B 2 13.64 -1.41 -1.07
N GLN B 3 14.90 -1.00 -0.88
CA GLN B 3 15.92 -1.85 -0.29
C GLN B 3 15.53 -2.22 1.14
N ARG B 4 15.22 -3.50 1.36
CA ARG B 4 14.66 -4.00 2.62
C ARG B 4 13.32 -3.32 2.91
N ASN B 5 12.53 -3.13 1.85
CA ASN B 5 11.21 -2.50 1.82
C ASN B 5 10.40 -2.54 3.12
N LYS B 6 10.03 -3.71 3.64
CA LYS B 6 9.21 -3.77 4.84
C LYS B 6 9.92 -3.19 6.07
N ALA B 7 11.25 -3.37 6.16
CA ALA B 7 12.01 -2.75 7.24
C ALA B 7 12.02 -1.24 7.04
N ALA B 8 12.21 -0.79 5.80
CA ALA B 8 12.12 0.64 5.49
C ALA B 8 10.74 1.19 5.88
N ALA B 9 9.68 0.43 5.63
CA ALA B 9 8.32 0.81 5.98
C ALA B 9 8.13 0.85 7.50
N LEU B 10 8.61 -0.16 8.23
CA LEU B 10 8.60 -0.14 9.69
C LEU B 10 9.37 1.09 10.21
N LEU B 11 10.52 1.40 9.61
CA LEU B 11 11.30 2.58 9.96
C LEU B 11 10.46 3.84 9.73
N ARG B 12 9.90 4.01 8.53
CA ARG B 12 9.00 5.11 8.19
C ARG B 12 7.91 5.23 9.25
N LEU B 13 7.21 4.15 9.57
CA LEU B 13 6.14 4.11 10.55
C LEU B 13 6.66 4.59 11.91
N ALA B 14 7.74 3.99 12.40
CA ALA B 14 8.33 4.33 13.69
C ALA B 14 8.71 5.81 13.75
N ALA B 15 9.33 6.32 12.69
CA ALA B 15 9.75 7.70 12.59
C ALA B 15 8.54 8.65 12.53
N ARG B 16 7.53 8.28 11.74
CA ARG B 16 6.34 9.09 11.47
C ARG B 16 5.11 8.37 12.00
N ALA A 31 -14.39 0.83 10.04
CA ALA A 31 -14.74 1.91 10.96
C ALA A 31 -13.92 3.21 10.74
N ASN A 32 -13.43 3.42 9.53
CA ASN A 32 -12.50 4.49 9.18
C ASN A 32 -11.33 4.54 10.16
N GLY A 33 -10.64 3.41 10.35
CA GLY A 33 -9.36 3.37 11.06
C GLY A 33 -8.41 4.38 10.42
N LEU A 34 -8.38 4.37 9.09
CA LEU A 34 -7.75 5.34 8.21
C LEU A 34 -8.89 5.92 7.36
N THR A 35 -8.63 6.99 6.62
CA THR A 35 -9.61 7.59 5.72
C THR A 35 -10.16 6.55 4.74
N VAL A 36 -11.49 6.38 4.69
CA VAL A 36 -12.24 5.34 3.98
C VAL A 36 -11.50 4.78 2.76
N ALA A 37 -11.28 5.60 1.74
CA ALA A 37 -10.71 5.15 0.48
C ALA A 37 -9.29 4.61 0.66
N GLN A 38 -8.46 5.28 1.45
CA GLN A 38 -7.09 4.84 1.67
C GLN A 38 -7.09 3.57 2.52
N ASN A 39 -7.98 3.52 3.52
CA ASN A 39 -8.24 2.33 4.32
C ASN A 39 -8.55 1.15 3.40
N GLN A 40 -9.51 1.34 2.50
CA GLN A 40 -9.87 0.38 1.45
C GLN A 40 -8.65 -0.03 0.63
N VAL A 41 -7.89 0.91 0.05
CA VAL A 41 -6.71 0.55 -0.74
C VAL A 41 -5.79 -0.36 0.09
N LEU A 42 -5.45 0.10 1.30
CA LEU A 42 -4.64 -0.67 2.24
C LEU A 42 -5.23 -2.07 2.44
N ASN A 43 -6.55 -2.15 2.67
CA ASN A 43 -7.26 -3.40 2.90
C ASN A 43 -7.13 -4.33 1.71
N LEU A 44 -7.35 -3.83 0.50
CA LEU A 44 -7.16 -4.61 -0.70
C LEU A 44 -5.72 -5.12 -0.78
N ILE A 45 -4.73 -4.22 -0.62
CA ILE A 45 -3.33 -4.62 -0.67
C ILE A 45 -3.04 -5.71 0.36
N LYS A 46 -3.31 -5.44 1.65
CA LYS A 46 -2.99 -6.34 2.74
C LYS A 46 -3.68 -7.70 2.57
N ALA A 47 -4.88 -7.72 1.98
CA ALA A 47 -5.59 -8.97 1.71
C ALA A 47 -4.86 -9.85 0.69
N CYS A 48 -4.07 -9.27 -0.22
CA CYS A 48 -3.52 -10.01 -1.35
C CYS A 48 -2.49 -11.06 -0.93
N PRO A 49 -2.73 -12.36 -1.19
CA PRO A 49 -1.81 -13.42 -0.81
C PRO A 49 -0.69 -13.61 -1.84
N ARG A 50 -0.88 -13.16 -3.08
CA ARG A 50 0.03 -13.47 -4.17
C ARG A 50 1.46 -13.02 -3.85
N PRO A 51 2.48 -13.90 -3.95
CA PRO A 51 3.88 -13.57 -3.71
C PRO A 51 4.33 -12.25 -4.33
N GLU A 52 3.93 -11.97 -5.57
CA GLU A 52 4.31 -10.75 -6.27
C GLU A 52 3.83 -9.50 -5.53
N GLY A 53 2.73 -9.58 -4.79
CA GLY A 53 2.04 -8.43 -4.22
C GLY A 53 0.97 -7.93 -5.18
N LEU A 54 0.14 -6.99 -4.70
CA LEU A 54 -1.05 -6.58 -5.42
C LEU A 54 -0.68 -5.45 -6.37
N ASN A 55 -0.97 -5.66 -7.65
CA ASN A 55 -0.67 -4.67 -8.67
C ASN A 55 -1.62 -3.48 -8.52
N PHE A 56 -1.10 -2.30 -8.82
CA PHE A 56 -1.84 -1.05 -8.93
C PHE A 56 -3.02 -1.26 -9.89
N GLN A 57 -2.74 -1.93 -11.00
CA GLN A 57 -3.73 -2.27 -12.01
C GLN A 57 -4.86 -3.09 -11.38
N ASP A 58 -4.52 -4.15 -10.64
CA ASP A 58 -5.49 -4.97 -9.94
C ASP A 58 -6.29 -4.10 -8.98
N LEU A 59 -5.60 -3.23 -8.24
CA LEU A 59 -6.22 -2.31 -7.30
C LEU A 59 -7.31 -1.52 -8.02
N LYS A 60 -6.93 -0.78 -9.08
CA LYS A 60 -7.86 0.11 -9.77
C LYS A 60 -8.98 -0.70 -10.43
N ASN A 61 -8.67 -1.88 -11.00
CA ASN A 61 -9.67 -2.75 -11.59
C ASN A 61 -10.71 -3.16 -10.55
N GLN A 62 -10.28 -3.50 -9.32
CA GLN A 62 -11.23 -3.80 -8.26
C GLN A 62 -11.98 -2.53 -7.87
N LEU A 63 -11.27 -1.52 -7.38
CA LEU A 63 -11.88 -0.32 -6.85
C LEU A 63 -12.08 0.68 -7.99
N LYS A 64 -12.94 0.32 -8.95
CA LYS A 64 -13.27 1.14 -10.11
C LYS A 64 -13.66 2.58 -9.75
N HIS A 65 -14.25 2.80 -8.57
CA HIS A 65 -14.64 4.14 -8.14
C HIS A 65 -13.44 5.04 -7.87
N MET A 66 -12.26 4.45 -7.57
CA MET A 66 -11.03 5.18 -7.35
C MET A 66 -10.27 5.32 -8.68
N SER A 67 -9.88 6.55 -9.03
CA SER A 67 -9.12 6.81 -10.24
C SER A 67 -7.64 6.54 -9.99
N VAL A 68 -6.83 6.52 -11.05
CA VAL A 68 -5.38 6.35 -10.92
C VAL A 68 -4.81 7.43 -9.99
N SER A 69 -5.30 8.66 -10.11
CA SER A 69 -4.96 9.76 -9.21
C SER A 69 -5.29 9.40 -7.76
N SER A 70 -6.50 8.90 -7.52
CA SER A 70 -6.94 8.46 -6.20
C SER A 70 -5.98 7.41 -5.65
N ILE A 71 -5.72 6.36 -6.43
CA ILE A 71 -4.84 5.28 -6.01
C ILE A 71 -3.40 5.77 -5.84
N LYS A 72 -2.92 6.70 -6.67
CA LYS A 72 -1.60 7.32 -6.46
C LYS A 72 -1.55 8.01 -5.10
N GLN A 73 -2.54 8.85 -4.80
CA GLN A 73 -2.61 9.52 -3.51
C GLN A 73 -2.65 8.49 -2.38
N ALA A 74 -3.49 7.46 -2.51
CA ALA A 74 -3.55 6.38 -1.52
C ALA A 74 -2.19 5.72 -1.32
N VAL A 75 -1.59 5.21 -2.41
CA VAL A 75 -0.28 4.58 -2.42
C VAL A 75 0.72 5.49 -1.71
N ASP A 76 0.84 6.74 -2.17
CA ASP A 76 1.75 7.72 -1.58
C ASP A 76 1.50 7.85 -0.08
N PHE A 77 0.26 8.16 0.32
CA PHE A 77 -0.09 8.32 1.72
C PHE A 77 0.31 7.10 2.52
N LEU A 78 -0.20 5.93 2.15
CA LEU A 78 0.06 4.69 2.86
C LEU A 78 1.55 4.41 2.94
N SER A 79 2.30 4.67 1.86
CA SER A 79 3.74 4.54 1.87
C SER A 79 4.36 5.48 2.91
N ASN A 80 3.98 6.77 2.89
CA ASN A 80 4.46 7.76 3.87
C ASN A 80 4.10 7.33 5.30
N GLU A 81 2.92 6.75 5.50
CA GLU A 81 2.54 6.23 6.79
C GLU A 81 3.32 4.96 7.16
N GLY A 82 3.97 4.31 6.20
CA GLY A 82 4.69 3.07 6.40
C GLY A 82 3.72 1.90 6.55
N HIS A 83 2.59 1.96 5.84
CA HIS A 83 1.55 0.93 5.86
C HIS A 83 1.70 -0.04 4.68
N ILE A 84 2.32 0.40 3.58
CA ILE A 84 2.62 -0.43 2.42
C ILE A 84 4.08 -0.23 2.01
N TYR A 85 4.59 -1.21 1.25
CA TYR A 85 5.86 -1.16 0.55
C TYR A 85 5.62 -1.73 -0.84
N SER A 86 6.48 -1.36 -1.78
CA SER A 86 6.49 -1.93 -3.12
C SER A 86 7.38 -3.18 -3.08
N THR A 87 7.00 -4.21 -3.83
CA THR A 87 7.62 -5.53 -3.73
C THR A 87 8.58 -5.79 -4.89
N VAL A 88 8.05 -6.35 -5.99
CA VAL A 88 8.84 -6.75 -7.14
C VAL A 88 9.19 -5.54 -8.00
N ASP A 89 8.30 -4.53 -8.01
CA ASP A 89 8.47 -3.26 -8.70
C ASP A 89 7.39 -2.33 -8.16
N ASP A 90 7.49 -1.03 -8.46
CA ASP A 90 6.59 -0.03 -7.89
C ASP A 90 5.16 -0.08 -8.42
N ASP A 91 4.78 -1.10 -9.20
CA ASP A 91 3.38 -1.34 -9.54
C ASP A 91 2.79 -2.30 -8.52
N HIS A 92 3.59 -3.17 -7.90
CA HIS A 92 3.13 -4.21 -7.00
C HIS A 92 3.41 -3.79 -5.55
N PHE A 93 2.38 -3.81 -4.69
CA PHE A 93 2.52 -3.45 -3.27
C PHE A 93 2.08 -4.58 -2.35
N LYS A 94 2.63 -4.59 -1.13
CA LYS A 94 2.19 -5.42 -0.02
C LYS A 94 2.26 -4.56 1.25
N SER A 95 1.59 -5.01 2.31
CA SER A 95 1.38 -4.22 3.51
C SER A 95 2.32 -4.57 4.65
N THR A 96 2.62 -3.57 5.48
CA THR A 96 3.31 -3.68 6.74
C THR A 96 2.39 -4.35 7.76
N ASP A 97 1.11 -3.96 7.79
CA ASP A 97 0.13 -4.33 8.79
C ASP A 97 -1.25 -3.87 8.31
N ALA A 98 -2.30 -4.56 8.74
CA ALA A 98 -3.69 -4.26 8.40
C ALA A 98 -4.04 -2.77 8.53
N GLU A 99 -3.49 -2.08 9.54
CA GLU A 99 -3.56 -0.63 9.67
C GLU A 99 -2.13 -0.08 9.75
N ARG B 1 17.58 -2.10 -2.52
CA ARG B 1 16.93 -1.39 -1.39
C ARG B 1 15.49 -1.86 -1.18
N ILE B 2 14.73 -2.01 -2.27
CA ILE B 2 13.33 -2.43 -2.23
C ILE B 2 13.14 -3.70 -1.40
N GLN B 3 14.13 -4.60 -1.45
CA GLN B 3 14.21 -5.85 -0.68
C GLN B 3 13.85 -5.65 0.79
N ARG B 4 14.18 -4.51 1.38
CA ARG B 4 13.81 -4.18 2.76
C ARG B 4 12.31 -4.38 3.01
N ASN B 5 11.47 -4.00 2.04
CA ASN B 5 10.01 -4.11 2.09
C ASN B 5 9.42 -3.58 3.40
N LYS B 6 8.94 -4.47 4.29
CA LYS B 6 8.38 -4.07 5.56
C LYS B 6 9.40 -3.25 6.35
N ALA B 7 10.70 -3.57 6.23
CA ALA B 7 11.73 -2.73 6.82
C ALA B 7 11.76 -1.34 6.18
N ALA B 8 11.55 -1.21 4.85
CA ALA B 8 11.52 0.11 4.24
C ALA B 8 10.34 0.90 4.81
N ALA B 9 9.16 0.25 4.83
CA ALA B 9 7.96 0.85 5.36
C ALA B 9 8.16 1.28 6.82
N LEU B 10 8.72 0.41 7.67
CA LEU B 10 9.01 0.74 9.06
C LEU B 10 9.99 1.91 9.15
N LEU B 11 11.06 1.90 8.35
CA LEU B 11 11.97 3.05 8.29
C LEU B 11 11.19 4.33 7.99
N ARG B 12 10.28 4.30 7.01
CA ARG B 12 9.45 5.47 6.73
C ARG B 12 8.53 5.81 7.91
N LEU B 13 7.92 4.80 8.53
CA LEU B 13 7.05 4.96 9.70
C LEU B 13 7.78 5.72 10.79
N ALA B 14 9.04 5.35 11.06
CA ALA B 14 9.89 6.10 11.97
C ALA B 14 10.18 7.50 11.42
N ALA B 15 10.66 7.57 10.18
CA ALA B 15 11.06 8.81 9.53
C ALA B 15 9.86 9.62 9.05
N ARG B 16 9.03 10.05 9.99
CA ARG B 16 7.95 11.01 9.75
C ARG B 16 8.52 12.33 9.23
N ALA A 31 -9.49 4.27 15.22
CA ALA A 31 -10.51 5.03 14.52
C ALA A 31 -10.15 5.14 13.03
N ASN A 32 -9.82 4.01 12.41
CA ASN A 32 -9.39 3.90 11.01
C ASN A 32 -7.95 4.40 10.80
N GLY A 33 -7.51 5.39 11.58
CA GLY A 33 -6.13 5.86 11.65
C GLY A 33 -5.80 6.75 10.45
N LEU A 34 -5.85 6.16 9.26
CA LEU A 34 -5.66 6.87 8.00
C LEU A 34 -7.03 7.38 7.55
N THR A 35 -7.18 7.74 6.27
CA THR A 35 -8.49 8.01 5.69
C THR A 35 -9.12 6.65 5.33
N VAL A 36 -10.44 6.60 5.14
CA VAL A 36 -11.14 5.34 4.87
C VAL A 36 -10.55 4.67 3.63
N ALA A 37 -10.49 5.40 2.52
CA ALA A 37 -9.98 4.88 1.27
C ALA A 37 -8.54 4.38 1.43
N GLN A 38 -7.65 5.16 2.05
CA GLN A 38 -6.26 4.74 2.20
C GLN A 38 -6.16 3.50 3.11
N ASN A 39 -6.91 3.49 4.22
CA ASN A 39 -7.01 2.32 5.09
C ASN A 39 -7.48 1.10 4.28
N GLN A 40 -8.48 1.27 3.41
CA GLN A 40 -8.96 0.23 2.51
C GLN A 40 -7.87 -0.24 1.54
N VAL A 41 -7.23 0.69 0.80
CA VAL A 41 -6.10 0.37 -0.10
C VAL A 41 -5.06 -0.47 0.65
N LEU A 42 -4.64 0.05 1.80
CA LEU A 42 -3.76 -0.67 2.72
C LEU A 42 -4.30 -2.06 2.96
N ASN A 43 -5.52 -2.19 3.48
CA ASN A 43 -6.14 -3.48 3.79
C ASN A 43 -6.11 -4.44 2.59
N LEU A 44 -6.33 -3.93 1.36
CA LEU A 44 -6.14 -4.73 0.17
C LEU A 44 -4.68 -5.20 0.06
N ILE A 45 -3.72 -4.28 0.01
CA ILE A 45 -2.31 -4.65 -0.15
C ILE A 45 -1.86 -5.63 0.95
N LYS A 46 -2.25 -5.36 2.18
CA LYS A 46 -2.07 -6.12 3.39
C LYS A 46 -2.59 -7.56 3.22
N ALA A 47 -3.62 -7.76 2.39
CA ALA A 47 -4.18 -9.08 2.11
C ALA A 47 -3.48 -9.80 0.94
N CYS A 48 -2.45 -9.20 0.34
CA CYS A 48 -1.76 -9.72 -0.84
C CYS A 48 -1.49 -11.23 -0.78
N PRO A 49 -2.14 -12.06 -1.62
CA PRO A 49 -1.86 -13.49 -1.68
C PRO A 49 -0.57 -13.78 -2.46
N ARG A 50 -0.23 -12.94 -3.45
CA ARG A 50 0.92 -13.18 -4.31
C ARG A 50 2.22 -13.07 -3.50
N PRO A 51 3.14 -14.04 -3.59
CA PRO A 51 4.49 -13.93 -3.04
C PRO A 51 5.16 -12.61 -3.45
N GLU A 52 5.09 -12.27 -4.74
CA GLU A 52 5.70 -11.06 -5.29
C GLU A 52 5.15 -9.82 -4.55
N GLY A 53 3.84 -9.60 -4.67
CA GLY A 53 3.16 -8.44 -4.12
C GLY A 53 1.90 -8.16 -4.92
N LEU A 54 1.03 -7.30 -4.39
CA LEU A 54 -0.24 -6.97 -5.02
C LEU A 54 0.09 -5.85 -5.99
N ASN A 55 -0.27 -6.03 -7.25
CA ASN A 55 0.12 -5.09 -8.28
C ASN A 55 -0.86 -3.93 -8.31
N PHE A 56 -0.36 -2.77 -8.71
CA PHE A 56 -1.12 -1.54 -8.89
C PHE A 56 -2.37 -1.80 -9.75
N GLN A 57 -2.22 -2.52 -10.87
CA GLN A 57 -3.38 -2.85 -11.70
C GLN A 57 -4.37 -3.75 -10.97
N ASP A 58 -3.91 -4.64 -10.09
CA ASP A 58 -4.83 -5.44 -9.27
C ASP A 58 -5.60 -4.48 -8.36
N LEU A 59 -4.85 -3.58 -7.72
CA LEU A 59 -5.40 -2.55 -6.85
C LEU A 59 -6.54 -1.82 -7.58
N LYS A 60 -6.26 -1.30 -8.79
CA LYS A 60 -7.27 -0.66 -9.62
C LYS A 60 -8.45 -1.61 -9.90
N ASN A 61 -8.15 -2.83 -10.35
CA ASN A 61 -9.18 -3.81 -10.72
C ASN A 61 -10.12 -4.09 -9.53
N GLN A 62 -9.60 -4.08 -8.31
CA GLN A 62 -10.44 -4.13 -7.12
C GLN A 62 -11.18 -2.80 -6.97
N LEU A 63 -10.44 -1.72 -6.73
CA LEU A 63 -11.03 -0.44 -6.35
C LEU A 63 -11.36 0.38 -7.59
N LYS A 64 -12.33 -0.11 -8.38
CA LYS A 64 -12.86 0.51 -9.60
C LYS A 64 -13.66 1.77 -9.30
N HIS A 65 -13.00 2.76 -8.69
CA HIS A 65 -13.47 4.10 -8.40
C HIS A 65 -12.28 5.02 -8.10
N MET A 66 -11.16 4.47 -7.58
CA MET A 66 -10.00 5.26 -7.23
C MET A 66 -9.11 5.40 -8.46
N SER A 67 -9.00 6.62 -8.98
CA SER A 67 -8.15 6.94 -10.11
C SER A 67 -6.68 6.55 -9.85
N VAL A 68 -5.91 6.38 -10.92
CA VAL A 68 -4.50 6.03 -10.83
C VAL A 68 -3.78 7.05 -9.93
N SER A 69 -4.09 8.34 -10.10
CA SER A 69 -3.59 9.41 -9.26
C SER A 69 -3.92 9.17 -7.79
N SER A 70 -5.17 8.84 -7.49
CA SER A 70 -5.62 8.53 -6.14
C SER A 70 -4.79 7.39 -5.55
N ILE A 71 -4.70 6.28 -6.28
CA ILE A 71 -3.91 5.13 -5.82
C ILE A 71 -2.43 5.50 -5.71
N LYS A 72 -1.88 6.33 -6.61
CA LYS A 72 -0.49 6.73 -6.54
C LYS A 72 -0.25 7.52 -5.24
N GLN A 73 -1.12 8.49 -4.96
CA GLN A 73 -1.07 9.25 -3.71
C GLN A 73 -1.19 8.31 -2.52
N ALA A 74 -2.16 7.38 -2.54
CA ALA A 74 -2.33 6.39 -1.48
C ALA A 74 -1.02 5.61 -1.27
N VAL A 75 -0.49 5.01 -2.33
CA VAL A 75 0.77 4.28 -2.35
C VAL A 75 1.87 5.13 -1.70
N ASP A 76 2.08 6.35 -2.20
CA ASP A 76 3.09 7.24 -1.67
C ASP A 76 2.88 7.44 -0.16
N PHE A 77 1.68 7.87 0.23
CA PHE A 77 1.35 8.10 1.62
C PHE A 77 1.67 6.87 2.46
N LEU A 78 1.05 5.73 2.15
CA LEU A 78 1.25 4.48 2.87
C LEU A 78 2.74 4.10 2.94
N SER A 79 3.48 4.31 1.85
CA SER A 79 4.92 4.08 1.80
C SER A 79 5.67 5.01 2.76
N ASN A 80 5.25 6.27 2.88
CA ASN A 80 5.86 7.22 3.81
C ASN A 80 5.50 6.87 5.26
N GLU A 81 4.22 6.56 5.51
CA GLU A 81 3.72 6.07 6.79
C GLU A 81 4.45 4.79 7.20
N GLY A 82 4.86 3.98 6.23
CA GLY A 82 5.58 2.74 6.46
C GLY A 82 4.63 1.55 6.60
N HIS A 83 3.45 1.65 5.99
CA HIS A 83 2.48 0.57 6.01
C HIS A 83 2.73 -0.38 4.84
N ILE A 84 3.17 0.12 3.69
CA ILE A 84 3.50 -0.69 2.53
C ILE A 84 4.95 -0.44 2.10
N TYR A 85 5.44 -1.35 1.27
CA TYR A 85 6.72 -1.27 0.59
C TYR A 85 6.58 -2.05 -0.71
N SER A 86 7.59 -1.96 -1.58
CA SER A 86 7.60 -2.64 -2.87
C SER A 86 8.69 -3.71 -2.93
N THR A 87 8.64 -4.54 -3.97
CA THR A 87 9.49 -5.73 -4.08
C THR A 87 10.17 -5.78 -5.44
N VAL A 88 9.53 -6.43 -6.42
CA VAL A 88 10.12 -6.71 -7.72
C VAL A 88 10.16 -5.45 -8.60
N ASP A 89 9.17 -4.55 -8.42
CA ASP A 89 9.08 -3.29 -9.11
C ASP A 89 8.14 -2.40 -8.30
N ASP A 90 8.20 -1.08 -8.49
CA ASP A 90 7.37 -0.14 -7.72
C ASP A 90 5.93 -0.08 -8.22
N ASP A 91 5.40 -1.21 -8.71
CA ASP A 91 4.00 -1.43 -9.02
C ASP A 91 3.49 -2.61 -8.18
N HIS A 92 4.38 -3.50 -7.72
CA HIS A 92 4.07 -4.55 -6.77
C HIS A 92 4.30 -3.98 -5.38
N PHE A 93 3.30 -4.03 -4.50
CA PHE A 93 3.46 -3.65 -3.10
C PHE A 93 3.01 -4.77 -2.18
N LYS A 94 3.59 -4.82 -0.98
CA LYS A 94 3.16 -5.65 0.14
C LYS A 94 3.30 -4.83 1.40
N SER A 95 2.66 -5.28 2.48
CA SER A 95 2.53 -4.51 3.71
C SER A 95 3.55 -4.92 4.75
N THR A 96 3.94 -3.95 5.59
CA THR A 96 4.72 -4.15 6.79
C THR A 96 3.71 -4.55 7.87
N ASP A 97 2.82 -3.61 8.23
CA ASP A 97 1.73 -3.82 9.16
C ASP A 97 0.84 -2.58 9.19
N ALA A 98 -0.42 -2.78 9.59
CA ALA A 98 -1.37 -1.71 9.88
C ALA A 98 -1.22 -1.37 11.36
N GLU A 99 -1.36 -2.36 12.23
CA GLU A 99 -1.08 -2.31 13.66
C GLU A 99 -1.08 -3.72 14.26
N ARG B 1 9.17 1.70 -0.55
CA ARG B 1 10.22 1.52 -1.58
C ARG B 1 10.65 0.05 -1.66
N ILE B 2 11.54 -0.25 -2.62
CA ILE B 2 12.23 -1.53 -2.73
C ILE B 2 13.45 -1.48 -1.79
N GLN B 3 14.14 -0.33 -1.81
CA GLN B 3 15.23 0.07 -0.91
C GLN B 3 15.01 -0.45 0.52
N ARG B 4 15.64 -1.58 0.88
CA ARG B 4 15.57 -2.19 2.20
C ARG B 4 14.11 -2.37 2.66
N ASN B 5 13.21 -2.57 1.70
CA ASN B 5 11.76 -2.55 1.82
C ASN B 5 11.17 -2.74 3.22
N LYS B 6 11.10 -3.96 3.72
CA LYS B 6 10.39 -4.21 4.97
C LYS B 6 11.06 -3.47 6.14
N ALA B 7 12.39 -3.37 6.12
CA ALA B 7 13.12 -2.62 7.12
C ALA B 7 12.82 -1.12 6.98
N ALA B 8 12.81 -0.58 5.76
CA ALA B 8 12.57 0.84 5.55
C ALA B 8 11.17 1.18 6.06
N ALA B 9 10.18 0.42 5.60
CA ALA B 9 8.80 0.58 6.04
C ALA B 9 8.67 0.41 7.55
N LEU B 10 9.30 -0.60 8.15
CA LEU B 10 9.30 -0.77 9.60
C LEU B 10 9.85 0.48 10.30
N LEU B 11 11.02 0.95 9.88
CA LEU B 11 11.63 2.15 10.47
C LEU B 11 10.68 3.34 10.35
N ARG B 12 10.09 3.55 9.17
CA ARG B 12 9.10 4.61 8.96
C ARG B 12 7.89 4.43 9.89
N LEU B 13 7.38 3.21 10.00
CA LEU B 13 6.24 2.88 10.85
C LEU B 13 6.55 3.29 12.28
N ALA B 14 7.67 2.77 12.82
CA ALA B 14 8.12 2.90 14.21
C ALA B 14 7.20 2.12 15.15
N ALA B 15 5.92 2.49 15.16
CA ALA B 15 4.86 1.84 15.92
C ALA B 15 3.52 2.37 15.43
N ARG B 16 2.46 1.56 15.53
CA ARG B 16 1.10 2.00 15.22
C ARG B 16 0.12 1.09 15.96
#